data_5TDT
#
_entry.id   5TDT
#
_cell.length_a   99.898
_cell.length_b   116.253
_cell.length_c   181.607
_cell.angle_alpha   90.00
_cell.angle_beta   90.00
_cell.angle_gamma   90.00
#
_symmetry.space_group_name_H-M   'P 21 21 21'
#
loop_
_entity.id
_entity.type
_entity.pdbx_description
1 polymer 'Toluene-4-monooxygenase system protein A'
2 polymer 'Toluene-4-monooxygenase system protein E'
3 polymer 'Toluene-4-monooxygenase system protein B'
4 polymer 'Toluene-4-monooxygenase system protein D'
5 non-polymer 'PEROXIDE ION'
6 non-polymer TOLUENE
7 non-polymer 'FE (III) ION'
8 water water
#
loop_
_entity_poly.entity_id
_entity_poly.type
_entity_poly.pdbx_seq_one_letter_code
_entity_poly.pdbx_strand_id
1 'polypeptide(L)'
;MAMHPRKDWYELTRATNWTPSYVTEEQLFPERMSGHMGIPLEKWESYDEPYKTSYPEYVSIQREKDAGAYSVKAALERAK
IYENSDPGWISTLKSHYGAIAVGEYAAVTGEGRMARFSKAPGNRNMATFGMMDELRHGQLQLFFPHEYCKKDRQFDWAWR
AYHSNEWAAIAAKHFFDDIITGRDAISVAIMLTFSFETGFTNMQFLGLAADAAEAGDYTFANLISSIQTDESRHAQQGGP
ALQLLIENGKREEAQKKVDMAIWRAWRLFAVLTGPVMDYYTPLEDRSQSFKEFMYEWIIGQFERSLIDLGLDKPWYWDLF
LKDIDELHHSYHMGVWYWRTTAWWNPAAGVTPEERDWLEEKYPGWNKRWGRCWDVITENVLNDRMDLVSPETLPSVCNMS
QIPLVGVPGDDWNIEVFSLEHNGRLYHFGSEVDRWVFQQDPVQYQNHMNIVDRFLAGQIQPMTLEGALKYMGFQSIEEMG
KDAHDFAWADKCK
;
A,D
2 'polypeptide(L)'
;MSFESKKPMRTWSHLAEMRKKPSEYDIVSRKLHYSTNNPDSPWELSPDSPMNLWYKQYRNASPLKHDNWDAFTDPDQLVY
RTYNLMQDGQESYVQSLFDQFNEREHDQMVREGWEHTMARCYSPLRYLFHCLQMSSAYVQQMAPASTISNCCILQTADSL
RWLTHTAYRTHELSLTYPDAGLGEHERELWEKEPGWQGLRELMEKQLTAFDWGEAFVSLNLVVKPMIVESIFKPLQQQAW
ENNDTLLPLLIDSQLKDAERHSRWSKALVKHALENPDNHAVIEGWIEKWRPLADRAAEAYLSMLSSD
;
B,F
3 'polypeptide(L)'
;MSAFPVHAAFEKDFLVQLVVVDLNDSMDQVAEKVAYHCVNRRVAPREGVMRVRKHRSTELFPRDMTIAESGLNPTEVIDV
VFEE
;
C,G
4 'polypeptide(L)'
;MSTLADQALHNNNVGPIIRAGDLVEPVIETAEIDNPGKEITVEDRRAYVRIAAEGELILTRKTLEEQLGRPFNMQELEIN
LASFAGQIQADEDQIRFYFDKTM
;
E,H
#
# COMPACT_ATOMS: atom_id res chain seq x y z
N ALA A 2 -22.65 -6.48 -21.48
CA ALA A 2 -21.66 -7.50 -21.20
C ALA A 2 -20.34 -7.14 -21.89
N MET A 3 -19.26 -7.79 -21.46
CA MET A 3 -17.92 -7.60 -22.00
C MET A 3 -17.46 -8.86 -22.74
N HIS A 4 -16.69 -8.66 -23.83
CA HIS A 4 -16.18 -9.82 -24.54
C HIS A 4 -14.75 -10.12 -24.13
N PRO A 5 -14.43 -11.39 -23.88
CA PRO A 5 -13.13 -11.73 -23.27
C PRO A 5 -11.98 -11.52 -24.23
N ARG A 6 -10.77 -11.37 -23.66
CA ARG A 6 -9.60 -10.96 -24.41
C ARG A 6 -9.29 -11.89 -25.57
N LYS A 7 -9.49 -13.21 -25.39
CA LYS A 7 -9.14 -14.17 -26.43
C LYS A 7 -9.87 -13.89 -27.75
N ASP A 8 -11.07 -13.29 -27.67
CA ASP A 8 -11.91 -13.09 -28.84
C ASP A 8 -11.53 -11.85 -29.67
N TRP A 9 -10.82 -10.88 -29.09
CA TRP A 9 -10.41 -9.70 -29.84
C TRP A 9 -8.91 -9.48 -29.83
N TYR A 10 -8.14 -10.31 -29.10
CA TYR A 10 -6.69 -10.06 -29.00
C TYR A 10 -6.02 -10.07 -30.36
N GLU A 11 -6.42 -10.96 -31.27
CA GLU A 11 -5.72 -11.04 -32.55
C GLU A 11 -5.82 -9.75 -33.35
N LEU A 12 -6.93 -9.02 -33.21
CA LEU A 12 -7.04 -7.75 -33.93
C LEU A 12 -6.09 -6.69 -33.38
N THR A 13 -5.69 -6.78 -32.10
CA THR A 13 -4.76 -5.78 -31.57
C THR A 13 -3.40 -5.89 -32.23
N ARG A 14 -3.03 -7.08 -32.73
CA ARG A 14 -1.73 -7.26 -33.36
C ARG A 14 -1.84 -7.57 -34.85
N ALA A 15 -3.00 -7.32 -35.46
CA ALA A 15 -3.15 -7.38 -36.92
C ALA A 15 -2.79 -6.01 -37.51
N THR A 16 -1.50 -5.70 -37.46
CA THR A 16 -1.00 -4.37 -37.81
C THR A 16 0.09 -4.36 -38.87
N ASN A 17 0.59 -5.51 -39.33
CA ASN A 17 1.53 -5.52 -40.44
C ASN A 17 0.82 -5.20 -41.75
N TRP A 18 1.48 -4.46 -42.63
CA TRP A 18 0.94 -4.23 -43.97
C TRP A 18 2.10 -4.19 -44.96
N THR A 19 1.74 -4.28 -46.24
CA THR A 19 2.73 -4.21 -47.32
C THR A 19 2.96 -2.76 -47.74
N PRO A 20 4.12 -2.17 -47.46
CA PRO A 20 4.37 -0.79 -47.87
C PRO A 20 4.36 -0.66 -49.39
N SER A 21 3.93 0.51 -49.87
CA SER A 21 3.84 0.78 -51.31
C SER A 21 4.53 2.07 -51.71
N TYR A 22 4.56 3.06 -50.82
CA TYR A 22 5.10 4.37 -51.12
C TYR A 22 6.53 4.54 -50.62
N VAL A 23 6.97 3.66 -49.74
CA VAL A 23 8.37 3.40 -49.45
C VAL A 23 8.54 1.90 -49.54
N THR A 24 9.79 1.44 -49.64
CA THR A 24 10.03 0.01 -49.66
C THR A 24 10.00 -0.58 -48.24
N GLU A 25 9.85 -1.90 -48.17
CA GLU A 25 9.89 -2.59 -46.89
C GLU A 25 11.21 -2.34 -46.17
N GLU A 26 12.32 -2.33 -46.90
CA GLU A 26 13.63 -2.09 -46.29
C GLU A 26 13.80 -0.65 -45.86
N GLN A 27 13.15 0.31 -46.56
CA GLN A 27 13.17 1.69 -46.08
C GLN A 27 12.41 1.82 -44.77
N LEU A 28 11.27 1.13 -44.67
CA LEU A 28 10.45 1.22 -43.46
C LEU A 28 11.10 0.48 -42.30
N PHE A 29 11.79 -0.64 -42.59
CA PHE A 29 12.43 -1.48 -41.59
C PHE A 29 13.91 -1.68 -41.95
N PRO A 30 14.73 -0.62 -41.87
CA PRO A 30 16.15 -0.76 -42.23
C PRO A 30 16.87 -1.76 -41.34
N GLU A 31 17.69 -2.60 -41.97
CA GLU A 31 18.38 -3.68 -41.25
C GLU A 31 19.17 -3.16 -40.07
N ARG A 32 19.83 -1.99 -40.20
CA ARG A 32 20.68 -1.53 -39.12
C ARG A 32 19.87 -1.21 -37.87
N MET A 33 18.59 -0.85 -38.03
CA MET A 33 17.73 -0.55 -36.90
C MET A 33 16.80 -1.69 -36.52
N SER A 34 16.47 -2.54 -37.47
CA SER A 34 15.49 -3.61 -37.29
C SER A 34 16.12 -4.99 -37.10
N GLY A 35 17.19 -5.31 -37.83
CA GLY A 35 17.88 -6.57 -37.61
C GLY A 35 17.08 -7.79 -37.99
N HIS A 36 16.21 -7.69 -38.99
CA HIS A 36 15.40 -8.81 -39.46
C HIS A 36 16.22 -9.87 -40.18
N MET A 37 17.49 -9.60 -40.51
CA MET A 37 18.39 -10.55 -41.18
C MET A 37 17.82 -11.06 -42.49
N GLY A 38 17.09 -10.22 -43.21
CA GLY A 38 16.50 -10.59 -44.47
C GLY A 38 15.27 -11.46 -44.38
N ILE A 39 14.76 -11.70 -43.18
CA ILE A 39 13.56 -12.53 -43.03
C ILE A 39 12.34 -11.71 -43.45
N PRO A 40 11.53 -12.21 -44.39
CA PRO A 40 10.44 -11.39 -44.95
C PRO A 40 9.33 -11.10 -43.94
N LEU A 41 8.70 -9.93 -44.14
CA LEU A 41 7.60 -9.45 -43.30
C LEU A 41 6.64 -10.56 -42.89
N GLU A 42 6.21 -11.39 -43.85
CA GLU A 42 5.15 -12.36 -43.57
C GLU A 42 5.59 -13.38 -42.54
N LYS A 43 6.87 -13.77 -42.54
CA LYS A 43 7.34 -14.74 -41.56
C LYS A 43 7.20 -14.23 -40.12
N TRP A 44 7.30 -12.91 -39.92
CA TRP A 44 7.28 -12.36 -38.57
C TRP A 44 5.88 -12.37 -37.95
N GLU A 45 4.83 -12.55 -38.76
CA GLU A 45 3.48 -12.60 -38.24
C GLU A 45 3.18 -13.85 -37.41
N SER A 46 4.07 -14.83 -37.38
CA SER A 46 3.85 -16.00 -36.53
C SER A 46 4.35 -15.78 -35.10
N TYR A 47 4.99 -14.65 -34.82
CA TYR A 47 5.45 -14.30 -33.46
C TYR A 47 4.27 -14.30 -32.49
N ASP A 48 4.35 -15.08 -31.41
CA ASP A 48 3.27 -15.16 -30.43
C ASP A 48 3.81 -14.99 -29.02
N GLU A 49 3.70 -13.79 -28.49
CA GLU A 49 4.16 -13.49 -27.13
C GLU A 49 3.41 -14.36 -26.11
N PRO A 50 4.11 -15.14 -25.27
CA PRO A 50 3.40 -16.03 -24.34
C PRO A 50 2.91 -15.35 -23.07
N TYR A 51 3.34 -14.13 -22.79
CA TYR A 51 2.94 -13.43 -21.57
C TYR A 51 2.22 -12.18 -22.04
N LYS A 52 0.90 -12.30 -22.29
CA LYS A 52 0.14 -11.22 -22.89
C LYS A 52 -0.38 -10.23 -21.85
N THR A 53 -0.67 -9.02 -22.33
CA THR A 53 -1.45 -8.03 -21.60
C THR A 53 -2.12 -7.13 -22.63
N SER A 54 -2.97 -6.23 -22.14
CA SER A 54 -3.67 -5.30 -23.02
C SER A 54 -3.93 -4.03 -22.24
N TYR A 55 -4.17 -2.95 -22.98
CA TYR A 55 -4.16 -1.62 -22.36
C TYR A 55 -5.03 -1.48 -21.12
N PRO A 56 -6.33 -1.83 -21.13
CA PRO A 56 -7.13 -1.62 -19.92
C PRO A 56 -6.57 -2.36 -18.71
N GLU A 57 -6.20 -3.63 -18.88
CA GLU A 57 -5.71 -4.35 -17.72
C GLU A 57 -4.30 -3.92 -17.35
N TYR A 58 -3.48 -3.51 -18.32
CA TYR A 58 -2.17 -2.96 -17.98
C TYR A 58 -2.29 -1.79 -17.01
N VAL A 59 -3.09 -0.77 -17.37
CA VAL A 59 -3.07 0.44 -16.53
C VAL A 59 -3.70 0.13 -15.17
N SER A 60 -4.72 -0.72 -15.13
CA SER A 60 -5.37 -1.09 -13.87
C SER A 60 -4.40 -1.81 -12.94
N ILE A 61 -3.68 -2.81 -13.46
CA ILE A 61 -2.83 -3.63 -12.60
C ILE A 61 -1.57 -2.87 -12.18
N GLN A 62 -1.01 -2.06 -13.09
CA GLN A 62 0.18 -1.30 -12.75
C GLN A 62 -0.13 -0.22 -11.74
N ARG A 63 -1.34 0.34 -11.79
CA ARG A 63 -1.77 1.25 -10.74
C ARG A 63 -1.71 0.58 -9.38
N GLU A 64 -2.15 -0.68 -9.32
CA GLU A 64 -2.14 -1.41 -8.06
C GLU A 64 -0.70 -1.74 -7.61
N LYS A 65 0.18 -2.13 -8.55
CA LYS A 65 1.56 -2.42 -8.18
C LYS A 65 2.23 -1.22 -7.52
N ASP A 66 2.05 -0.02 -8.10
CA ASP A 66 2.71 1.16 -7.56
C ASP A 66 2.10 1.58 -6.24
N ALA A 67 0.77 1.47 -6.11
CA ALA A 67 0.12 1.83 -4.86
C ALA A 67 0.73 1.07 -3.69
N GLY A 68 0.96 -0.23 -3.85
CA GLY A 68 1.61 -0.99 -2.80
C GLY A 68 3.05 -0.56 -2.56
N ALA A 69 3.82 -0.34 -3.63
CA ALA A 69 5.24 0.01 -3.48
C ALA A 69 5.41 1.33 -2.73
N TYR A 70 4.62 2.34 -3.09
CA TYR A 70 4.74 3.63 -2.42
C TYR A 70 4.17 3.60 -1.01
N SER A 71 3.07 2.88 -0.78
CA SER A 71 2.51 2.91 0.57
C SER A 71 3.41 2.15 1.57
N VAL A 72 4.11 1.12 1.11
CA VAL A 72 5.07 0.42 1.98
C VAL A 72 6.23 1.35 2.34
N LYS A 73 6.81 2.03 1.34
CA LYS A 73 7.83 3.03 1.59
C LYS A 73 7.35 4.06 2.63
N ALA A 74 6.15 4.60 2.43
CA ALA A 74 5.67 5.65 3.33
C ALA A 74 5.51 5.13 4.76
N ALA A 75 5.05 3.89 4.91
CA ALA A 75 4.79 3.40 6.26
C ALA A 75 6.07 3.05 7.02
N LEU A 76 7.19 2.87 6.32
CA LEU A 76 8.44 2.47 6.97
C LEU A 76 9.47 3.58 7.02
N GLU A 77 9.09 4.83 6.75
CA GLU A 77 10.08 5.90 6.78
C GLU A 77 10.79 6.01 8.14
N ARG A 78 10.10 5.69 9.24
CA ARG A 78 10.69 5.85 10.57
C ARG A 78 11.25 4.53 11.12
N ALA A 79 11.47 3.53 10.27
CA ALA A 79 12.04 2.26 10.71
C ALA A 79 13.53 2.35 10.98
N LYS A 80 14.14 3.52 10.77
CA LYS A 80 15.55 3.78 11.06
C LYS A 80 16.47 2.83 10.30
N ILE A 81 16.13 2.54 9.05
CA ILE A 81 17.02 1.75 8.20
C ILE A 81 18.35 2.49 8.01
N TYR A 82 18.30 3.79 7.72
CA TYR A 82 19.55 4.49 7.43
C TYR A 82 20.43 4.59 8.68
N GLU A 83 19.84 4.90 9.83
CA GLU A 83 20.67 5.10 11.02
C GLU A 83 21.09 3.79 11.65
N ASN A 84 20.26 2.75 11.56
CA ASN A 84 20.52 1.53 12.31
C ASN A 84 21.15 0.41 11.50
N SER A 85 21.04 0.45 10.18
CA SER A 85 21.57 -0.66 9.38
C SER A 85 23.08 -0.73 9.46
N ASP A 86 23.59 -1.94 9.24
CA ASP A 86 25.02 -2.08 9.05
C ASP A 86 25.44 -1.17 7.90
N PRO A 87 26.56 -0.46 8.05
CA PRO A 87 27.07 0.39 6.95
C PRO A 87 27.28 -0.35 5.65
N GLY A 88 27.65 -1.64 5.70
CA GLY A 88 27.76 -2.41 4.47
C GLY A 88 26.44 -2.55 3.74
N TRP A 89 25.33 -2.58 4.49
CA TRP A 89 24.01 -2.62 3.84
C TRP A 89 23.69 -1.29 3.17
N ILE A 90 24.02 -0.17 3.82
CA ILE A 90 23.80 1.14 3.21
C ILE A 90 24.62 1.26 1.93
N SER A 91 25.85 0.75 1.93
CA SER A 91 26.65 0.80 0.71
C SER A 91 26.02 0.01 -0.42
N THR A 92 25.43 -1.14 -0.09
CA THR A 92 24.72 -1.95 -1.07
C THR A 92 23.58 -1.16 -1.72
N LEU A 93 22.82 -0.41 -0.91
CA LEU A 93 21.79 0.46 -1.47
C LEU A 93 22.41 1.52 -2.39
N LYS A 94 23.51 2.16 -1.96
CA LYS A 94 24.13 3.21 -2.78
C LYS A 94 24.64 2.63 -4.10
N SER A 95 25.29 1.47 -4.02
CA SER A 95 25.77 0.76 -5.20
C SER A 95 24.61 0.43 -6.14
N HIS A 96 23.55 -0.15 -5.59
CA HIS A 96 22.43 -0.60 -6.44
C HIS A 96 21.82 0.58 -7.19
N TYR A 97 21.41 1.62 -6.47
CA TYR A 97 20.66 2.71 -7.11
C TYR A 97 21.52 3.43 -8.14
N GLY A 98 22.80 3.66 -7.83
CA GLY A 98 23.67 4.32 -8.79
C GLY A 98 23.89 3.50 -10.06
N ALA A 99 24.08 2.19 -9.91
CA ALA A 99 24.34 1.34 -11.06
C ALA A 99 23.10 1.05 -11.91
N ILE A 100 21.90 1.21 -11.36
CA ILE A 100 20.69 0.66 -11.98
C ILE A 100 19.72 1.75 -12.46
N ALA A 101 19.53 2.82 -11.68
CA ALA A 101 18.35 3.67 -11.88
C ALA A 101 18.31 4.30 -13.28
N VAL A 102 19.40 4.94 -13.70
CA VAL A 102 19.37 5.59 -15.00
C VAL A 102 19.59 4.58 -16.13
N GLY A 103 20.15 3.41 -15.83
CA GLY A 103 20.20 2.33 -16.81
C GLY A 103 18.84 1.75 -17.10
N GLU A 104 17.97 1.69 -16.09
CA GLU A 104 16.57 1.34 -16.33
C GLU A 104 15.92 2.33 -17.29
N TYR A 105 16.16 3.62 -17.07
CA TYR A 105 15.58 4.60 -17.99
C TYR A 105 16.13 4.39 -19.40
N ALA A 106 17.41 4.02 -19.52
CA ALA A 106 17.96 3.72 -20.84
C ALA A 106 17.25 2.52 -21.49
N ALA A 107 16.78 1.57 -20.70
CA ALA A 107 16.07 0.42 -21.25
C ALA A 107 14.79 0.83 -21.96
N VAL A 108 14.19 1.98 -21.62
CA VAL A 108 13.06 2.47 -22.39
C VAL A 108 13.43 2.53 -23.88
N THR A 109 14.65 2.98 -24.18
CA THR A 109 15.08 3.12 -25.57
C THR A 109 15.26 1.76 -26.25
N GLY A 110 15.79 0.76 -25.53
CA GLY A 110 15.81 -0.60 -26.08
C GLY A 110 14.41 -1.09 -26.46
N GLU A 111 13.45 -0.86 -25.57
CA GLU A 111 12.07 -1.23 -25.88
C GLU A 111 11.49 -0.37 -27.01
N GLY A 112 11.79 0.94 -27.00
CA GLY A 112 11.33 1.79 -28.09
C GLY A 112 11.91 1.37 -29.43
N ARG A 113 13.16 0.89 -29.43
CA ARG A 113 13.76 0.39 -30.67
C ARG A 113 12.92 -0.73 -31.26
N MET A 114 12.43 -1.64 -30.42
CA MET A 114 11.60 -2.73 -30.90
C MET A 114 10.22 -2.23 -31.28
N ALA A 115 9.64 -1.33 -30.49
CA ALA A 115 8.29 -0.85 -30.78
C ALA A 115 8.20 -0.23 -32.17
N ARG A 116 9.27 0.42 -32.62
CA ARG A 116 9.26 1.03 -33.95
C ARG A 116 9.77 0.09 -35.03
N PHE A 117 10.83 -0.67 -34.76
CA PHE A 117 11.57 -1.32 -35.82
C PHE A 117 11.44 -2.83 -35.87
N SER A 118 10.77 -3.48 -34.92
CA SER A 118 10.57 -4.91 -35.07
C SER A 118 9.53 -5.18 -36.15
N LYS A 119 9.78 -6.20 -36.99
CA LYS A 119 8.79 -6.60 -37.98
C LYS A 119 7.67 -7.46 -37.40
N ALA A 120 7.75 -7.85 -36.13
CA ALA A 120 6.73 -8.72 -35.54
C ALA A 120 5.68 -7.87 -34.82
N PRO A 121 4.42 -7.92 -35.24
CA PRO A 121 3.43 -7.00 -34.63
C PRO A 121 3.24 -7.21 -33.14
N GLY A 122 3.23 -8.47 -32.68
CA GLY A 122 3.11 -8.71 -31.25
C GLY A 122 4.27 -8.15 -30.45
N ASN A 123 5.48 -8.24 -31.01
CA ASN A 123 6.67 -7.62 -30.42
C ASN A 123 6.50 -6.11 -30.28
N ARG A 124 5.97 -5.46 -31.31
CA ARG A 124 5.81 -4.00 -31.26
C ARG A 124 4.85 -3.59 -30.15
N ASN A 125 3.76 -4.36 -29.94
CA ASN A 125 2.83 -4.05 -28.85
C ASN A 125 3.43 -4.36 -27.47
N MET A 126 4.05 -5.54 -27.31
CA MET A 126 4.62 -5.87 -26.01
C MET A 126 5.75 -4.92 -25.64
N ALA A 127 6.51 -4.44 -26.65
CA ALA A 127 7.57 -3.47 -26.40
C ALA A 127 7.02 -2.11 -26.00
N THR A 128 5.78 -1.80 -26.39
CA THR A 128 5.14 -0.58 -25.92
C THR A 128 4.86 -0.65 -24.42
N PHE A 129 4.33 -1.77 -23.94
CA PHE A 129 4.25 -1.96 -22.50
C PHE A 129 5.64 -2.04 -21.87
N GLY A 130 6.61 -2.62 -22.59
CA GLY A 130 7.99 -2.62 -22.09
C GLY A 130 8.54 -1.22 -21.89
N MET A 131 8.29 -0.32 -22.84
CA MET A 131 8.67 1.09 -22.66
C MET A 131 8.10 1.64 -21.36
N MET A 132 6.81 1.39 -21.13
CA MET A 132 6.16 1.87 -19.92
C MET A 132 6.75 1.23 -18.66
N ASP A 133 7.02 -0.07 -18.71
CA ASP A 133 7.63 -0.74 -17.55
C ASP A 133 8.95 -0.09 -17.17
N GLU A 134 9.82 0.18 -18.15
CA GLU A 134 11.13 0.68 -17.77
C GLU A 134 11.05 2.14 -17.33
N LEU A 135 10.07 2.89 -17.85
CA LEU A 135 9.82 4.21 -17.29
C LEU A 135 9.48 4.10 -15.81
N ARG A 136 8.60 3.16 -15.45
CA ARG A 136 8.29 2.90 -14.04
C ARG A 136 9.56 2.61 -13.25
N HIS A 137 10.40 1.72 -13.76
CA HIS A 137 11.55 1.27 -13.00
C HIS A 137 12.57 2.39 -12.79
N GLY A 138 12.78 3.23 -13.81
CA GLY A 138 13.70 4.34 -13.64
C GLY A 138 13.16 5.39 -12.70
N GLN A 139 11.84 5.64 -12.77
CA GLN A 139 11.25 6.62 -11.87
C GLN A 139 11.22 6.11 -10.43
N LEU A 140 10.87 4.83 -10.22
CA LEU A 140 10.87 4.31 -8.86
C LEU A 140 12.25 4.38 -8.25
N GLN A 141 13.28 4.06 -9.04
CA GLN A 141 14.62 3.93 -8.48
C GLN A 141 15.38 5.25 -8.45
N LEU A 142 14.76 6.34 -8.91
CA LEU A 142 15.16 7.69 -8.56
C LEU A 142 14.37 8.20 -7.34
N PHE A 143 13.07 7.93 -7.30
CA PHE A 143 12.24 8.47 -6.22
C PHE A 143 12.62 7.91 -4.86
N PHE A 144 12.87 6.60 -4.78
CA PHE A 144 13.13 5.96 -3.49
C PHE A 144 14.43 6.46 -2.83
N PRO A 145 15.58 6.51 -3.52
CA PRO A 145 16.78 7.03 -2.85
C PRO A 145 16.80 8.54 -2.65
N HIS A 146 15.91 9.29 -3.32
CA HIS A 146 15.97 10.75 -3.28
C HIS A 146 15.86 11.29 -1.86
N GLU A 147 15.09 10.63 -0.99
CA GLU A 147 15.00 11.12 0.39
C GLU A 147 16.33 11.07 1.13
N TYR A 148 17.27 10.22 0.71
CA TYR A 148 18.54 10.12 1.43
C TYR A 148 19.58 11.11 0.91
N CYS A 149 19.27 11.89 -0.13
CA CYS A 149 20.18 12.97 -0.55
C CYS A 149 20.57 13.85 0.64
N LYS A 150 19.60 14.24 1.45
CA LYS A 150 19.91 15.15 2.55
C LYS A 150 20.72 14.48 3.65
N LYS A 151 20.93 13.17 3.58
CA LYS A 151 21.75 12.47 4.56
C LYS A 151 23.19 12.30 4.14
N ASP A 152 23.44 12.14 2.84
CA ASP A 152 24.70 11.58 2.38
C ASP A 152 24.86 11.89 0.90
N ARG A 153 25.90 12.65 0.55
CA ARG A 153 26.11 13.02 -0.85
C ARG A 153 26.28 11.81 -1.75
N GLN A 154 26.68 10.65 -1.23
CA GLN A 154 26.84 9.47 -2.10
C GLN A 154 25.52 9.05 -2.73
N PHE A 155 24.38 9.36 -2.08
CA PHE A 155 23.10 9.05 -2.70
C PHE A 155 22.77 9.94 -3.89
N ASP A 156 23.48 11.06 -4.09
CA ASP A 156 23.32 11.83 -5.32
C ASP A 156 23.69 11.00 -6.56
N TRP A 157 24.54 9.98 -6.38
CA TRP A 157 24.97 9.16 -7.50
C TRP A 157 23.86 8.25 -8.02
N ALA A 158 22.76 8.11 -7.28
CA ALA A 158 21.58 7.45 -7.86
C ALA A 158 21.18 8.13 -9.16
N TRP A 159 21.33 9.46 -9.23
CA TRP A 159 21.12 10.22 -10.45
C TRP A 159 22.42 10.46 -11.20
N ARG A 160 23.53 10.73 -10.50
CA ARG A 160 24.72 11.25 -11.18
C ARG A 160 25.57 10.18 -11.87
N ALA A 161 25.50 8.92 -11.43
CA ALA A 161 26.49 7.93 -11.85
C ALA A 161 26.60 7.83 -13.38
N TYR A 162 25.47 7.74 -14.09
CA TYR A 162 25.51 7.55 -15.53
C TYR A 162 25.92 8.81 -16.28
N HIS A 163 25.93 9.95 -15.59
CA HIS A 163 26.46 11.19 -16.15
C HIS A 163 27.95 11.38 -15.89
N SER A 164 28.61 10.44 -15.20
CA SER A 164 30.02 10.56 -14.84
C SER A 164 30.87 9.64 -15.70
N ASN A 165 32.19 9.83 -15.55
CA ASN A 165 33.18 8.90 -16.09
C ASN A 165 33.83 8.06 -15.00
N GLU A 166 33.15 7.88 -13.87
CA GLU A 166 33.65 6.95 -12.86
C GLU A 166 33.72 5.54 -13.47
N TRP A 167 34.74 4.78 -13.08
CA TRP A 167 35.12 3.59 -13.87
C TRP A 167 33.99 2.56 -13.90
N ALA A 168 33.31 2.36 -12.76
CA ALA A 168 32.20 1.40 -12.73
C ALA A 168 31.01 1.89 -13.54
N ALA A 169 30.76 3.20 -13.54
CA ALA A 169 29.72 3.75 -14.40
C ALA A 169 30.05 3.52 -15.86
N ILE A 170 31.32 3.67 -16.24
CA ILE A 170 31.74 3.43 -17.61
C ILE A 170 31.53 1.95 -17.96
N ALA A 171 31.82 1.06 -17.02
CA ALA A 171 31.58 -0.37 -17.23
C ALA A 171 30.09 -0.64 -17.45
N ALA A 172 29.24 -0.06 -16.61
CA ALA A 172 27.79 -0.19 -16.79
C ALA A 172 27.35 0.37 -18.14
N LYS A 173 27.75 1.59 -18.47
CA LYS A 173 27.28 2.19 -19.73
C LYS A 173 27.83 1.44 -20.95
N HIS A 174 29.07 0.95 -20.87
CA HIS A 174 29.61 0.20 -22.01
C HIS A 174 28.82 -1.09 -22.25
N PHE A 175 28.39 -1.75 -21.17
CA PHE A 175 27.54 -2.93 -21.31
C PHE A 175 26.15 -2.55 -21.82
N PHE A 176 25.48 -1.58 -21.18
CA PHE A 176 24.10 -1.26 -21.53
C PHE A 176 23.99 -0.57 -22.88
N ASP A 177 24.97 0.25 -23.27
CA ASP A 177 24.91 0.79 -24.62
C ASP A 177 25.19 -0.29 -25.66
N ASP A 178 25.91 -1.34 -25.29
CA ASP A 178 26.15 -2.42 -26.25
C ASP A 178 24.91 -3.29 -26.43
N ILE A 179 24.24 -3.68 -25.34
CA ILE A 179 23.12 -4.61 -25.45
C ILE A 179 21.74 -3.96 -25.50
N ILE A 180 21.58 -2.70 -25.06
CA ILE A 180 20.26 -2.05 -24.99
C ILE A 180 20.08 -1.00 -26.08
N THR A 181 20.94 0.03 -26.10
CA THR A 181 20.67 1.22 -26.89
C THR A 181 21.47 1.27 -28.19
N GLY A 182 22.47 0.41 -28.36
CA GLY A 182 23.38 0.48 -29.49
C GLY A 182 23.23 -0.54 -30.59
N ARG A 183 22.17 -1.37 -30.58
CA ARG A 183 22.01 -2.37 -31.63
C ARG A 183 20.56 -2.37 -32.15
N ASP A 184 20.34 -3.13 -33.22
CA ASP A 184 19.05 -3.26 -33.88
C ASP A 184 18.01 -3.93 -32.97
N ALA A 185 16.75 -3.87 -33.40
CA ALA A 185 15.63 -4.32 -32.57
C ALA A 185 15.71 -5.80 -32.23
N ILE A 186 16.09 -6.63 -33.21
CA ILE A 186 16.16 -8.07 -32.97
C ILE A 186 17.32 -8.40 -32.02
N SER A 187 18.45 -7.71 -32.15
CA SER A 187 19.52 -7.90 -31.18
C SER A 187 19.08 -7.48 -29.77
N VAL A 188 18.28 -6.42 -29.65
CA VAL A 188 17.75 -6.06 -28.33
C VAL A 188 16.88 -7.18 -27.79
N ALA A 189 15.98 -7.70 -28.63
CA ALA A 189 15.12 -8.82 -28.24
C ALA A 189 15.94 -9.96 -27.63
N ILE A 190 17.04 -10.34 -28.29
CA ILE A 190 17.85 -11.50 -27.92
C ILE A 190 18.77 -11.19 -26.75
N MET A 191 19.47 -10.05 -26.80
CA MET A 191 20.49 -9.74 -25.81
C MET A 191 19.92 -9.13 -24.55
N LEU A 192 18.95 -8.21 -24.68
CA LEU A 192 18.34 -7.59 -23.50
C LEU A 192 17.26 -8.49 -22.93
N THR A 193 16.14 -8.67 -23.65
CA THR A 193 14.98 -9.28 -23.00
C THR A 193 15.23 -10.75 -22.68
N PHE A 194 15.86 -11.50 -23.58
CA PHE A 194 16.08 -12.91 -23.26
C PHE A 194 17.29 -13.09 -22.33
N SER A 195 18.47 -12.65 -22.76
CA SER A 195 19.70 -13.01 -22.05
C SER A 195 19.82 -12.29 -20.71
N PHE A 196 19.75 -10.96 -20.73
CA PHE A 196 19.92 -10.19 -19.51
C PHE A 196 18.68 -10.28 -18.61
N GLU A 197 17.48 -10.16 -19.19
CA GLU A 197 16.26 -9.96 -18.39
C GLU A 197 15.61 -11.26 -17.91
N THR A 198 15.83 -12.40 -18.58
CA THR A 198 15.46 -13.66 -17.95
C THR A 198 16.65 -14.33 -17.27
N GLY A 199 17.85 -13.86 -17.53
CA GLY A 199 19.05 -14.47 -17.01
C GLY A 199 19.56 -13.81 -15.75
N PHE A 200 20.15 -12.63 -15.86
CA PHE A 200 20.94 -12.09 -14.75
C PHE A 200 20.18 -11.15 -13.83
N THR A 201 19.13 -10.46 -14.27
CA THR A 201 18.53 -9.49 -13.35
C THR A 201 17.90 -10.17 -12.13
N ASN A 202 17.48 -11.43 -12.26
CA ASN A 202 16.98 -12.14 -11.08
C ASN A 202 17.99 -12.12 -9.93
N MET A 203 19.29 -12.12 -10.23
CA MET A 203 20.29 -12.06 -9.18
C MET A 203 20.19 -10.76 -8.39
N GLN A 204 20.11 -9.63 -9.08
CA GLN A 204 20.13 -8.34 -8.41
C GLN A 204 18.77 -7.95 -7.83
N PHE A 205 17.67 -8.44 -8.41
CA PHE A 205 16.36 -8.00 -7.99
C PHE A 205 15.60 -9.01 -7.14
N LEU A 206 16.02 -10.27 -7.11
CA LEU A 206 15.41 -11.26 -6.23
C LEU A 206 16.43 -11.86 -5.28
N GLY A 207 17.60 -12.26 -5.78
CA GLY A 207 18.66 -12.69 -4.88
C GLY A 207 18.96 -11.65 -3.82
N LEU A 208 19.20 -10.42 -4.25
CA LEU A 208 19.48 -9.33 -3.32
C LEU A 208 18.27 -9.02 -2.44
N ALA A 209 17.05 -9.22 -2.96
CA ALA A 209 15.87 -9.00 -2.14
C ALA A 209 15.83 -9.99 -0.97
N ALA A 210 16.23 -11.24 -1.20
CA ALA A 210 16.31 -12.20 -0.10
C ALA A 210 17.24 -11.69 0.98
N ASP A 211 18.41 -11.19 0.59
CA ASP A 211 19.35 -10.61 1.55
C ASP A 211 18.72 -9.38 2.22
N ALA A 212 18.02 -8.55 1.45
CA ALA A 212 17.40 -7.35 2.03
C ALA A 212 16.36 -7.74 3.07
N ALA A 213 15.57 -8.77 2.79
CA ALA A 213 14.60 -9.28 3.74
C ALA A 213 15.27 -9.75 5.03
N GLU A 214 16.38 -10.51 4.91
CA GLU A 214 17.10 -10.95 6.10
C GLU A 214 17.63 -9.75 6.88
N ALA A 215 18.07 -8.71 6.19
CA ALA A 215 18.57 -7.50 6.83
C ALA A 215 17.45 -6.60 7.37
N GLY A 216 16.19 -6.96 7.18
CA GLY A 216 15.11 -6.15 7.73
C GLY A 216 14.81 -4.87 6.96
N ASP A 217 15.20 -4.78 5.69
CA ASP A 217 14.92 -3.61 4.86
C ASP A 217 13.79 -3.98 3.90
N TYR A 218 12.55 -3.90 4.41
CA TYR A 218 11.41 -4.34 3.58
C TYR A 218 11.00 -3.32 2.53
N THR A 219 11.25 -2.03 2.74
CA THR A 219 10.99 -1.07 1.67
C THR A 219 11.73 -1.48 0.40
N PHE A 220 13.01 -1.83 0.54
CA PHE A 220 13.83 -2.17 -0.62
C PHE A 220 13.46 -3.54 -1.18
N ALA A 221 13.38 -4.57 -0.34
CA ALA A 221 13.00 -5.89 -0.86
C ALA A 221 11.64 -5.82 -1.57
N ASN A 222 10.68 -5.10 -0.99
CA ASN A 222 9.35 -5.04 -1.61
C ASN A 222 9.40 -4.29 -2.93
N LEU A 223 10.22 -3.25 -3.00
CA LEU A 223 10.36 -2.49 -4.23
C LEU A 223 10.95 -3.35 -5.35
N ILE A 224 12.11 -3.97 -5.11
CA ILE A 224 12.78 -4.61 -6.25
C ILE A 224 12.06 -5.88 -6.68
N SER A 225 11.40 -6.58 -5.74
CA SER A 225 10.62 -7.73 -6.17
C SER A 225 9.37 -7.31 -6.97
N SER A 226 8.78 -6.15 -6.65
CA SER A 226 7.68 -5.66 -7.48
C SER A 226 8.15 -5.31 -8.89
N ILE A 227 9.31 -4.65 -8.98
CA ILE A 227 9.90 -4.34 -10.28
C ILE A 227 10.08 -5.61 -11.09
N GLN A 228 10.54 -6.69 -10.44
CA GLN A 228 10.83 -7.90 -11.20
C GLN A 228 9.57 -8.57 -11.73
N THR A 229 8.39 -8.29 -11.14
CA THR A 229 7.16 -8.81 -11.75
C THR A 229 6.92 -8.24 -13.15
N ASP A 230 7.31 -6.96 -13.38
CA ASP A 230 7.24 -6.42 -14.73
C ASP A 230 8.25 -7.10 -15.65
N GLU A 231 9.49 -7.21 -15.17
CA GLU A 231 10.55 -7.87 -15.93
C GLU A 231 10.09 -9.22 -16.43
N SER A 232 9.45 -10.01 -15.55
CA SER A 232 9.06 -11.35 -15.90
C SER A 232 8.09 -11.37 -17.08
N ARG A 233 7.28 -10.31 -17.24
CA ARG A 233 6.38 -10.23 -18.40
C ARG A 233 7.10 -9.76 -19.67
N HIS A 234 7.78 -8.61 -19.64
CA HIS A 234 8.31 -8.11 -20.91
C HIS A 234 9.59 -8.82 -21.33
N ALA A 235 10.27 -9.54 -20.43
CA ALA A 235 11.38 -10.39 -20.85
C ALA A 235 10.92 -11.54 -21.76
N GLN A 236 9.63 -11.90 -21.71
CA GLN A 236 9.12 -12.96 -22.58
C GLN A 236 8.95 -12.52 -24.03
N GLN A 237 9.45 -11.35 -24.42
CA GLN A 237 9.57 -11.01 -25.83
C GLN A 237 10.72 -11.73 -26.52
N GLY A 238 11.72 -12.17 -25.76
CA GLY A 238 12.92 -12.71 -26.38
C GLY A 238 12.72 -14.09 -26.97
N GLY A 239 12.07 -14.98 -26.22
CA GLY A 239 11.87 -16.36 -26.64
C GLY A 239 11.25 -16.51 -28.01
N PRO A 240 10.11 -15.85 -28.26
CA PRO A 240 9.49 -15.97 -29.59
C PRO A 240 10.39 -15.47 -30.71
N ALA A 241 11.17 -14.41 -30.49
CA ALA A 241 12.12 -13.95 -31.50
C ALA A 241 13.19 -15.00 -31.76
N LEU A 242 13.75 -15.58 -30.69
CA LEU A 242 14.71 -16.67 -30.83
C LEU A 242 14.14 -17.84 -31.66
N GLN A 243 12.92 -18.27 -31.32
CA GLN A 243 12.26 -19.35 -32.07
C GLN A 243 12.16 -19.00 -33.54
N LEU A 244 11.71 -17.78 -33.85
CA LEU A 244 11.55 -17.37 -35.25
C LEU A 244 12.89 -17.41 -35.99
N LEU A 245 13.95 -16.89 -35.36
CA LEU A 245 15.26 -16.95 -35.99
C LEU A 245 15.67 -18.38 -36.27
N ILE A 246 15.46 -19.29 -35.30
CA ILE A 246 15.87 -20.67 -35.50
C ILE A 246 15.07 -21.31 -36.64
N GLU A 247 13.75 -21.09 -36.66
CA GLU A 247 12.90 -21.65 -37.71
C GLU A 247 13.28 -21.15 -39.09
N ASN A 248 13.85 -19.95 -39.18
CA ASN A 248 14.22 -19.34 -40.45
C ASN A 248 15.73 -19.38 -40.70
N GLY A 249 16.40 -20.39 -40.15
CA GLY A 249 17.78 -20.67 -40.54
C GLY A 249 18.85 -19.80 -39.92
N LYS A 250 18.56 -19.09 -38.83
CA LYS A 250 19.55 -18.20 -38.22
C LYS A 250 19.94 -18.66 -36.81
N ARG A 251 19.89 -19.96 -36.55
CA ARG A 251 20.25 -20.48 -35.23
C ARG A 251 21.67 -20.05 -34.83
N GLU A 252 22.61 -20.11 -35.78
CA GLU A 252 24.01 -19.78 -35.48
C GLU A 252 24.15 -18.35 -35.01
N GLU A 253 23.50 -17.42 -35.72
CA GLU A 253 23.57 -16.01 -35.34
C GLU A 253 22.89 -15.77 -34.01
N ALA A 254 21.74 -16.40 -33.78
CA ALA A 254 21.04 -16.29 -32.49
C ALA A 254 21.92 -16.76 -31.34
N GLN A 255 22.55 -17.94 -31.49
CA GLN A 255 23.44 -18.49 -30.48
C GLN A 255 24.59 -17.53 -30.16
N LYS A 256 25.12 -16.89 -31.18
CA LYS A 256 26.27 -16.00 -31.00
C LYS A 256 25.89 -14.79 -30.14
N LYS A 257 24.68 -14.25 -30.37
CA LYS A 257 24.24 -13.09 -29.64
C LYS A 257 23.90 -13.43 -28.19
N VAL A 258 23.31 -14.60 -27.95
CA VAL A 258 23.11 -15.07 -26.59
C VAL A 258 24.44 -15.27 -25.88
N ASP A 259 25.37 -15.99 -26.52
CA ASP A 259 26.67 -16.26 -25.89
C ASP A 259 27.35 -14.96 -25.47
N MET A 260 27.37 -13.99 -26.38
CA MET A 260 27.98 -12.70 -26.11
C MET A 260 27.32 -11.97 -24.95
N ALA A 261 25.99 -11.83 -24.99
CA ALA A 261 25.31 -11.02 -23.98
C ALA A 261 25.43 -11.62 -22.58
N ILE A 262 25.38 -12.95 -22.47
CA ILE A 262 25.52 -13.61 -21.17
C ILE A 262 26.91 -13.34 -20.60
N TRP A 263 27.95 -13.44 -21.42
CA TRP A 263 29.29 -13.19 -20.87
C TRP A 263 29.45 -11.73 -20.45
N ARG A 264 28.98 -10.79 -21.27
CA ARG A 264 29.07 -9.39 -20.89
C ARG A 264 28.33 -9.10 -19.60
N ALA A 265 27.13 -9.63 -19.45
CA ALA A 265 26.37 -9.40 -18.21
C ALA A 265 27.08 -10.03 -17.01
N TRP A 266 27.67 -11.21 -17.20
CA TRP A 266 28.39 -11.89 -16.13
C TRP A 266 29.49 -11.01 -15.51
N ARG A 267 30.36 -10.42 -16.33
CA ARG A 267 31.48 -9.66 -15.80
C ARG A 267 30.98 -8.46 -15.00
N LEU A 268 29.91 -7.81 -15.47
CA LEU A 268 29.38 -6.67 -14.75
C LEU A 268 28.76 -7.09 -13.43
N PHE A 269 27.96 -8.17 -13.42
CA PHE A 269 27.35 -8.56 -12.16
C PHE A 269 28.37 -9.17 -11.19
N ALA A 270 29.49 -9.69 -11.69
CA ALA A 270 30.53 -10.15 -10.79
C ALA A 270 31.13 -8.99 -9.98
N VAL A 271 31.21 -7.78 -10.57
CA VAL A 271 31.78 -6.66 -9.82
C VAL A 271 30.72 -5.93 -8.97
N LEU A 272 29.45 -5.95 -9.38
CA LEU A 272 28.38 -5.29 -8.64
C LEU A 272 27.78 -6.20 -7.55
N THR A 273 27.21 -7.33 -7.96
CA THR A 273 26.47 -8.19 -7.06
C THR A 273 27.37 -9.10 -6.23
N GLY A 274 28.49 -9.56 -6.79
CA GLY A 274 29.39 -10.46 -6.11
C GLY A 274 29.89 -9.91 -4.79
N PRO A 275 30.44 -8.69 -4.79
CA PRO A 275 30.90 -8.12 -3.51
C PRO A 275 29.76 -7.87 -2.54
N VAL A 276 28.60 -7.46 -3.03
CA VAL A 276 27.44 -7.23 -2.17
C VAL A 276 27.04 -8.52 -1.46
N MET A 277 26.95 -9.62 -2.20
CA MET A 277 26.39 -10.84 -1.61
C MET A 277 27.36 -11.52 -0.64
N ASP A 278 28.66 -11.45 -0.91
CA ASP A 278 29.63 -12.24 -0.16
C ASP A 278 30.47 -11.40 0.80
N TYR A 279 30.31 -10.07 0.79
CA TYR A 279 31.16 -9.21 1.62
C TYR A 279 30.40 -8.04 2.26
N TYR A 280 29.59 -7.28 1.48
CA TYR A 280 28.95 -6.09 2.05
C TYR A 280 27.74 -6.47 2.92
N THR A 281 26.95 -7.44 2.46
CA THR A 281 25.82 -7.90 3.25
C THR A 281 26.34 -8.52 4.54
N PRO A 282 25.82 -8.12 5.69
CA PRO A 282 26.30 -8.70 6.95
C PRO A 282 26.19 -10.23 6.90
N LEU A 283 27.19 -10.88 7.51
CA LEU A 283 27.28 -12.34 7.45
C LEU A 283 25.95 -13.01 7.82
N GLU A 284 25.30 -12.49 8.87
CA GLU A 284 24.08 -13.12 9.35
C GLU A 284 22.88 -12.87 8.43
N ASP A 285 23.01 -11.98 7.44
CA ASP A 285 21.96 -11.70 6.47
C ASP A 285 22.20 -12.36 5.10
N ARG A 286 23.25 -13.16 4.96
CA ARG A 286 23.55 -13.76 3.66
C ARG A 286 22.69 -15.01 3.49
N SER A 287 21.60 -14.87 2.73
CA SER A 287 20.67 -15.99 2.53
C SER A 287 21.35 -17.17 1.85
N GLN A 288 22.14 -16.89 0.82
CA GLN A 288 23.03 -17.83 0.17
C GLN A 288 24.28 -17.07 -0.26
N SER A 289 25.34 -17.81 -0.55
CA SER A 289 26.52 -17.16 -1.13
C SER A 289 26.22 -16.74 -2.58
N PHE A 290 27.08 -15.86 -3.11
CA PHE A 290 27.02 -15.48 -4.53
C PHE A 290 27.00 -16.69 -5.46
N LYS A 291 27.90 -17.64 -5.24
CA LYS A 291 27.95 -18.83 -6.09
C LYS A 291 26.67 -19.68 -5.97
N GLU A 292 26.15 -19.86 -4.75
CA GLU A 292 24.92 -20.62 -4.60
C GLU A 292 23.76 -19.94 -5.34
N PHE A 293 23.68 -18.61 -5.27
CA PHE A 293 22.65 -17.88 -6.02
C PHE A 293 22.87 -18.03 -7.52
N MET A 294 24.13 -17.97 -7.97
CA MET A 294 24.44 -18.21 -9.38
C MET A 294 23.95 -19.57 -9.83
N TYR A 295 24.14 -20.60 -8.99
CA TYR A 295 23.72 -21.93 -9.40
C TYR A 295 22.20 -22.08 -9.41
N GLU A 296 21.52 -21.37 -8.51
CA GLU A 296 20.05 -21.35 -8.53
C GLU A 296 19.51 -20.64 -9.77
N TRP A 297 19.95 -19.40 -9.99
CA TRP A 297 19.33 -18.53 -10.99
C TRP A 297 19.92 -18.68 -12.38
N ILE A 298 21.24 -18.78 -12.52
CA ILE A 298 21.84 -18.81 -13.86
C ILE A 298 21.98 -20.24 -14.38
N ILE A 299 22.51 -21.16 -13.57
CA ILE A 299 22.68 -22.53 -14.06
C ILE A 299 21.36 -23.30 -13.99
N GLY A 300 20.75 -23.37 -12.81
CA GLY A 300 19.56 -24.20 -12.66
C GLY A 300 18.35 -23.67 -13.39
N GLN A 301 18.16 -22.35 -13.39
CA GLN A 301 16.98 -21.78 -14.03
C GLN A 301 17.27 -21.34 -15.46
N PHE A 302 18.13 -20.33 -15.63
CA PHE A 302 18.29 -19.71 -16.94
C PHE A 302 18.87 -20.66 -17.98
N GLU A 303 19.99 -21.33 -17.66
CA GLU A 303 20.61 -22.14 -18.70
C GLU A 303 19.72 -23.33 -19.06
N ARG A 304 18.95 -23.86 -18.11
CA ARG A 304 17.97 -24.88 -18.44
C ARG A 304 16.89 -24.34 -19.38
N SER A 305 16.47 -23.09 -19.18
CA SER A 305 15.48 -22.50 -20.08
C SER A 305 16.04 -22.34 -21.49
N LEU A 306 17.32 -22.00 -21.58
CA LEU A 306 17.98 -21.83 -22.88
C LEU A 306 18.00 -23.14 -23.66
N ILE A 307 18.38 -24.24 -22.99
CA ILE A 307 18.32 -25.56 -23.60
C ILE A 307 16.90 -25.91 -24.05
N ASP A 308 15.90 -25.59 -23.22
CA ASP A 308 14.54 -25.97 -23.59
C ASP A 308 14.08 -25.30 -24.88
N LEU A 309 14.58 -24.11 -25.16
CA LEU A 309 14.20 -23.38 -26.37
C LEU A 309 14.91 -23.86 -27.61
N GLY A 310 15.86 -24.78 -27.49
CA GLY A 310 16.56 -25.29 -28.65
C GLY A 310 17.97 -24.78 -28.84
N LEU A 311 18.47 -23.95 -27.93
CA LEU A 311 19.86 -23.49 -28.06
C LEU A 311 20.80 -24.43 -27.30
N ASP A 312 22.09 -24.20 -27.48
CA ASP A 312 23.15 -25.00 -26.86
C ASP A 312 23.75 -24.25 -25.68
N LYS A 313 24.37 -25.03 -24.76
CA LYS A 313 25.21 -24.41 -23.75
C LYS A 313 26.23 -23.51 -24.43
N PRO A 314 26.59 -22.39 -23.83
CA PRO A 314 27.60 -21.53 -24.47
C PRO A 314 28.93 -22.28 -24.61
N TRP A 315 29.68 -21.94 -25.66
CA TRP A 315 30.94 -22.62 -25.91
C TRP A 315 31.90 -22.50 -24.73
N TYR A 316 31.80 -21.42 -23.94
CA TYR A 316 32.74 -21.13 -22.85
C TYR A 316 32.28 -21.67 -21.49
N TRP A 317 31.33 -22.61 -21.48
CA TRP A 317 30.79 -23.19 -20.25
C TRP A 317 31.81 -23.43 -19.14
N ASP A 318 32.85 -24.22 -19.41
CA ASP A 318 33.80 -24.56 -18.35
C ASP A 318 34.58 -23.35 -17.86
N LEU A 319 34.91 -22.40 -18.74
CA LEU A 319 35.54 -21.15 -18.27
C LEU A 319 34.61 -20.37 -17.36
N PHE A 320 33.32 -20.28 -17.73
CA PHE A 320 32.31 -19.60 -16.92
C PHE A 320 32.23 -20.20 -15.53
N LEU A 321 32.19 -21.53 -15.44
CA LEU A 321 32.09 -22.19 -14.14
C LEU A 321 33.29 -21.88 -13.28
N LYS A 322 34.48 -21.94 -13.85
CA LYS A 322 35.68 -21.60 -13.09
C LYS A 322 35.63 -20.14 -12.65
N ASP A 323 35.09 -19.26 -13.50
CA ASP A 323 35.02 -17.83 -13.17
C ASP A 323 34.10 -17.59 -11.97
N ILE A 324 33.00 -18.35 -11.86
CA ILE A 324 32.08 -18.17 -10.74
C ILE A 324 32.77 -18.45 -9.40
N ASP A 325 33.76 -19.36 -9.39
CA ASP A 325 34.51 -19.70 -8.18
C ASP A 325 35.53 -18.63 -7.79
N GLU A 326 35.99 -17.80 -8.72
CA GLU A 326 37.21 -17.02 -8.54
C GLU A 326 37.03 -15.51 -8.73
N LEU A 327 36.29 -15.10 -9.76
CA LEU A 327 36.41 -13.73 -10.26
C LEU A 327 35.99 -12.68 -9.24
N HIS A 328 34.80 -12.84 -8.63
CA HIS A 328 34.28 -11.75 -7.79
C HIS A 328 35.11 -11.53 -6.52
N HIS A 329 35.87 -12.53 -6.08
CA HIS A 329 36.74 -12.36 -4.93
C HIS A 329 37.86 -11.37 -5.24
N SER A 330 38.35 -11.40 -6.48
CA SER A 330 39.37 -10.43 -6.89
C SER A 330 38.73 -9.07 -7.19
N TYR A 331 37.56 -9.06 -7.82
CA TYR A 331 36.83 -7.81 -8.05
C TYR A 331 36.55 -7.11 -6.73
N HIS A 332 36.13 -7.87 -5.71
CA HIS A 332 35.88 -7.28 -4.41
C HIS A 332 37.16 -6.68 -3.82
N MET A 333 38.25 -7.45 -3.85
CA MET A 333 39.51 -6.96 -3.31
C MET A 333 39.93 -5.67 -3.99
N GLY A 334 39.70 -5.57 -5.29
CA GLY A 334 40.09 -4.39 -6.04
C GLY A 334 39.21 -3.19 -5.76
N VAL A 335 37.89 -3.40 -5.72
CA VAL A 335 36.98 -2.32 -5.35
C VAL A 335 37.34 -1.80 -3.95
N TRP A 336 37.71 -2.69 -3.03
CA TRP A 336 38.04 -2.21 -1.68
C TRP A 336 39.37 -1.46 -1.69
N TYR A 337 40.41 -2.07 -2.26
CA TYR A 337 41.72 -1.39 -2.24
C TYR A 337 41.65 -0.04 -2.94
N TRP A 338 40.93 0.05 -4.07
CA TRP A 338 40.70 1.33 -4.74
C TRP A 338 39.37 1.98 -4.32
N ARG A 339 38.98 1.84 -3.05
CA ARG A 339 37.65 2.27 -2.62
C ARG A 339 37.42 3.76 -2.83
N THR A 340 38.47 4.58 -2.78
CA THR A 340 38.27 6.01 -3.00
C THR A 340 37.73 6.33 -4.40
N THR A 341 37.78 5.39 -5.34
CA THR A 341 37.23 5.61 -6.68
C THR A 341 35.76 5.20 -6.81
N ALA A 342 35.16 4.68 -5.74
CA ALA A 342 33.77 4.26 -5.72
C ALA A 342 32.91 5.36 -5.10
N TRP A 343 31.63 5.39 -5.45
CA TRP A 343 30.67 6.29 -4.83
C TRP A 343 29.96 5.64 -3.65
N TRP A 344 30.36 4.44 -3.25
CA TRP A 344 29.85 3.76 -2.07
C TRP A 344 31.02 3.36 -1.18
N ASN A 345 30.72 2.95 0.05
CA ASN A 345 31.79 2.61 0.98
C ASN A 345 31.92 1.09 1.09
N PRO A 346 32.94 0.49 0.47
CA PRO A 346 33.07 -0.96 0.52
C PRO A 346 33.35 -1.47 1.92
N ALA A 347 32.68 -2.56 2.29
CA ALA A 347 33.02 -3.31 3.50
C ALA A 347 34.08 -4.35 3.14
N ALA A 348 35.15 -4.45 3.95
CA ALA A 348 36.19 -5.41 3.64
C ALA A 348 35.69 -6.84 3.82
N GLY A 349 34.88 -7.09 4.86
CA GLY A 349 34.23 -8.39 5.00
C GLY A 349 35.17 -9.55 5.29
N VAL A 350 36.26 -9.30 6.01
CA VAL A 350 37.23 -10.35 6.30
C VAL A 350 37.54 -10.42 7.80
N THR A 351 36.52 -10.26 8.65
CA THR A 351 36.64 -10.68 10.03
C THR A 351 36.88 -12.20 10.06
N PRO A 352 37.44 -12.73 11.16
CA PRO A 352 37.67 -14.18 11.20
C PRO A 352 36.43 -15.02 10.97
N GLU A 353 35.28 -14.58 11.49
CA GLU A 353 34.02 -15.29 11.28
C GLU A 353 33.63 -15.28 9.80
N GLU A 354 33.86 -14.16 9.11
CA GLU A 354 33.58 -14.10 7.68
C GLU A 354 34.57 -14.94 6.90
N ARG A 355 35.84 -14.90 7.29
CA ARG A 355 36.84 -15.73 6.61
C ARG A 355 36.54 -17.23 6.79
N ASP A 356 35.97 -17.63 7.93
CA ASP A 356 35.52 -19.00 8.08
C ASP A 356 34.39 -19.31 7.09
N TRP A 357 33.44 -18.39 6.93
CA TRP A 357 32.34 -18.63 6.02
C TRP A 357 32.82 -18.66 4.57
N LEU A 358 33.76 -17.77 4.23
CA LEU A 358 34.34 -17.77 2.89
C LEU A 358 35.05 -19.09 2.58
N GLU A 359 35.79 -19.63 3.57
CA GLU A 359 36.47 -20.91 3.40
C GLU A 359 35.47 -22.05 3.22
N GLU A 360 34.33 -22.01 3.94
CA GLU A 360 33.34 -23.06 3.76
C GLU A 360 32.68 -22.98 2.39
N LYS A 361 32.39 -21.75 1.92
CA LYS A 361 31.70 -21.60 0.64
C LYS A 361 32.64 -21.66 -0.55
N TYR A 362 33.93 -21.45 -0.35
CA TYR A 362 34.93 -21.47 -1.41
C TYR A 362 36.20 -22.09 -0.88
N PRO A 363 36.23 -23.41 -0.74
CA PRO A 363 37.40 -24.07 -0.16
C PRO A 363 38.69 -23.64 -0.86
N GLY A 364 39.67 -23.24 -0.05
CA GLY A 364 40.92 -22.71 -0.57
C GLY A 364 41.03 -21.20 -0.50
N TRP A 365 39.97 -20.52 -0.06
CA TRP A 365 39.93 -19.06 -0.09
C TRP A 365 41.10 -18.46 0.70
N ASN A 366 41.39 -19.00 1.88
CA ASN A 366 42.37 -18.35 2.76
C ASN A 366 43.80 -18.47 2.22
N LYS A 367 44.10 -19.53 1.48
CA LYS A 367 45.44 -19.66 0.87
C LYS A 367 45.56 -18.87 -0.44
N ARG A 368 44.49 -18.18 -0.87
CA ARG A 368 44.52 -17.39 -2.08
C ARG A 368 44.26 -15.95 -1.69
N TRP A 369 43.03 -15.44 -1.79
CA TRP A 369 42.74 -14.06 -1.41
C TRP A 369 43.09 -13.80 0.05
N GLY A 370 43.01 -14.83 0.90
CA GLY A 370 43.40 -14.64 2.29
C GLY A 370 44.84 -14.18 2.46
N ARG A 371 45.72 -14.58 1.54
CA ARG A 371 47.11 -14.13 1.64
C ARG A 371 47.22 -12.62 1.49
N CYS A 372 46.44 -12.03 0.58
CA CYS A 372 46.46 -10.58 0.42
C CYS A 372 45.80 -9.90 1.61
N TRP A 373 44.66 -10.43 2.06
CA TRP A 373 44.00 -9.82 3.21
C TRP A 373 44.86 -9.93 4.46
N ASP A 374 45.73 -10.94 4.55
CA ASP A 374 46.66 -11.01 5.68
C ASP A 374 47.60 -9.82 5.69
N VAL A 375 48.18 -9.50 4.53
CA VAL A 375 49.09 -8.35 4.46
C VAL A 375 48.35 -7.05 4.80
N ILE A 376 47.17 -6.85 4.20
CA ILE A 376 46.37 -5.66 4.46
C ILE A 376 46.02 -5.57 5.94
N THR A 377 45.63 -6.69 6.54
CA THR A 377 45.19 -6.67 7.94
C THR A 377 46.33 -6.23 8.86
N GLU A 378 47.52 -6.80 8.67
CA GLU A 378 48.66 -6.44 9.50
C GLU A 378 49.00 -4.97 9.39
N ASN A 379 48.96 -4.43 8.16
CA ASN A 379 49.20 -3.00 7.99
C ASN A 379 48.20 -2.18 8.77
N VAL A 380 46.92 -2.57 8.73
CA VAL A 380 45.88 -1.84 9.44
C VAL A 380 46.17 -1.84 10.94
N LEU A 381 46.48 -3.01 11.49
CA LEU A 381 46.72 -3.10 12.94
C LEU A 381 47.94 -2.27 13.35
N ASN A 382 48.98 -2.26 12.52
CA ASN A 382 50.21 -1.54 12.82
C ASN A 382 50.17 -0.08 12.39
N ASP A 383 49.01 0.42 11.96
CA ASP A 383 48.82 1.83 11.60
C ASP A 383 49.66 2.26 10.41
N ARG A 384 49.93 1.34 9.48
CA ARG A 384 50.65 1.66 8.25
C ARG A 384 49.64 1.93 7.12
N MET A 385 48.88 3.01 7.31
CA MET A 385 47.73 3.30 6.47
C MET A 385 48.12 3.72 5.05
N ASP A 386 49.33 4.26 4.84
CA ASP A 386 49.70 4.59 3.47
C ASP A 386 49.81 3.35 2.59
N LEU A 387 50.03 2.18 3.19
CA LEU A 387 50.11 0.94 2.41
C LEU A 387 48.74 0.29 2.14
N VAL A 388 47.64 0.88 2.61
CA VAL A 388 46.31 0.36 2.29
C VAL A 388 45.57 1.30 1.34
N SER A 389 46.26 2.26 0.73
CA SER A 389 45.71 3.12 -0.30
C SER A 389 46.64 3.09 -1.50
N PRO A 390 46.09 2.98 -2.72
CA PRO A 390 46.95 2.83 -3.91
C PRO A 390 47.57 4.15 -4.35
N GLU A 391 48.66 4.00 -5.11
CA GLU A 391 49.39 5.11 -5.69
C GLU A 391 49.58 4.92 -7.20
N THR A 392 48.83 4.00 -7.81
CA THR A 392 48.81 3.87 -9.26
C THR A 392 47.43 3.42 -9.70
N LEU A 393 47.24 3.26 -11.06
CA LEU A 393 45.96 2.77 -11.58
C LEU A 393 46.05 1.27 -11.86
N PRO A 394 44.93 0.54 -11.73
CA PRO A 394 44.90 -0.83 -12.24
C PRO A 394 44.81 -0.83 -13.76
N SER A 395 45.29 -1.93 -14.36
CA SER A 395 45.13 -2.13 -15.80
C SER A 395 43.73 -2.66 -16.09
N VAL A 396 43.10 -2.18 -17.18
CA VAL A 396 41.67 -2.31 -17.40
C VAL A 396 41.37 -3.10 -18.68
N CYS A 397 40.36 -3.98 -18.63
CA CYS A 397 39.93 -4.73 -19.80
C CYS A 397 39.29 -3.81 -20.85
N ASN A 398 39.67 -3.99 -22.13
CA ASN A 398 39.11 -3.19 -23.20
C ASN A 398 37.70 -3.61 -23.61
N MET A 399 37.15 -4.66 -22.98
CA MET A 399 35.75 -5.01 -23.21
C MET A 399 34.92 -4.63 -21.99
N SER A 400 35.12 -5.31 -20.84
CA SER A 400 34.26 -5.10 -19.69
C SER A 400 34.50 -3.78 -18.98
N GLN A 401 35.64 -3.11 -19.20
CA GLN A 401 36.02 -1.87 -18.53
C GLN A 401 36.29 -2.08 -17.03
N ILE A 402 36.53 -3.32 -16.65
CA ILE A 402 36.84 -3.69 -15.25
C ILE A 402 38.29 -4.16 -15.23
N PRO A 403 39.06 -3.87 -14.17
CA PRO A 403 40.49 -4.21 -14.17
C PRO A 403 40.80 -5.69 -14.37
N LEU A 404 42.02 -5.93 -14.84
CA LEU A 404 42.51 -7.27 -15.13
C LEU A 404 42.98 -7.94 -13.85
N VAL A 405 42.37 -9.07 -13.50
CA VAL A 405 42.63 -9.73 -12.23
C VAL A 405 42.95 -11.20 -12.46
N GLY A 406 43.34 -11.87 -11.38
CA GLY A 406 43.53 -13.30 -11.40
C GLY A 406 43.43 -13.83 -9.99
N VAL A 407 44.05 -14.99 -9.76
CA VAL A 407 43.99 -15.66 -8.46
C VAL A 407 45.30 -15.35 -7.75
N PRO A 408 45.28 -14.75 -6.56
CA PRO A 408 46.51 -14.42 -5.86
C PRO A 408 46.98 -15.55 -4.96
N GLY A 409 48.11 -15.37 -4.28
CA GLY A 409 48.47 -16.26 -3.20
C GLY A 409 49.21 -17.53 -3.58
N ASP A 410 48.87 -18.64 -2.93
CA ASP A 410 49.74 -19.82 -2.98
C ASP A 410 49.81 -20.45 -4.37
N ASP A 411 48.74 -20.41 -5.16
CA ASP A 411 48.82 -20.91 -6.53
C ASP A 411 48.46 -19.78 -7.51
N TRP A 412 49.19 -18.68 -7.38
CA TRP A 412 49.07 -17.50 -8.22
C TRP A 412 48.91 -17.88 -9.69
N ASN A 413 47.87 -17.31 -10.32
CA ASN A 413 47.72 -17.46 -11.76
C ASN A 413 46.94 -16.27 -12.28
N ILE A 414 47.50 -15.54 -13.23
CA ILE A 414 46.84 -14.40 -13.83
C ILE A 414 47.17 -14.39 -15.32
N GLU A 415 46.16 -14.13 -16.14
CA GLU A 415 46.37 -14.11 -17.59
C GLU A 415 45.61 -12.98 -18.24
N VAL A 416 46.29 -12.25 -19.12
CA VAL A 416 45.72 -11.18 -19.94
C VAL A 416 45.69 -11.67 -21.38
N PHE A 417 44.56 -11.43 -22.06
CA PHE A 417 44.39 -11.89 -23.44
C PHE A 417 44.44 -10.68 -24.35
N SER A 418 45.51 -10.56 -25.13
CA SER A 418 45.81 -9.33 -25.85
C SER A 418 45.63 -9.49 -27.36
N LEU A 419 45.65 -8.35 -28.05
CA LEU A 419 45.27 -8.28 -29.46
C LEU A 419 45.81 -7.00 -30.07
N GLU A 420 46.64 -7.14 -31.11
CA GLU A 420 47.02 -6.02 -31.96
C GLU A 420 45.95 -5.88 -33.04
N HIS A 421 45.43 -4.67 -33.20
CA HIS A 421 44.37 -4.44 -34.20
C HIS A 421 44.43 -3.00 -34.66
N ASN A 422 44.61 -2.79 -35.96
CA ASN A 422 44.64 -1.45 -36.56
C ASN A 422 45.59 -0.51 -35.82
N GLY A 423 46.82 -1.00 -35.61
CA GLY A 423 47.85 -0.18 -34.98
C GLY A 423 47.61 0.14 -33.52
N ARG A 424 46.89 -0.70 -32.80
CA ARG A 424 46.61 -0.45 -31.40
C ARG A 424 46.67 -1.76 -30.64
N LEU A 425 47.17 -1.72 -29.39
CA LEU A 425 47.27 -2.90 -28.53
C LEU A 425 46.14 -2.89 -27.52
N TYR A 426 45.27 -3.90 -27.58
CA TYR A 426 44.16 -4.06 -26.65
C TYR A 426 44.47 -5.21 -25.69
N HIS A 427 43.94 -5.10 -24.47
CA HIS A 427 44.12 -6.14 -23.47
C HIS A 427 42.74 -6.53 -22.94
N PHE A 428 42.52 -7.84 -22.79
CA PHE A 428 41.22 -8.35 -22.35
C PHE A 428 41.37 -9.26 -21.15
N GLY A 429 40.35 -9.29 -20.32
CA GLY A 429 40.39 -10.03 -19.08
C GLY A 429 40.03 -11.50 -19.17
N SER A 430 39.70 -12.00 -20.36
CA SER A 430 39.34 -13.39 -20.56
C SER A 430 39.38 -13.67 -22.05
N GLU A 431 39.49 -14.96 -22.38
CA GLU A 431 39.33 -15.39 -23.78
C GLU A 431 38.00 -14.93 -24.35
N VAL A 432 36.93 -15.00 -23.55
CA VAL A 432 35.61 -14.68 -24.08
C VAL A 432 35.50 -13.18 -24.37
N ASP A 433 36.10 -12.33 -23.53
CA ASP A 433 36.01 -10.90 -23.77
C ASP A 433 36.69 -10.52 -25.08
N ARG A 434 37.87 -11.10 -25.35
CA ARG A 434 38.51 -10.91 -26.65
C ARG A 434 37.64 -11.44 -27.80
N TRP A 435 37.03 -12.61 -27.62
CA TRP A 435 36.14 -13.16 -28.64
C TRP A 435 34.96 -12.23 -28.94
N VAL A 436 34.37 -11.65 -27.89
CA VAL A 436 33.28 -10.70 -28.07
C VAL A 436 33.72 -9.53 -28.95
N PHE A 437 34.87 -8.95 -28.63
CA PHE A 437 35.46 -7.90 -29.48
C PHE A 437 35.52 -8.34 -30.94
N GLN A 438 36.03 -9.55 -31.17
CA GLN A 438 36.22 -10.05 -32.53
C GLN A 438 34.89 -10.32 -33.24
N GLN A 439 33.79 -10.51 -32.50
CA GLN A 439 32.49 -10.73 -33.16
C GLN A 439 31.99 -9.48 -33.86
N ASP A 440 32.43 -8.29 -33.42
CA ASP A 440 31.91 -7.05 -33.97
C ASP A 440 32.90 -5.91 -33.72
N PRO A 441 34.05 -5.92 -34.39
CA PRO A 441 35.09 -4.91 -34.09
C PRO A 441 34.63 -3.48 -34.31
N VAL A 442 33.75 -3.22 -35.27
CA VAL A 442 33.31 -1.84 -35.51
C VAL A 442 32.58 -1.28 -34.30
N GLN A 443 31.90 -2.13 -33.52
CA GLN A 443 31.22 -1.66 -32.31
C GLN A 443 32.22 -1.13 -31.29
N TYR A 444 33.46 -1.65 -31.27
CA TYR A 444 34.36 -1.44 -30.13
C TYR A 444 35.72 -0.82 -30.45
N GLN A 445 36.20 -0.89 -31.69
CA GLN A 445 37.64 -0.75 -31.91
C GLN A 445 38.18 0.64 -31.55
N ASN A 446 37.38 1.69 -31.69
CA ASN A 446 37.88 3.03 -31.41
C ASN A 446 37.45 3.54 -30.02
N HIS A 447 36.86 2.69 -29.19
CA HIS A 447 36.58 3.06 -27.82
C HIS A 447 37.88 3.00 -27.01
N MET A 448 38.05 3.96 -26.09
CA MET A 448 39.24 4.02 -25.24
C MET A 448 38.81 3.81 -23.80
N ASN A 449 39.38 2.80 -23.13
CA ASN A 449 39.00 2.66 -21.74
C ASN A 449 39.69 3.75 -20.90
N ILE A 450 39.32 3.83 -19.63
CA ILE A 450 39.70 5.00 -18.83
C ILE A 450 41.22 5.08 -18.68
N VAL A 451 41.92 3.94 -18.61
CA VAL A 451 43.39 4.01 -18.55
C VAL A 451 43.99 4.34 -19.93
N ASP A 452 43.35 3.91 -21.03
CA ASP A 452 43.76 4.39 -22.34
C ASP A 452 43.72 5.91 -22.41
N ARG A 453 42.67 6.52 -21.85
CA ARG A 453 42.54 7.97 -21.83
C ARG A 453 43.61 8.60 -20.94
N PHE A 454 43.83 8.01 -19.77
CA PHE A 454 44.86 8.48 -18.86
C PHE A 454 46.22 8.55 -19.56
N LEU A 455 46.56 7.50 -20.32
CA LEU A 455 47.85 7.43 -21.01
C LEU A 455 47.90 8.30 -22.27
N ALA A 456 46.74 8.71 -22.80
CA ALA A 456 46.70 9.49 -24.02
C ALA A 456 46.58 10.99 -23.77
N GLY A 457 46.57 11.44 -22.52
CA GLY A 457 46.52 12.86 -22.22
C GLY A 457 45.14 13.44 -21.98
N GLN A 458 44.09 12.62 -22.02
CA GLN A 458 42.73 13.13 -21.82
C GLN A 458 42.35 13.33 -20.36
N ILE A 459 43.19 12.91 -19.40
CA ILE A 459 42.89 13.07 -17.98
C ILE A 459 43.95 14.00 -17.39
N GLN A 460 43.56 15.25 -17.14
CA GLN A 460 44.47 16.26 -16.61
C GLN A 460 44.04 16.75 -15.24
N PRO A 461 44.97 16.81 -14.27
CA PRO A 461 46.35 16.32 -14.44
C PRO A 461 46.43 14.80 -14.48
N MET A 462 47.53 14.28 -15.04
CA MET A 462 47.73 12.85 -15.16
C MET A 462 48.22 12.28 -13.83
N THR A 463 47.30 12.24 -12.88
CA THR A 463 47.56 11.80 -11.51
C THR A 463 46.34 11.04 -11.02
N LEU A 464 46.47 10.41 -9.85
CA LEU A 464 45.30 9.74 -9.29
C LEU A 464 44.27 10.76 -8.80
N GLU A 465 44.70 11.88 -8.24
CA GLU A 465 43.71 12.91 -7.91
C GLU A 465 43.05 13.46 -9.16
N GLY A 466 43.82 13.67 -10.24
CA GLY A 466 43.22 14.11 -11.50
C GLY A 466 42.22 13.11 -12.05
N ALA A 467 42.52 11.81 -11.92
CA ALA A 467 41.58 10.79 -12.38
C ALA A 467 40.30 10.82 -11.55
N LEU A 468 40.43 11.01 -10.23
CA LEU A 468 39.25 11.09 -9.37
C LEU A 468 38.36 12.27 -9.75
N LYS A 469 38.97 13.41 -10.10
CA LYS A 469 38.16 14.54 -10.54
C LYS A 469 37.56 14.28 -11.92
N TYR A 470 38.32 13.66 -12.82
CA TYR A 470 37.77 13.23 -14.11
C TYR A 470 36.56 12.31 -13.92
N MET A 471 36.60 11.44 -12.91
CA MET A 471 35.50 10.52 -12.62
C MET A 471 34.28 11.20 -12.01
N GLY A 472 34.36 12.50 -11.71
CA GLY A 472 33.20 13.27 -11.33
C GLY A 472 32.98 13.48 -9.86
N PHE A 473 33.92 13.09 -9.01
CA PHE A 473 33.76 13.34 -7.60
C PHE A 473 33.87 14.84 -7.35
N GLN A 474 32.81 15.42 -6.78
CA GLN A 474 32.72 16.86 -6.56
C GLN A 474 33.11 17.28 -5.16
N SER A 475 33.28 16.34 -4.23
CA SER A 475 33.74 16.68 -2.89
C SER A 475 34.39 15.47 -2.26
N ILE A 476 35.22 15.72 -1.25
CA ILE A 476 35.93 14.66 -0.54
C ILE A 476 34.98 13.66 0.11
N GLU A 477 33.77 14.10 0.50
CA GLU A 477 32.84 13.20 1.16
C GLU A 477 32.24 12.16 0.23
N GLU A 478 32.26 12.42 -1.08
CA GLU A 478 31.64 11.49 -2.02
C GLU A 478 32.47 10.25 -2.30
N MET A 479 33.78 10.27 -2.04
CA MET A 479 34.63 9.14 -2.40
C MET A 479 34.55 8.03 -1.35
N GLY A 480 34.64 6.79 -1.81
CA GLY A 480 34.40 5.66 -0.93
C GLY A 480 35.49 5.51 0.13
N LYS A 481 35.07 5.02 1.29
CA LYS A 481 35.96 4.71 2.40
C LYS A 481 35.60 3.34 2.93
N ASP A 482 36.45 2.79 3.81
CA ASP A 482 36.10 1.52 4.43
C ASP A 482 34.78 1.66 5.19
N ALA A 483 33.88 0.70 4.99
CA ALA A 483 32.52 0.83 5.50
C ALA A 483 32.47 0.91 7.03
N HIS A 484 33.37 0.21 7.72
CA HIS A 484 33.36 0.12 9.17
C HIS A 484 34.52 0.88 9.81
N ASP A 485 35.21 1.73 9.05
CA ASP A 485 36.39 2.43 9.52
C ASP A 485 37.40 1.46 10.13
N PHE A 486 37.62 0.34 9.44
CA PHE A 486 38.64 -0.65 9.78
C PHE A 486 38.38 -1.33 11.13
N ALA A 487 37.19 -1.18 11.70
CA ALA A 487 36.85 -1.89 12.93
C ALA A 487 37.02 -3.40 12.79
N TRP A 488 36.84 -3.92 11.58
CA TRP A 488 36.97 -5.36 11.35
C TRP A 488 38.36 -5.88 11.69
N ALA A 489 39.38 -5.02 11.69
CA ALA A 489 40.74 -5.44 12.04
C ALA A 489 40.95 -5.58 13.54
N ASP A 490 40.05 -5.04 14.35
CA ASP A 490 40.09 -5.22 15.79
C ASP A 490 39.32 -6.45 16.25
N SER B 2 43.86 18.86 -3.77
CA SER B 2 42.87 19.05 -2.72
C SER B 2 41.45 18.99 -3.28
N PHE B 3 40.54 18.43 -2.50
CA PHE B 3 39.12 18.38 -2.84
C PHE B 3 38.32 19.35 -1.99
N GLU B 4 37.40 20.07 -2.62
CA GLU B 4 36.50 20.93 -1.87
C GLU B 4 35.64 20.11 -0.92
N SER B 5 35.11 20.78 0.08
CA SER B 5 34.17 20.16 0.99
C SER B 5 32.77 20.66 0.66
N LYS B 6 31.80 19.75 0.74
CA LYS B 6 30.42 20.12 0.48
C LYS B 6 29.52 19.28 1.38
N LYS B 7 28.41 19.85 1.78
CA LYS B 7 27.48 19.18 2.65
C LYS B 7 26.35 18.56 1.83
N PRO B 8 25.56 17.67 2.43
CA PRO B 8 24.46 17.06 1.67
C PRO B 8 23.50 18.11 1.13
N MET B 9 22.92 17.80 -0.02
CA MET B 9 21.93 18.65 -0.66
C MET B 9 20.54 18.05 -0.45
N ARG B 10 19.52 18.92 -0.50
CA ARG B 10 18.15 18.49 -0.28
C ARG B 10 17.57 17.69 -1.45
N THR B 11 18.21 17.72 -2.62
CA THR B 11 17.72 17.07 -3.83
C THR B 11 18.94 16.74 -4.69
N TRP B 12 18.72 16.27 -5.93
CA TRP B 12 19.83 15.99 -6.83
C TRP B 12 20.68 17.23 -7.06
N SER B 13 21.97 17.02 -7.28
CA SER B 13 22.87 18.15 -7.51
C SER B 13 22.36 19.04 -8.65
N HIS B 14 21.76 18.45 -9.69
CA HIS B 14 21.34 19.26 -10.82
C HIS B 14 20.06 20.04 -10.54
N LEU B 15 19.33 19.72 -9.48
CA LEU B 15 18.14 20.48 -9.12
C LEU B 15 18.37 21.40 -7.93
N ALA B 16 19.52 21.28 -7.27
CA ALA B 16 19.75 21.98 -6.01
C ALA B 16 19.72 23.49 -6.17
N GLU B 17 19.96 24.01 -7.37
CA GLU B 17 19.89 25.45 -7.63
C GLU B 17 18.48 25.94 -7.96
N MET B 18 17.47 25.06 -7.95
CA MET B 18 16.09 25.51 -8.11
C MET B 18 15.69 26.49 -7.00
N ARG B 19 14.85 27.46 -7.36
CA ARG B 19 14.17 28.26 -6.34
C ARG B 19 13.16 27.43 -5.59
N LYS B 20 12.22 26.82 -6.32
CA LYS B 20 11.15 26.02 -5.74
C LYS B 20 11.67 24.66 -5.25
N LYS B 21 10.90 24.06 -4.37
CA LYS B 21 11.17 22.69 -3.94
C LYS B 21 10.87 21.73 -5.08
N PRO B 22 11.78 20.80 -5.39
CA PRO B 22 11.55 19.89 -6.53
C PRO B 22 10.29 19.05 -6.35
N SER B 23 9.53 18.90 -7.44
CA SER B 23 8.33 18.09 -7.48
C SER B 23 8.70 16.63 -7.78
N GLU B 24 7.72 15.75 -7.56
CA GLU B 24 7.88 14.35 -7.99
C GLU B 24 8.30 14.29 -9.46
N TYR B 25 7.65 15.08 -10.30
CA TYR B 25 7.98 15.17 -11.73
C TYR B 25 9.44 15.54 -11.93
N ASP B 26 9.90 16.64 -11.31
CA ASP B 26 11.30 17.04 -11.45
C ASP B 26 12.23 15.91 -11.03
N ILE B 27 11.94 15.30 -9.88
CA ILE B 27 12.84 14.32 -9.29
C ILE B 27 13.06 13.14 -10.23
N VAL B 28 11.99 12.62 -10.85
CA VAL B 28 12.07 11.34 -11.56
C VAL B 28 12.16 11.49 -13.06
N SER B 29 12.06 12.72 -13.58
CA SER B 29 11.95 12.91 -15.03
C SER B 29 13.10 13.66 -15.68
N ARG B 30 13.85 14.48 -14.94
CA ARG B 30 14.70 15.49 -15.55
C ARG B 30 16.14 15.03 -15.75
N LYS B 31 16.69 15.36 -16.92
CA LYS B 31 18.11 15.22 -17.25
C LYS B 31 18.58 13.78 -17.07
N LEU B 32 17.91 12.86 -17.77
CA LEU B 32 18.23 11.44 -17.69
C LEU B 32 18.88 10.87 -18.95
N HIS B 33 18.91 11.61 -20.07
CA HIS B 33 19.61 11.13 -21.27
C HIS B 33 21.10 11.44 -21.11
N TYR B 34 21.89 10.46 -20.67
CA TYR B 34 23.34 10.69 -20.66
C TYR B 34 23.91 10.66 -22.06
N SER B 35 23.15 10.21 -23.05
CA SER B 35 23.66 10.12 -24.42
C SER B 35 23.86 11.47 -25.07
N THR B 36 23.51 12.58 -24.40
CA THR B 36 23.74 13.90 -24.95
C THR B 36 24.98 14.57 -24.35
N ASN B 37 25.61 13.93 -23.37
CA ASN B 37 26.75 14.55 -22.67
C ASN B 37 27.95 14.73 -23.58
N ASN B 38 28.27 13.73 -24.39
CA ASN B 38 29.48 13.71 -25.22
C ASN B 38 29.10 13.80 -26.70
N PRO B 39 29.27 14.96 -27.34
CA PRO B 39 28.87 15.09 -28.75
C PRO B 39 29.52 14.06 -29.68
N ASP B 40 30.75 13.66 -29.41
CA ASP B 40 31.46 12.78 -30.34
C ASP B 40 31.12 11.30 -30.12
N SER B 41 30.71 10.93 -28.91
CA SER B 41 30.31 9.56 -28.59
C SER B 41 29.04 9.61 -27.77
N PRO B 42 27.87 9.75 -28.42
CA PRO B 42 26.62 9.63 -27.66
C PRO B 42 26.60 8.40 -26.75
N TRP B 43 26.93 7.25 -27.31
CA TRP B 43 26.91 5.99 -26.57
C TRP B 43 28.34 5.58 -26.24
N GLU B 44 28.48 4.84 -25.14
CA GLU B 44 29.79 4.45 -24.60
C GLU B 44 30.37 3.27 -25.40
N LEU B 45 30.61 3.53 -26.68
CA LEU B 45 31.13 2.54 -27.62
C LEU B 45 32.16 3.22 -28.51
N SER B 46 32.54 2.54 -29.59
CA SER B 46 33.36 3.20 -30.59
C SER B 46 32.63 4.46 -31.06
N PRO B 47 33.31 5.62 -31.13
CA PRO B 47 32.63 6.84 -31.60
C PRO B 47 31.99 6.69 -32.97
N ASP B 48 32.47 5.79 -33.82
CA ASP B 48 31.83 5.57 -35.11
C ASP B 48 31.08 4.23 -35.20
N SER B 49 30.61 3.70 -34.06
CA SER B 49 29.69 2.57 -34.08
C SER B 49 28.43 2.97 -34.85
N PRO B 50 27.72 2.00 -35.43
CA PRO B 50 26.54 2.34 -36.24
C PRO B 50 25.52 3.19 -35.49
N MET B 51 25.22 2.87 -34.23
CA MET B 51 24.22 3.68 -33.53
C MET B 51 24.76 5.05 -33.15
N ASN B 52 26.05 5.17 -32.82
CA ASN B 52 26.61 6.50 -32.61
C ASN B 52 26.52 7.34 -33.88
N LEU B 53 26.82 6.74 -35.04
CA LEU B 53 26.67 7.49 -36.30
C LEU B 53 25.22 7.90 -36.52
N TRP B 54 24.28 7.02 -36.19
CA TRP B 54 22.85 7.33 -36.34
C TRP B 54 22.45 8.51 -35.47
N TYR B 55 22.85 8.51 -34.19
CA TYR B 55 22.47 9.58 -33.28
C TYR B 55 23.17 10.90 -33.60
N LYS B 56 24.45 10.84 -34.00
CA LYS B 56 25.14 12.06 -34.39
C LYS B 56 24.48 12.71 -35.61
N GLN B 57 23.97 11.91 -36.54
CA GLN B 57 23.31 12.48 -37.70
C GLN B 57 21.89 12.95 -37.38
N TYR B 58 21.08 12.05 -36.81
CA TYR B 58 19.64 12.30 -36.73
C TYR B 58 19.20 13.00 -35.44
N ARG B 59 20.05 13.07 -34.42
CA ARG B 59 19.73 13.91 -33.28
C ARG B 59 20.65 15.12 -33.18
N ASN B 60 21.96 14.90 -33.03
CA ASN B 60 22.89 15.99 -32.76
C ASN B 60 22.90 17.00 -33.90
N ALA B 61 22.76 16.54 -35.13
CA ALA B 61 22.86 17.40 -36.30
C ALA B 61 21.52 17.99 -36.73
N SER B 62 20.46 17.79 -35.95
CA SER B 62 19.17 18.32 -36.37
C SER B 62 19.23 19.85 -36.51
N PRO B 63 18.61 20.41 -37.56
CA PRO B 63 18.56 21.88 -37.68
C PRO B 63 17.72 22.57 -36.60
N LEU B 64 16.88 21.81 -35.89
CA LEU B 64 16.19 22.31 -34.71
C LEU B 64 17.14 22.26 -33.52
N LYS B 65 17.48 23.43 -32.96
CA LYS B 65 18.58 23.52 -32.02
C LYS B 65 18.19 24.33 -30.79
N HIS B 66 18.75 23.93 -29.65
CA HIS B 66 18.53 24.61 -28.39
C HIS B 66 19.67 24.25 -27.45
N ASP B 67 20.11 25.23 -26.67
CA ASP B 67 21.21 25.01 -25.72
C ASP B 67 20.79 24.25 -24.47
N ASN B 68 19.49 24.13 -24.20
CA ASN B 68 19.02 23.50 -22.96
C ASN B 68 17.68 22.81 -23.24
N TRP B 69 17.70 21.77 -24.09
CA TRP B 69 16.48 20.99 -24.30
C TRP B 69 15.96 20.41 -22.99
N ASP B 70 16.86 20.08 -22.06
CA ASP B 70 16.48 19.43 -20.82
C ASP B 70 15.56 20.27 -19.96
N ALA B 71 15.53 21.59 -20.18
CA ALA B 71 14.64 22.45 -19.40
C ALA B 71 13.18 22.35 -19.85
N PHE B 72 12.90 21.71 -20.97
CA PHE B 72 11.52 21.49 -21.38
C PHE B 72 10.72 20.89 -20.24
N THR B 73 9.47 21.31 -20.13
CA THR B 73 8.58 20.79 -19.09
C THR B 73 7.24 20.39 -19.71
N ASP B 74 6.84 19.14 -19.48
CA ASP B 74 5.48 18.72 -19.79
C ASP B 74 4.50 19.60 -19.02
N PRO B 75 3.61 20.33 -19.71
CA PRO B 75 2.67 21.20 -18.99
C PRO B 75 1.73 20.43 -18.08
N ASP B 76 1.48 19.15 -18.34
CA ASP B 76 0.69 18.33 -17.44
C ASP B 76 1.53 17.62 -16.39
N GLN B 77 2.86 17.66 -16.51
CA GLN B 77 3.75 17.26 -15.43
C GLN B 77 3.51 15.78 -15.06
N LEU B 78 3.16 14.96 -16.05
CA LEU B 78 2.81 13.57 -15.80
C LEU B 78 4.03 12.70 -15.56
N VAL B 79 3.90 11.77 -14.61
CA VAL B 79 4.86 10.71 -14.37
C VAL B 79 4.11 9.38 -14.55
N TYR B 80 4.85 8.27 -14.55
CA TYR B 80 4.20 6.98 -14.75
C TYR B 80 3.05 6.76 -13.77
N ARG B 81 3.28 7.09 -12.50
CA ARG B 81 2.27 6.84 -11.46
C ARG B 81 0.98 7.61 -11.74
N THR B 82 1.10 8.89 -12.12
CA THR B 82 -0.11 9.70 -12.29
C THR B 82 -0.75 9.46 -13.66
N TYR B 83 0.05 9.07 -14.67
CA TYR B 83 -0.55 8.64 -15.93
C TYR B 83 -1.49 7.45 -15.72
N ASN B 84 -1.03 6.44 -14.97
CA ASN B 84 -1.87 5.26 -14.80
C ASN B 84 -3.12 5.55 -13.97
N LEU B 85 -3.01 6.43 -12.96
CA LEU B 85 -4.17 6.86 -12.19
C LEU B 85 -5.20 7.54 -13.08
N MET B 86 -4.75 8.47 -13.93
CA MET B 86 -5.64 9.18 -14.83
C MET B 86 -6.26 8.24 -15.87
N GLN B 87 -5.44 7.38 -16.49
CA GLN B 87 -5.96 6.54 -17.56
C GLN B 87 -6.75 5.35 -17.02
N ASP B 88 -6.44 4.85 -15.83
CA ASP B 88 -7.30 3.84 -15.25
C ASP B 88 -8.72 4.40 -15.04
N GLY B 89 -8.82 5.65 -14.61
CA GLY B 89 -10.12 6.31 -14.51
C GLY B 89 -10.83 6.44 -15.85
N GLN B 90 -10.12 6.99 -16.86
CA GLN B 90 -10.74 7.19 -18.18
C GLN B 90 -11.03 5.86 -18.86
N GLU B 91 -10.11 4.90 -18.77
CA GLU B 91 -10.33 3.65 -19.48
C GLU B 91 -11.38 2.80 -18.78
N SER B 92 -11.46 2.83 -17.45
CA SER B 92 -12.55 2.11 -16.80
C SER B 92 -13.89 2.76 -17.13
N TYR B 93 -13.89 4.07 -17.39
CA TYR B 93 -15.11 4.73 -17.86
C TYR B 93 -15.51 4.22 -19.24
N VAL B 94 -14.57 4.17 -20.20
CA VAL B 94 -14.86 3.68 -21.55
C VAL B 94 -15.31 2.22 -21.52
N GLN B 95 -14.62 1.39 -20.73
CA GLN B 95 -15.02 -0.02 -20.64
C GLN B 95 -16.41 -0.16 -20.01
N SER B 96 -16.77 0.72 -19.06
CA SER B 96 -18.13 0.70 -18.53
C SER B 96 -19.15 1.11 -19.60
N LEU B 97 -18.81 2.08 -20.46
CA LEU B 97 -19.67 2.42 -21.59
C LEU B 97 -19.87 1.21 -22.51
N PHE B 98 -18.78 0.54 -22.87
CA PHE B 98 -18.90 -0.65 -23.72
C PHE B 98 -19.88 -1.64 -23.10
N ASP B 99 -19.66 -1.98 -21.82
CA ASP B 99 -20.53 -2.91 -21.10
C ASP B 99 -22.01 -2.49 -21.16
N GLN B 100 -22.31 -1.24 -20.79
CA GLN B 100 -23.71 -0.82 -20.69
C GLN B 100 -24.36 -0.69 -22.07
N PHE B 101 -23.64 -0.12 -23.05
CA PHE B 101 -24.24 -0.01 -24.39
C PHE B 101 -24.46 -1.38 -25.00
N ASN B 102 -23.61 -2.35 -24.66
CA ASN B 102 -23.83 -3.72 -25.13
C ASN B 102 -25.06 -4.33 -24.49
N GLU B 103 -25.29 -4.08 -23.19
CA GLU B 103 -26.51 -4.54 -22.54
C GLU B 103 -27.74 -4.05 -23.28
N ARG B 104 -27.70 -2.80 -23.73
CA ARG B 104 -28.80 -2.18 -24.45
C ARG B 104 -28.87 -2.58 -25.92
N GLU B 105 -27.96 -3.43 -26.41
CA GLU B 105 -27.93 -3.83 -27.81
C GLU B 105 -27.91 -2.59 -28.72
N HIS B 106 -27.07 -1.63 -28.33
CA HIS B 106 -26.92 -0.38 -29.09
C HIS B 106 -26.64 -0.64 -30.57
N ASP B 107 -25.79 -1.62 -30.88
CA ASP B 107 -25.35 -1.77 -32.26
C ASP B 107 -26.51 -2.17 -33.19
N GLN B 108 -27.53 -2.84 -32.66
CA GLN B 108 -28.68 -3.25 -33.49
C GLN B 108 -29.49 -2.05 -33.98
N MET B 109 -29.38 -0.90 -33.33
CA MET B 109 -30.30 0.19 -33.58
C MET B 109 -29.68 1.31 -34.41
N VAL B 110 -28.44 1.13 -34.90
CA VAL B 110 -27.87 2.15 -35.77
C VAL B 110 -28.59 2.13 -37.12
N ARG B 111 -28.51 3.26 -37.81
CA ARG B 111 -29.19 3.42 -39.09
C ARG B 111 -28.72 2.36 -40.07
N GLU B 112 -29.64 1.85 -40.87
CA GLU B 112 -29.32 0.79 -41.83
C GLU B 112 -28.14 1.19 -42.71
N GLY B 113 -27.18 0.28 -42.86
CA GLY B 113 -25.97 0.54 -43.61
C GLY B 113 -24.81 1.08 -42.79
N TRP B 114 -25.04 1.54 -41.56
CA TRP B 114 -23.95 2.09 -40.77
C TRP B 114 -22.82 1.08 -40.57
N GLU B 115 -23.15 -0.23 -40.50
CA GLU B 115 -22.11 -1.25 -40.34
C GLU B 115 -21.13 -1.24 -41.51
N HIS B 116 -21.59 -0.91 -42.73
CA HIS B 116 -20.67 -0.88 -43.86
C HIS B 116 -19.79 0.38 -43.81
N THR B 117 -20.34 1.51 -43.37
CA THR B 117 -19.49 2.68 -43.17
C THR B 117 -18.44 2.41 -42.10
N MET B 118 -18.83 1.75 -40.99
CA MET B 118 -17.86 1.37 -39.96
C MET B 118 -16.77 0.46 -40.52
N ALA B 119 -17.17 -0.55 -41.31
CA ALA B 119 -16.20 -1.51 -41.83
C ALA B 119 -15.22 -0.86 -42.78
N ARG B 120 -15.67 0.18 -43.49
CA ARG B 120 -14.81 0.82 -44.48
C ARG B 120 -14.03 1.97 -43.88
N CYS B 121 -14.65 2.80 -43.03
CA CYS B 121 -14.04 4.03 -42.56
C CYS B 121 -13.56 3.99 -41.12
N TYR B 122 -13.93 2.96 -40.35
CA TYR B 122 -13.60 2.96 -38.92
C TYR B 122 -12.65 1.82 -38.55
N SER B 123 -13.01 0.56 -38.80
CA SER B 123 -12.14 -0.52 -38.36
C SER B 123 -10.72 -0.46 -38.93
N PRO B 124 -10.46 -0.02 -40.17
CA PRO B 124 -9.06 0.09 -40.60
C PRO B 124 -8.26 1.15 -39.85
N LEU B 125 -8.88 1.94 -38.97
CA LEU B 125 -8.11 2.88 -38.16
C LEU B 125 -7.07 2.20 -37.27
N ARG B 126 -7.19 0.89 -37.02
CA ARG B 126 -6.14 0.23 -36.24
C ARG B 126 -4.78 0.33 -36.94
N TYR B 127 -4.76 0.34 -38.29
CA TYR B 127 -3.50 0.54 -39.01
C TYR B 127 -2.98 1.96 -38.83
N LEU B 128 -3.86 2.95 -38.97
CA LEU B 128 -3.45 4.35 -38.75
C LEU B 128 -2.95 4.56 -37.33
N PHE B 129 -3.70 4.07 -36.34
CA PHE B 129 -3.28 4.26 -34.95
C PHE B 129 -2.00 3.51 -34.62
N HIS B 130 -1.76 2.35 -35.24
CA HIS B 130 -0.49 1.67 -34.99
C HIS B 130 0.68 2.43 -35.60
N CYS B 131 0.47 3.11 -36.74
CA CYS B 131 1.51 3.97 -37.28
C CYS B 131 1.85 5.09 -36.31
N LEU B 132 0.82 5.69 -35.66
CA LEU B 132 1.07 6.72 -34.67
C LEU B 132 1.83 6.15 -33.48
N GLN B 133 1.52 4.92 -33.11
CA GLN B 133 2.24 4.23 -32.04
C GLN B 133 3.71 4.04 -32.41
N MET B 134 3.98 3.46 -33.60
CA MET B 134 5.35 3.27 -34.06
C MET B 134 6.09 4.61 -34.17
N SER B 135 5.43 5.63 -34.72
CA SER B 135 6.05 6.94 -34.89
C SER B 135 6.35 7.60 -33.55
N SER B 136 5.40 7.56 -32.60
CA SER B 136 5.64 8.12 -31.28
C SER B 136 6.84 7.46 -30.61
N ALA B 137 6.99 6.14 -30.75
CA ALA B 137 8.13 5.45 -30.16
C ALA B 137 9.44 5.91 -30.79
N TYR B 138 9.42 6.26 -32.09
CA TYR B 138 10.63 6.78 -32.71
C TYR B 138 11.01 8.14 -32.10
N VAL B 139 10.04 9.04 -31.97
CA VAL B 139 10.38 10.33 -31.37
C VAL B 139 10.88 10.11 -29.93
N GLN B 140 10.31 9.13 -29.23
CA GLN B 140 10.79 8.80 -27.89
C GLN B 140 12.28 8.56 -27.88
N GLN B 141 12.75 7.64 -28.75
CA GLN B 141 14.13 7.17 -28.67
C GLN B 141 15.14 8.18 -29.21
N MET B 142 14.71 9.16 -30.04
CA MET B 142 15.63 10.15 -30.60
C MET B 142 15.67 11.49 -29.89
N ALA B 143 14.68 11.81 -29.06
CA ALA B 143 14.53 13.17 -28.59
C ALA B 143 15.67 13.54 -27.64
N PRO B 144 16.10 14.81 -27.64
CA PRO B 144 17.33 15.18 -26.92
C PRO B 144 17.15 15.50 -25.45
N ALA B 145 15.99 15.21 -24.85
CA ALA B 145 15.79 15.45 -23.43
C ALA B 145 14.84 14.39 -22.88
N SER B 146 15.08 13.96 -21.65
CA SER B 146 14.22 12.93 -21.07
C SER B 146 12.80 13.44 -20.86
N THR B 147 12.62 14.74 -20.53
CA THR B 147 11.26 15.24 -20.38
C THR B 147 10.50 15.23 -21.70
N ILE B 148 11.18 15.46 -22.83
CA ILE B 148 10.52 15.28 -24.12
C ILE B 148 10.18 13.80 -24.35
N SER B 149 11.17 12.92 -24.24
CA SER B 149 10.92 11.50 -24.48
C SER B 149 9.79 10.94 -23.62
N ASN B 150 9.66 11.38 -22.36
CA ASN B 150 8.60 10.87 -21.49
C ASN B 150 7.22 11.22 -22.07
N CYS B 151 7.05 12.45 -22.56
CA CYS B 151 5.80 12.78 -23.24
C CYS B 151 5.53 11.81 -24.39
N CYS B 152 6.58 11.45 -25.13
CA CYS B 152 6.40 10.52 -26.25
C CYS B 152 6.07 9.12 -25.78
N ILE B 153 6.63 8.68 -24.64
CA ILE B 153 6.27 7.36 -24.11
C ILE B 153 4.77 7.29 -23.84
N LEU B 154 4.24 8.27 -23.12
CA LEU B 154 2.82 8.22 -22.77
C LEU B 154 1.95 8.35 -24.02
N GLN B 155 2.43 9.10 -25.01
CA GLN B 155 1.73 9.21 -26.28
C GLN B 155 1.78 7.89 -27.06
N THR B 156 2.90 7.17 -27.00
CA THR B 156 2.93 5.83 -27.59
C THR B 156 1.87 4.92 -26.95
N ALA B 157 1.81 4.91 -25.61
CA ALA B 157 0.80 4.13 -24.93
C ALA B 157 -0.62 4.55 -25.31
N ASP B 158 -0.87 5.86 -25.41
CA ASP B 158 -2.19 6.34 -25.81
C ASP B 158 -2.55 5.84 -27.22
N SER B 159 -1.57 5.82 -28.13
CA SER B 159 -1.86 5.33 -29.47
C SER B 159 -2.28 3.87 -29.44
N LEU B 160 -1.61 3.06 -28.61
CA LEU B 160 -2.03 1.67 -28.41
C LEU B 160 -3.41 1.59 -27.76
N ARG B 161 -3.71 2.50 -26.81
CA ARG B 161 -5.06 2.58 -26.24
C ARG B 161 -6.11 2.76 -27.34
N TRP B 162 -5.89 3.71 -28.25
CA TRP B 162 -6.85 3.90 -29.35
C TRP B 162 -6.90 2.67 -30.25
N LEU B 163 -5.75 2.07 -30.56
CA LEU B 163 -5.74 0.85 -31.37
C LEU B 163 -6.60 -0.23 -30.71
N THR B 164 -6.50 -0.38 -29.39
CA THR B 164 -7.18 -1.46 -28.71
C THR B 164 -8.69 -1.20 -28.63
N HIS B 165 -9.08 0.05 -28.41
CA HIS B 165 -10.50 0.44 -28.57
C HIS B 165 -11.03 -0.05 -29.91
N THR B 166 -10.30 0.25 -30.98
CA THR B 166 -10.77 -0.04 -32.33
C THR B 166 -10.87 -1.55 -32.55
N ALA B 167 -9.86 -2.29 -32.08
CA ALA B 167 -9.90 -3.75 -32.14
C ALA B 167 -11.12 -4.30 -31.42
N TYR B 168 -11.35 -3.84 -30.20
CA TYR B 168 -12.46 -4.34 -29.42
C TYR B 168 -13.79 -4.06 -30.11
N ARG B 169 -13.95 -2.85 -30.65
CA ARG B 169 -15.25 -2.47 -31.22
C ARG B 169 -15.46 -3.07 -32.61
N THR B 170 -14.38 -3.30 -33.36
CA THR B 170 -14.49 -4.05 -34.61
C THR B 170 -15.03 -5.45 -34.36
N HIS B 171 -14.41 -6.17 -33.43
CA HIS B 171 -14.91 -7.50 -33.09
C HIS B 171 -16.34 -7.44 -32.60
N GLU B 172 -16.62 -6.51 -31.68
CA GLU B 172 -17.96 -6.41 -31.12
C GLU B 172 -18.98 -6.14 -32.20
N LEU B 173 -18.72 -5.16 -33.08
CA LEU B 173 -19.67 -4.87 -34.14
C LEU B 173 -19.90 -6.08 -35.03
N SER B 174 -18.86 -6.88 -35.27
CA SER B 174 -19.02 -8.03 -36.16
C SER B 174 -19.98 -9.08 -35.60
N LEU B 175 -20.21 -9.07 -34.29
CA LEU B 175 -21.15 -10.01 -33.69
C LEU B 175 -22.59 -9.69 -34.06
N THR B 176 -22.92 -8.41 -34.23
CA THR B 176 -24.26 -8.00 -34.70
C THR B 176 -24.37 -7.98 -36.21
N TYR B 177 -23.26 -7.72 -36.90
CA TYR B 177 -23.20 -7.63 -38.37
C TYR B 177 -22.08 -8.51 -38.91
N PRO B 178 -22.32 -9.83 -39.02
CA PRO B 178 -21.25 -10.76 -39.40
C PRO B 178 -20.92 -10.77 -40.89
N ASP B 179 -21.65 -10.03 -41.71
CA ASP B 179 -21.55 -10.10 -43.16
C ASP B 179 -21.07 -8.77 -43.75
N ALA B 180 -20.27 -8.02 -43.01
CA ALA B 180 -19.78 -6.74 -43.48
C ALA B 180 -18.27 -6.71 -43.64
N GLY B 181 -17.57 -7.81 -43.39
CA GLY B 181 -16.12 -7.84 -43.44
C GLY B 181 -15.41 -7.31 -42.22
N LEU B 182 -16.15 -7.01 -41.15
CA LEU B 182 -15.55 -6.45 -39.94
C LEU B 182 -14.55 -7.42 -39.31
N GLY B 183 -13.31 -6.96 -39.17
CA GLY B 183 -12.28 -7.83 -38.63
C GLY B 183 -11.69 -8.79 -39.64
N GLU B 184 -12.05 -8.66 -40.92
CA GLU B 184 -11.56 -9.55 -41.98
C GLU B 184 -10.84 -8.83 -43.11
N HIS B 185 -11.30 -7.62 -43.48
CA HIS B 185 -10.87 -6.96 -44.72
C HIS B 185 -10.08 -5.69 -44.47
N GLU B 186 -9.69 -5.38 -43.22
CA GLU B 186 -9.12 -4.07 -42.93
C GLU B 186 -7.74 -3.91 -43.56
N ARG B 187 -6.91 -4.94 -43.57
CA ARG B 187 -5.62 -4.82 -44.25
C ARG B 187 -5.79 -4.49 -45.72
N GLU B 188 -6.68 -5.22 -46.41
CA GLU B 188 -6.93 -4.94 -47.83
C GLU B 188 -7.42 -3.52 -48.06
N LEU B 189 -8.30 -3.02 -47.19
CA LEU B 189 -8.78 -1.64 -47.31
C LEU B 189 -7.64 -0.66 -47.10
N TRP B 190 -6.86 -0.85 -46.02
CA TRP B 190 -5.70 -0.01 -45.76
C TRP B 190 -4.76 0.03 -46.96
N GLU B 191 -4.58 -1.11 -47.64
CA GLU B 191 -3.60 -1.22 -48.72
C GLU B 191 -4.15 -0.81 -50.08
N LYS B 192 -5.46 -0.99 -50.34
CA LYS B 192 -5.97 -0.78 -51.70
C LYS B 192 -7.09 0.25 -51.84
N GLU B 193 -7.81 0.57 -50.78
CA GLU B 193 -8.97 1.46 -50.92
C GLU B 193 -8.52 2.91 -51.13
N PRO B 194 -9.04 3.62 -52.16
CA PRO B 194 -8.54 4.98 -52.42
C PRO B 194 -8.63 5.91 -51.23
N GLY B 195 -9.66 5.81 -50.39
CA GLY B 195 -9.79 6.73 -49.28
C GLY B 195 -8.74 6.55 -48.19
N TRP B 196 -8.03 5.41 -48.18
CA TRP B 196 -6.96 5.19 -47.23
C TRP B 196 -5.58 5.50 -47.77
N GLN B 197 -5.45 5.74 -49.08
CA GLN B 197 -4.11 5.77 -49.66
C GLN B 197 -3.39 7.07 -49.37
N GLY B 198 -4.12 8.17 -49.21
CA GLY B 198 -3.49 9.40 -48.76
C GLY B 198 -2.88 9.26 -47.37
N LEU B 199 -3.64 8.70 -46.43
CA LEU B 199 -3.11 8.47 -45.09
C LEU B 199 -1.97 7.47 -45.09
N ARG B 200 -2.07 6.40 -45.88
CA ARG B 200 -1.01 5.39 -45.87
C ARG B 200 0.29 5.97 -46.43
N GLU B 201 0.21 6.76 -47.50
CA GLU B 201 1.43 7.35 -48.05
C GLU B 201 2.03 8.37 -47.08
N LEU B 202 1.16 9.20 -46.49
CA LEU B 202 1.60 10.12 -45.45
C LEU B 202 2.39 9.39 -44.37
N MET B 203 1.82 8.31 -43.84
CA MET B 203 2.43 7.66 -42.69
C MET B 203 3.69 6.88 -43.08
N GLU B 204 3.68 6.22 -44.24
CA GLU B 204 4.89 5.53 -44.68
C GLU B 204 6.05 6.50 -44.86
N LYS B 205 5.78 7.69 -45.39
CA LYS B 205 6.84 8.68 -45.53
C LYS B 205 7.20 9.31 -44.19
N GLN B 206 6.20 9.61 -43.36
CA GLN B 206 6.48 10.16 -42.04
C GLN B 206 7.34 9.21 -41.22
N LEU B 207 7.08 7.90 -41.33
CA LEU B 207 7.86 6.91 -40.58
C LEU B 207 9.27 6.76 -41.12
N THR B 208 9.62 7.39 -42.24
CA THR B 208 10.99 7.35 -42.72
C THR B 208 11.68 8.70 -42.63
N ALA B 209 11.07 9.65 -41.91
CA ALA B 209 11.72 10.92 -41.58
C ALA B 209 12.48 10.71 -40.28
N PHE B 210 13.79 10.49 -40.37
CA PHE B 210 14.55 10.03 -39.21
C PHE B 210 15.16 11.16 -38.39
N ASP B 211 15.24 12.38 -38.90
CA ASP B 211 15.66 13.52 -38.07
C ASP B 211 14.68 13.68 -36.92
N TRP B 212 15.19 13.80 -35.69
CA TRP B 212 14.30 13.85 -34.52
C TRP B 212 13.37 15.04 -34.59
N GLY B 213 13.89 16.19 -35.02
CA GLY B 213 13.06 17.38 -35.11
C GLY B 213 12.01 17.26 -36.19
N GLU B 214 12.40 16.79 -37.38
CA GLU B 214 11.41 16.66 -38.43
C GLU B 214 10.37 15.59 -38.06
N ALA B 215 10.79 14.57 -37.31
CA ALA B 215 9.88 13.54 -36.86
C ALA B 215 8.83 14.10 -35.93
N PHE B 216 9.27 14.90 -34.95
CA PHE B 216 8.34 15.53 -34.01
C PHE B 216 7.37 16.46 -34.72
N VAL B 217 7.88 17.34 -35.58
CA VAL B 217 7.02 18.33 -36.24
C VAL B 217 6.04 17.64 -37.17
N SER B 218 6.50 16.71 -38.00
CA SER B 218 5.60 16.03 -38.93
C SER B 218 4.51 15.28 -38.16
N LEU B 219 4.90 14.54 -37.11
CA LEU B 219 3.93 13.72 -36.37
C LEU B 219 2.96 14.58 -35.57
N ASN B 220 3.49 15.47 -34.73
CA ASN B 220 2.67 16.10 -33.69
C ASN B 220 2.08 17.45 -34.09
N LEU B 221 2.69 18.14 -35.05
CA LEU B 221 2.19 19.43 -35.52
C LEU B 221 1.43 19.35 -36.83
N VAL B 222 1.56 18.25 -37.58
CA VAL B 222 0.92 18.12 -38.90
C VAL B 222 -0.03 16.93 -38.93
N VAL B 223 0.50 15.71 -38.76
CA VAL B 223 -0.32 14.51 -38.92
C VAL B 223 -1.41 14.46 -37.86
N LYS B 224 -1.03 14.62 -36.59
CA LYS B 224 -1.98 14.35 -35.52
C LYS B 224 -3.06 15.43 -35.42
N PRO B 225 -2.75 16.73 -35.63
CA PRO B 225 -3.86 17.69 -35.72
C PRO B 225 -4.81 17.43 -36.88
N MET B 226 -4.30 16.93 -38.00
CA MET B 226 -5.17 16.58 -39.12
C MET B 226 -6.15 15.46 -38.74
N ILE B 227 -5.68 14.46 -37.98
CA ILE B 227 -6.56 13.37 -37.58
C ILE B 227 -7.68 13.87 -36.68
N VAL B 228 -7.38 14.81 -35.79
CA VAL B 228 -8.43 15.39 -34.94
C VAL B 228 -9.48 16.09 -35.79
N GLU B 229 -9.05 17.00 -36.67
N GLU B 229 -9.07 17.02 -36.65
CA GLU B 229 -9.97 17.86 -37.39
CA GLU B 229 -10.06 17.86 -37.33
C GLU B 229 -10.72 17.10 -38.48
C GLU B 229 -10.69 17.18 -38.54
N SER B 230 -10.05 16.14 -39.12
CA SER B 230 -10.58 15.53 -40.34
C SER B 230 -10.97 14.05 -40.22
N ILE B 231 -10.68 13.40 -39.09
CA ILE B 231 -11.10 12.01 -38.92
C ILE B 231 -11.98 11.87 -37.69
N PHE B 232 -11.44 12.24 -36.53
CA PHE B 232 -12.19 12.12 -35.27
C PHE B 232 -13.50 12.91 -35.31
N LYS B 233 -13.43 14.22 -35.60
CA LYS B 233 -14.65 14.99 -35.47
C LYS B 233 -15.66 14.66 -36.60
N PRO B 234 -15.24 14.45 -37.87
CA PRO B 234 -16.23 14.02 -38.88
C PRO B 234 -16.86 12.68 -38.57
N LEU B 235 -16.10 11.71 -38.04
CA LEU B 235 -16.70 10.46 -37.61
C LEU B 235 -17.79 10.69 -36.56
N GLN B 236 -17.56 11.61 -35.61
CA GLN B 236 -18.58 11.91 -34.60
C GLN B 236 -19.84 12.48 -35.25
N GLN B 237 -19.67 13.39 -36.21
CA GLN B 237 -20.83 13.96 -36.88
C GLN B 237 -21.58 12.89 -37.68
N GLN B 238 -20.84 12.03 -38.38
CA GLN B 238 -21.47 10.95 -39.14
C GLN B 238 -22.18 9.96 -38.23
N ALA B 239 -21.56 9.62 -37.10
CA ALA B 239 -22.23 8.74 -36.13
C ALA B 239 -23.53 9.35 -35.64
N TRP B 240 -23.56 10.67 -35.45
CA TRP B 240 -24.77 11.31 -34.95
C TRP B 240 -25.89 11.23 -35.98
N GLU B 241 -25.56 11.36 -37.25
CA GLU B 241 -26.57 11.22 -38.30
C GLU B 241 -27.03 9.78 -38.50
N ASN B 242 -26.37 8.80 -37.90
CA ASN B 242 -26.71 7.40 -38.13
C ASN B 242 -27.11 6.69 -36.84
N ASN B 243 -27.48 7.43 -35.80
CA ASN B 243 -27.94 6.85 -34.53
C ASN B 243 -26.91 5.89 -33.91
N ASP B 244 -25.63 6.23 -34.05
CA ASP B 244 -24.55 5.62 -33.27
C ASP B 244 -24.25 6.59 -32.13
N THR B 245 -24.69 6.27 -30.90
CA THR B 245 -24.44 7.16 -29.77
C THR B 245 -23.23 6.75 -28.94
N LEU B 246 -22.68 5.55 -29.19
CA LEU B 246 -21.47 5.12 -28.50
C LEU B 246 -20.23 5.79 -29.08
N LEU B 247 -20.11 5.81 -30.42
CA LEU B 247 -18.88 6.30 -31.04
C LEU B 247 -18.57 7.75 -30.67
N PRO B 248 -19.53 8.69 -30.60
CA PRO B 248 -19.15 10.05 -30.16
C PRO B 248 -18.59 10.10 -28.75
N LEU B 249 -19.10 9.26 -27.83
CA LEU B 249 -18.55 9.24 -26.48
C LEU B 249 -17.16 8.62 -26.46
N LEU B 250 -16.96 7.56 -27.26
CA LEU B 250 -15.63 6.95 -27.32
C LEU B 250 -14.62 7.96 -27.85
N ILE B 251 -14.97 8.62 -28.96
CA ILE B 251 -14.04 9.55 -29.59
C ILE B 251 -13.75 10.73 -28.68
N ASP B 252 -14.75 11.16 -27.91
CA ASP B 252 -14.53 12.21 -26.92
C ASP B 252 -13.44 11.82 -25.93
N SER B 253 -13.40 10.55 -25.52
CA SER B 253 -12.31 10.09 -24.64
C SER B 253 -10.97 10.06 -25.37
N GLN B 254 -10.96 9.59 -26.62
CA GLN B 254 -9.71 9.62 -27.38
C GLN B 254 -9.24 11.05 -27.63
N LEU B 255 -10.17 11.98 -27.82
CA LEU B 255 -9.81 13.37 -28.04
C LEU B 255 -9.17 14.03 -26.82
N LYS B 256 -9.52 13.58 -25.61
CA LYS B 256 -8.81 14.09 -24.42
C LYS B 256 -7.34 13.72 -24.48
N ASP B 257 -7.04 12.49 -24.91
CA ASP B 257 -5.64 12.13 -25.15
C ASP B 257 -5.03 13.03 -26.21
N ALA B 258 -5.77 13.26 -27.30
CA ALA B 258 -5.20 13.99 -28.42
C ALA B 258 -4.91 15.44 -28.05
N GLU B 259 -5.79 16.04 -27.26
CA GLU B 259 -5.57 17.42 -26.82
C GLU B 259 -4.36 17.49 -25.88
N ARG B 260 -4.17 16.46 -25.05
CA ARG B 260 -2.97 16.39 -24.22
C ARG B 260 -1.71 16.31 -25.07
N HIS B 261 -1.74 15.51 -26.14
CA HIS B 261 -0.58 15.45 -27.02
C HIS B 261 -0.29 16.81 -27.62
N SER B 262 -1.33 17.54 -28.03
CA SER B 262 -1.13 18.87 -28.58
C SER B 262 -0.58 19.84 -27.53
N ARG B 263 -1.04 19.73 -26.28
CA ARG B 263 -0.55 20.62 -25.22
C ARG B 263 0.96 20.49 -25.03
N TRP B 264 1.46 19.26 -24.88
CA TRP B 264 2.90 19.15 -24.68
C TRP B 264 3.66 19.51 -25.96
N SER B 265 3.06 19.27 -27.13
CA SER B 265 3.72 19.66 -28.37
C SER B 265 3.88 21.18 -28.44
N LYS B 266 2.83 21.93 -28.08
CA LYS B 266 2.90 23.38 -28.17
C LYS B 266 3.91 23.93 -27.17
N ALA B 267 3.96 23.31 -25.98
CA ALA B 267 4.95 23.69 -24.97
C ALA B 267 6.38 23.46 -25.47
N LEU B 268 6.59 22.39 -26.25
CA LEU B 268 7.92 22.17 -26.83
C LEU B 268 8.21 23.18 -27.93
N VAL B 269 7.21 23.50 -28.77
CA VAL B 269 7.40 24.56 -29.75
C VAL B 269 7.80 25.86 -29.05
N LYS B 270 7.08 26.22 -27.99
CA LYS B 270 7.38 27.46 -27.27
C LYS B 270 8.80 27.45 -26.71
N HIS B 271 9.22 26.31 -26.14
CA HIS B 271 10.59 26.18 -25.67
C HIS B 271 11.60 26.29 -26.82
N ALA B 272 11.28 25.70 -27.97
CA ALA B 272 12.19 25.76 -29.10
C ALA B 272 12.34 27.17 -29.63
N LEU B 273 11.26 27.96 -29.58
CA LEU B 273 11.26 29.29 -30.20
C LEU B 273 11.98 30.34 -29.37
N GLU B 274 12.45 29.99 -28.16
CA GLU B 274 13.41 30.84 -27.47
C GLU B 274 14.67 31.05 -28.30
N ASN B 275 15.00 30.07 -29.16
CA ASN B 275 16.00 30.24 -30.20
C ASN B 275 15.29 30.79 -31.44
N PRO B 276 15.50 32.07 -31.79
CA PRO B 276 14.76 32.65 -32.91
C PRO B 276 14.96 31.91 -34.22
N ASP B 277 16.10 31.22 -34.37
CA ASP B 277 16.35 30.49 -35.60
C ASP B 277 15.34 29.38 -35.83
N ASN B 278 14.72 28.88 -34.77
CA ASN B 278 13.87 27.70 -34.91
C ASN B 278 12.56 27.99 -35.60
N HIS B 279 12.11 29.23 -35.63
CA HIS B 279 10.81 29.51 -36.25
C HIS B 279 10.80 29.11 -37.71
N ALA B 280 11.88 29.41 -38.45
CA ALA B 280 11.92 29.06 -39.86
C ALA B 280 12.08 27.57 -40.08
N VAL B 281 12.80 26.90 -39.18
CA VAL B 281 12.96 25.45 -39.28
C VAL B 281 11.60 24.75 -39.14
N ILE B 282 10.85 25.12 -38.09
CA ILE B 282 9.55 24.49 -37.85
C ILE B 282 8.59 24.81 -38.98
N GLU B 283 8.48 26.10 -39.35
CA GLU B 283 7.58 26.48 -40.43
C GLU B 283 7.94 25.77 -41.71
N GLY B 284 9.24 25.57 -41.97
CA GLY B 284 9.65 24.90 -43.19
C GLY B 284 9.18 23.45 -43.23
N TRP B 285 9.30 22.75 -42.10
CA TRP B 285 8.80 21.39 -42.03
C TRP B 285 7.27 21.35 -42.10
N ILE B 286 6.61 22.29 -41.41
CA ILE B 286 5.16 22.34 -41.46
C ILE B 286 4.68 22.53 -42.90
N GLU B 287 5.32 23.44 -43.65
CA GLU B 287 5.00 23.64 -45.05
C GLU B 287 5.36 22.43 -45.90
N LYS B 288 6.43 21.72 -45.56
CA LYS B 288 6.80 20.54 -46.34
C LYS B 288 5.75 19.44 -46.24
N TRP B 289 5.22 19.20 -45.04
CA TRP B 289 4.35 18.05 -44.83
C TRP B 289 2.86 18.36 -44.99
N ARG B 290 2.47 19.63 -44.96
CA ARG B 290 1.04 19.95 -45.01
C ARG B 290 0.36 19.45 -46.27
N PRO B 291 0.93 19.58 -47.49
CA PRO B 291 0.25 19.03 -48.67
C PRO B 291 -0.10 17.55 -48.57
N LEU B 292 0.83 16.71 -48.10
CA LEU B 292 0.50 15.30 -47.89
C LEU B 292 -0.66 15.13 -46.91
N ALA B 293 -0.63 15.89 -45.80
CA ALA B 293 -1.67 15.74 -44.79
C ALA B 293 -3.02 16.22 -45.33
N ASP B 294 -3.01 17.31 -46.10
CA ASP B 294 -4.24 17.81 -46.70
C ASP B 294 -4.81 16.81 -47.69
N ARG B 295 -3.96 16.23 -48.52
CA ARG B 295 -4.42 15.20 -49.45
C ARG B 295 -4.98 13.99 -48.70
N ALA B 296 -4.34 13.62 -47.57
CA ALA B 296 -4.81 12.48 -46.80
C ALA B 296 -6.23 12.72 -46.28
N ALA B 297 -6.48 13.92 -45.76
CA ALA B 297 -7.80 14.24 -45.22
C ALA B 297 -8.86 14.25 -46.34
N GLU B 298 -8.55 14.88 -47.47
CA GLU B 298 -9.56 15.00 -48.53
C GLU B 298 -9.93 13.62 -49.07
N ALA B 299 -8.96 12.71 -49.17
CA ALA B 299 -9.28 11.38 -49.66
C ALA B 299 -10.11 10.60 -48.63
N TYR B 300 -9.78 10.73 -47.35
CA TYR B 300 -10.56 10.05 -46.32
C TYR B 300 -11.98 10.59 -46.26
N LEU B 301 -12.13 11.91 -46.33
CA LEU B 301 -13.44 12.53 -46.22
C LEU B 301 -14.33 12.21 -47.43
N SER B 302 -13.74 12.05 -48.61
CA SER B 302 -14.53 11.64 -49.77
C SER B 302 -15.07 10.24 -49.57
N MET B 303 -14.28 9.35 -48.99
CA MET B 303 -14.72 7.99 -48.71
C MET B 303 -15.83 7.97 -47.67
N LEU B 304 -15.64 8.73 -46.58
CA LEU B 304 -16.61 8.73 -45.50
C LEU B 304 -17.97 9.21 -45.98
N SER B 305 -18.00 10.24 -46.83
CA SER B 305 -19.26 10.86 -47.22
C SER B 305 -19.95 10.15 -48.37
N SER B 306 -19.36 9.10 -48.94
CA SER B 306 -20.11 8.22 -49.81
C SER B 306 -20.86 7.19 -48.96
N ASP B 307 -21.62 6.32 -49.62
CA ASP B 307 -22.38 5.29 -48.90
C ASP B 307 -22.76 4.14 -49.83
N SER C 2 61.70 10.33 -20.49
CA SER C 2 61.76 9.03 -21.14
C SER C 2 60.81 8.06 -20.47
N ALA C 3 59.59 8.52 -20.21
CA ALA C 3 58.58 7.70 -19.56
C ALA C 3 58.18 6.54 -20.47
N PHE C 4 57.99 5.37 -19.85
CA PHE C 4 57.68 4.14 -20.59
C PHE C 4 56.62 3.37 -19.80
N PRO C 5 55.35 3.43 -20.21
CA PRO C 5 54.32 2.73 -19.45
C PRO C 5 54.30 1.25 -19.79
N VAL C 6 54.20 0.41 -18.75
CA VAL C 6 53.95 -1.02 -18.91
C VAL C 6 52.78 -1.40 -18.01
N HIS C 7 52.20 -2.57 -18.29
CA HIS C 7 51.23 -3.21 -17.41
C HIS C 7 51.90 -4.41 -16.77
N ALA C 8 51.98 -4.44 -15.45
CA ALA C 8 52.80 -5.42 -14.75
C ALA C 8 51.98 -6.25 -13.77
N ALA C 9 52.20 -7.55 -13.78
CA ALA C 9 51.60 -8.48 -12.82
C ALA C 9 52.69 -9.00 -11.91
N PHE C 10 52.56 -8.75 -10.59
CA PHE C 10 53.56 -9.21 -9.64
C PHE C 10 53.17 -10.56 -9.02
N GLU C 11 54.18 -11.44 -8.86
CA GLU C 11 53.95 -12.80 -8.37
C GLU C 11 53.21 -12.80 -7.03
N LYS C 12 52.08 -13.49 -7.00
CA LYS C 12 51.17 -13.73 -5.86
C LYS C 12 50.21 -12.56 -5.62
N ASP C 13 50.27 -11.48 -6.41
CA ASP C 13 49.28 -10.41 -6.34
C ASP C 13 48.00 -10.85 -7.07
N PHE C 14 46.95 -10.03 -6.99
CA PHE C 14 45.66 -10.39 -7.59
C PHE C 14 45.34 -9.65 -8.89
N LEU C 15 46.18 -8.69 -9.33
CA LEU C 15 45.78 -7.89 -10.48
C LEU C 15 47.00 -7.48 -11.28
N VAL C 16 46.72 -6.88 -12.45
CA VAL C 16 47.73 -6.25 -13.30
C VAL C 16 47.60 -4.75 -13.09
N GLN C 17 48.73 -4.03 -13.01
CA GLN C 17 48.73 -2.60 -12.70
C GLN C 17 49.54 -1.80 -13.71
N LEU C 18 49.09 -0.57 -13.97
CA LEU C 18 49.89 0.41 -14.68
C LEU C 18 51.09 0.81 -13.82
N VAL C 19 52.30 0.61 -14.37
CA VAL C 19 53.55 1.08 -13.77
C VAL C 19 54.33 1.80 -14.85
N VAL C 20 54.76 3.03 -14.57
CA VAL C 20 55.56 3.79 -15.53
C VAL C 20 57.03 3.61 -15.17
N VAL C 21 57.81 3.05 -16.09
CA VAL C 21 59.25 2.91 -15.88
C VAL C 21 59.94 3.85 -16.85
N ASP C 22 61.27 3.73 -16.95
CA ASP C 22 62.06 4.57 -17.82
C ASP C 22 62.75 3.72 -18.87
N LEU C 23 62.88 4.30 -20.07
CA LEU C 23 63.48 3.62 -21.20
C LEU C 23 64.84 3.00 -20.86
N ASN C 24 65.59 3.63 -19.96
CA ASN C 24 66.94 3.17 -19.63
C ASN C 24 67.01 2.46 -18.28
N ASP C 25 65.88 2.12 -17.67
CA ASP C 25 65.90 1.27 -16.49
C ASP C 25 66.42 -0.12 -16.82
N SER C 26 67.24 -0.67 -15.93
CA SER C 26 67.55 -2.09 -15.97
C SER C 26 66.33 -2.89 -15.50
N MET C 27 66.37 -4.19 -15.74
CA MET C 27 65.27 -5.03 -15.31
C MET C 27 65.20 -5.13 -13.79
N ASP C 28 66.34 -5.07 -13.11
CA ASP C 28 66.30 -4.99 -11.64
C ASP C 28 65.58 -3.73 -11.20
N GLN C 29 65.83 -2.60 -11.87
CA GLN C 29 65.19 -1.35 -11.49
C GLN C 29 63.71 -1.36 -11.84
N VAL C 30 63.34 -2.01 -12.96
CA VAL C 30 61.93 -2.17 -13.27
C VAL C 30 61.24 -2.99 -12.18
N ALA C 31 61.89 -4.07 -11.76
CA ALA C 31 61.27 -4.95 -10.77
C ALA C 31 61.01 -4.20 -9.47
N GLU C 32 61.92 -3.30 -9.09
CA GLU C 32 61.73 -2.53 -7.85
C GLU C 32 60.59 -1.55 -7.96
N LYS C 33 60.42 -0.91 -9.12
CA LYS C 33 59.31 0.02 -9.32
C LYS C 33 57.96 -0.69 -9.28
N VAL C 34 57.88 -1.91 -9.83
CA VAL C 34 56.65 -2.70 -9.72
C VAL C 34 56.42 -3.11 -8.27
N ALA C 35 57.46 -3.63 -7.62
CA ALA C 35 57.33 -4.12 -6.26
C ALA C 35 56.83 -3.04 -5.32
N TYR C 36 57.22 -1.78 -5.57
CA TYR C 36 56.74 -0.67 -4.77
C TYR C 36 55.23 -0.72 -4.59
N HIS C 37 54.51 -1.13 -5.63
CA HIS C 37 53.05 -1.10 -5.63
C HIS C 37 52.43 -2.42 -5.21
N CYS C 38 53.21 -3.35 -4.67
CA CYS C 38 52.71 -4.70 -4.44
C CYS C 38 53.22 -5.29 -3.13
N VAL C 39 54.54 -5.29 -2.95
CA VAL C 39 55.12 -5.88 -1.74
C VAL C 39 54.77 -5.00 -0.56
N ASN C 40 54.40 -5.64 0.56
CA ASN C 40 53.93 -4.97 1.76
C ASN C 40 52.62 -4.23 1.55
N ARG C 41 51.96 -4.42 0.40
CA ARG C 41 50.61 -3.91 0.19
C ARG C 41 49.61 -5.06 0.14
N ARG C 42 49.85 -6.02 -0.74
CA ARG C 42 49.02 -7.21 -0.85
C ARG C 42 49.87 -8.47 -0.98
N VAL C 43 51.20 -8.32 -1.00
CA VAL C 43 52.11 -9.44 -1.23
C VAL C 43 53.14 -9.44 -0.10
N ALA C 44 53.37 -10.62 0.48
CA ALA C 44 54.33 -10.73 1.58
C ALA C 44 55.76 -10.59 1.08
N PRO C 45 56.63 -9.92 1.82
CA PRO C 45 58.05 -9.85 1.42
C PRO C 45 58.70 -11.21 1.54
N ARG C 46 59.77 -11.41 0.76
CA ARG C 46 60.45 -12.69 0.74
C ARG C 46 61.87 -12.53 0.23
N GLU C 47 62.73 -13.46 0.63
CA GLU C 47 64.06 -13.58 0.06
C GLU C 47 63.98 -13.96 -1.41
N GLY C 48 64.97 -13.53 -2.18
CA GLY C 48 65.10 -13.94 -3.57
C GLY C 48 65.37 -12.76 -4.48
N VAL C 49 65.64 -13.10 -5.74
CA VAL C 49 65.97 -12.12 -6.77
C VAL C 49 64.76 -11.96 -7.68
N MET C 50 64.28 -10.72 -7.79
CA MET C 50 63.14 -10.43 -8.67
C MET C 50 63.60 -10.38 -10.12
N ARG C 51 62.87 -11.04 -11.00
CA ARG C 51 63.16 -11.07 -12.42
C ARG C 51 61.95 -10.57 -13.20
N VAL C 52 62.21 -10.08 -14.41
CA VAL C 52 61.17 -9.57 -15.30
C VAL C 52 61.09 -10.44 -16.54
N ARG C 53 59.86 -10.68 -17.02
CA ARG C 53 59.62 -11.44 -18.25
C ARG C 53 58.42 -10.84 -18.97
N LYS C 54 58.33 -11.08 -20.28
CA LYS C 54 57.09 -10.80 -20.99
C LYS C 54 55.96 -11.66 -20.40
N HIS C 55 54.72 -11.16 -20.47
CA HIS C 55 53.62 -11.80 -19.78
C HIS C 55 53.50 -13.28 -20.14
N ARG C 56 53.67 -14.12 -19.11
CA ARG C 56 53.51 -15.57 -19.18
C ARG C 56 54.52 -16.25 -20.10
N SER C 57 55.60 -15.55 -20.43
CA SER C 57 56.68 -16.10 -21.25
C SER C 57 57.51 -17.09 -20.43
N THR C 58 58.21 -17.98 -21.16
CA THR C 58 59.12 -18.90 -20.50
C THR C 58 60.46 -18.26 -20.18
N GLU C 59 60.86 -17.22 -20.90
CA GLU C 59 62.19 -16.67 -20.82
C GLU C 59 62.21 -15.39 -20.00
N LEU C 60 63.21 -15.26 -19.13
CA LEU C 60 63.42 -14.07 -18.32
C LEU C 60 64.35 -13.09 -19.05
N PHE C 61 64.07 -11.81 -18.90
CA PHE C 61 65.05 -10.81 -19.35
C PHE C 61 66.24 -10.80 -18.42
N PRO C 62 67.45 -10.61 -18.94
CA PRO C 62 68.62 -10.50 -18.06
C PRO C 62 68.50 -9.31 -17.12
N ARG C 63 69.12 -9.45 -15.95
CA ARG C 63 68.93 -8.50 -14.86
C ARG C 63 69.40 -7.10 -15.23
N ASP C 64 70.50 -7.00 -15.98
CA ASP C 64 71.09 -5.71 -16.31
C ASP C 64 70.59 -5.13 -17.62
N MET C 65 69.83 -5.90 -18.39
CA MET C 65 69.30 -5.42 -19.65
C MET C 65 68.34 -4.26 -19.41
N THR C 66 68.36 -3.28 -20.30
CA THR C 66 67.47 -2.15 -20.11
C THR C 66 66.16 -2.33 -20.88
N ILE C 67 65.16 -1.53 -20.50
CA ILE C 67 63.90 -1.51 -21.25
C ILE C 67 64.17 -1.24 -22.72
N ALA C 68 65.04 -0.27 -23.02
CA ALA C 68 65.36 0.06 -24.41
C ALA C 68 65.92 -1.14 -25.16
N GLU C 69 66.78 -1.92 -24.51
CA GLU C 69 67.43 -3.06 -25.15
C GLU C 69 66.51 -4.25 -25.32
N SER C 70 65.43 -4.33 -24.54
CA SER C 70 64.59 -5.51 -24.45
C SER C 70 63.68 -5.70 -25.66
N GLY C 71 63.43 -4.66 -26.44
CA GLY C 71 62.46 -4.76 -27.50
C GLY C 71 61.01 -4.71 -27.04
N LEU C 72 60.75 -4.49 -25.75
CA LEU C 72 59.40 -4.28 -25.26
C LEU C 72 58.82 -3.01 -25.88
N ASN C 73 57.51 -3.05 -26.18
CA ASN C 73 56.80 -1.86 -26.61
C ASN C 73 55.98 -1.28 -25.48
N PRO C 74 55.75 0.03 -25.47
CA PRO C 74 54.92 0.62 -24.41
C PRO C 74 53.56 -0.06 -24.32
N THR C 75 53.09 -0.21 -23.09
CA THR C 75 51.80 -0.79 -22.71
C THR C 75 51.73 -2.29 -22.93
N GLU C 76 52.84 -2.95 -23.25
CA GLU C 76 52.86 -4.41 -23.20
C GLU C 76 52.81 -4.89 -21.74
N VAL C 77 52.38 -6.14 -21.54
CA VAL C 77 52.23 -6.70 -20.20
C VAL C 77 53.51 -7.45 -19.83
N ILE C 78 54.00 -7.24 -18.60
CA ILE C 78 55.14 -7.99 -18.09
C ILE C 78 54.74 -8.65 -16.78
N ASP C 79 55.50 -9.69 -16.41
CA ASP C 79 55.42 -10.32 -15.09
C ASP C 79 56.70 -10.04 -14.33
N VAL C 80 56.57 -9.90 -13.01
CA VAL C 80 57.71 -9.83 -12.08
C VAL C 80 57.60 -11.03 -11.16
N VAL C 81 58.61 -11.91 -11.22
CA VAL C 81 58.58 -13.21 -10.56
C VAL C 81 59.93 -13.45 -9.89
N PHE C 82 59.97 -14.50 -9.07
CA PHE C 82 61.19 -14.93 -8.39
C PHE C 82 61.71 -16.21 -9.03
N GLU C 83 63.03 -16.33 -9.10
CA GLU C 83 63.66 -17.53 -9.64
C GLU C 83 63.78 -18.62 -8.58
N ALA D 2 -17.37 19.67 -17.46
CA ALA D 2 -16.92 20.28 -16.21
C ALA D 2 -17.69 19.70 -15.02
N MET D 3 -17.12 19.78 -13.83
CA MET D 3 -17.74 19.32 -12.59
C MET D 3 -18.01 20.52 -11.68
N HIS D 4 -19.13 20.44 -10.93
CA HIS D 4 -19.43 21.54 -10.01
C HIS D 4 -18.95 21.22 -8.60
N PRO D 5 -18.35 22.20 -7.92
CA PRO D 5 -17.70 21.94 -6.63
C PRO D 5 -18.73 21.66 -5.54
N ARG D 6 -18.27 20.94 -4.50
CA ARG D 6 -19.18 20.42 -3.47
C ARG D 6 -19.95 21.55 -2.80
N LYS D 7 -19.30 22.70 -2.59
CA LYS D 7 -19.96 23.80 -1.90
C LYS D 7 -21.25 24.22 -2.58
N ASP D 8 -21.39 23.96 -3.89
CA ASP D 8 -22.55 24.43 -4.65
C ASP D 8 -23.74 23.47 -4.60
N TRP D 9 -23.53 22.19 -4.28
CA TRP D 9 -24.64 21.25 -4.18
C TRP D 9 -24.72 20.56 -2.82
N TYR D 10 -23.81 20.87 -1.88
CA TYR D 10 -23.82 20.14 -0.61
C TYR D 10 -25.13 20.37 0.16
N GLU D 11 -25.68 21.58 0.11
CA GLU D 11 -26.87 21.84 0.90
C GLU D 11 -28.04 20.96 0.46
N LEU D 12 -28.14 20.66 -0.84
CA LEU D 12 -29.24 19.80 -1.25
C LEU D 12 -29.09 18.39 -0.70
N THR D 13 -27.84 17.91 -0.46
CA THR D 13 -27.70 16.54 0.04
C THR D 13 -28.27 16.39 1.46
N ARG D 14 -28.32 17.47 2.24
CA ARG D 14 -28.88 17.43 3.59
C ARG D 14 -30.19 18.21 3.70
N ALA D 15 -30.81 18.57 2.56
CA ALA D 15 -32.16 19.13 2.56
C ALA D 15 -33.18 17.98 2.53
N THR D 16 -33.31 17.31 3.68
CA THR D 16 -34.10 16.09 3.77
C THR D 16 -35.12 16.08 4.91
N ASN D 17 -35.17 17.10 5.76
CA ASN D 17 -36.25 17.18 6.71
C ASN D 17 -37.56 17.55 6.02
N TRP D 18 -38.66 16.97 6.51
CA TRP D 18 -39.99 17.33 6.02
C TRP D 18 -40.97 17.21 7.18
N THR D 19 -42.13 17.83 7.00
CA THR D 19 -43.16 17.88 8.04
C THR D 19 -44.09 16.68 7.88
N PRO D 20 -44.06 15.71 8.80
CA PRO D 20 -44.89 14.52 8.61
C PRO D 20 -46.38 14.85 8.74
N SER D 21 -47.19 14.09 8.01
CA SER D 21 -48.63 14.33 7.93
C SER D 21 -49.46 13.08 8.18
N TYR D 22 -48.92 11.91 7.86
CA TYR D 22 -49.63 10.65 7.94
C TYR D 22 -49.28 9.88 9.21
N VAL D 23 -48.18 10.28 9.87
CA VAL D 23 -47.85 9.96 11.26
C VAL D 23 -47.43 11.28 11.91
N THR D 24 -47.40 11.30 13.24
CA THR D 24 -46.95 12.52 13.90
C THR D 24 -45.43 12.58 13.93
N GLU D 25 -44.92 13.80 14.19
CA GLU D 25 -43.48 13.98 14.30
C GLU D 25 -42.90 13.10 15.39
N GLU D 26 -43.62 12.93 16.50
CA GLU D 26 -43.13 12.13 17.62
C GLU D 26 -43.23 10.64 17.34
N GLN D 27 -44.18 10.22 16.49
CA GLN D 27 -44.21 8.82 16.02
C GLN D 27 -43.00 8.52 15.14
N LEU D 28 -42.65 9.47 14.27
CA LEU D 28 -41.52 9.28 13.35
C LEU D 28 -40.18 9.37 14.08
N PHE D 29 -40.08 10.21 15.11
CA PHE D 29 -38.87 10.39 15.89
C PHE D 29 -39.19 10.24 17.38
N PRO D 30 -39.46 9.03 17.85
CA PRO D 30 -39.85 8.86 19.25
C PRO D 30 -38.70 9.19 20.18
N GLU D 31 -39.02 9.89 21.28
CA GLU D 31 -37.97 10.42 22.14
C GLU D 31 -37.05 9.33 22.68
N ARG D 32 -37.58 8.12 22.95
CA ARG D 32 -36.74 7.09 23.53
C ARG D 32 -35.65 6.62 22.55
N MET D 33 -35.86 6.76 21.24
CA MET D 33 -34.82 6.41 20.28
C MET D 33 -34.10 7.63 19.70
N SER D 34 -34.75 8.79 19.70
CA SER D 34 -34.24 10.01 19.06
C SER D 34 -33.55 10.96 20.05
N GLY D 35 -34.11 11.14 21.24
CA GLY D 35 -33.46 11.95 22.26
C GLY D 35 -33.42 13.44 21.96
N HIS D 36 -34.37 13.95 21.17
CA HIS D 36 -34.43 15.36 20.78
C HIS D 36 -34.82 16.28 21.93
N MET D 37 -35.18 15.73 23.09
CA MET D 37 -35.49 16.51 24.28
C MET D 37 -36.58 17.56 24.03
N GLY D 38 -37.50 17.25 23.13
CA GLY D 38 -38.59 18.17 22.83
C GLY D 38 -38.22 19.30 21.90
N ILE D 39 -36.97 19.38 21.44
CA ILE D 39 -36.55 20.44 20.51
C ILE D 39 -37.20 20.17 19.16
N PRO D 40 -37.95 21.11 18.60
CA PRO D 40 -38.74 20.81 17.39
C PRO D 40 -37.89 20.64 16.14
N LEU D 41 -38.44 19.90 15.18
CA LEU D 41 -37.78 19.61 13.91
C LEU D 41 -37.00 20.79 13.33
N GLU D 42 -37.66 21.95 13.21
CA GLU D 42 -37.05 23.08 12.51
C GLU D 42 -35.74 23.52 13.14
N LYS D 43 -35.59 23.39 14.47
CA LYS D 43 -34.36 23.82 15.13
C LYS D 43 -33.17 22.96 14.74
N TRP D 44 -33.40 21.69 14.41
CA TRP D 44 -32.29 20.81 14.09
C TRP D 44 -31.69 21.09 12.71
N GLU D 45 -32.36 21.88 11.88
CA GLU D 45 -31.84 22.15 10.55
C GLU D 45 -30.62 23.07 10.58
N SER D 46 -30.35 23.74 11.69
CA SER D 46 -29.13 24.52 11.76
C SER D 46 -27.90 23.67 12.09
N TYR D 47 -28.06 22.37 12.36
CA TYR D 47 -26.91 21.48 12.56
C TYR D 47 -25.98 21.52 11.35
N ASP D 48 -24.70 21.80 11.59
CA ASP D 48 -23.74 21.92 10.49
C ASP D 48 -22.46 21.15 10.82
N GLU D 49 -22.37 19.93 10.32
CA GLU D 49 -21.20 19.08 10.51
C GLU D 49 -19.94 19.79 9.99
N PRO D 50 -18.91 19.97 10.82
CA PRO D 50 -17.71 20.69 10.36
C PRO D 50 -16.72 19.84 9.57
N TYR D 51 -16.87 18.52 9.54
CA TYR D 51 -15.95 17.63 8.83
C TYR D 51 -16.77 16.89 7.78
N LYS D 52 -16.93 17.51 6.62
CA LYS D 52 -17.87 16.99 5.62
C LYS D 52 -17.22 15.95 4.71
N THR D 53 -18.07 15.11 4.12
CA THR D 53 -17.68 14.24 3.02
C THR D 53 -18.95 13.97 2.20
N SER D 54 -18.77 13.33 1.05
CA SER D 54 -19.90 12.98 0.20
C SER D 54 -19.58 11.66 -0.48
N TYR D 55 -20.61 11.02 -1.01
CA TYR D 55 -20.46 9.62 -1.45
C TYR D 55 -19.33 9.39 -2.44
N PRO D 56 -19.21 10.12 -3.57
CA PRO D 56 -18.09 9.81 -4.50
C PRO D 56 -16.73 9.93 -3.85
N GLU D 57 -16.48 11.00 -3.09
CA GLU D 57 -15.15 11.12 -2.50
C GLU D 57 -14.95 10.14 -1.36
N TYR D 58 -16.03 9.74 -0.67
CA TYR D 58 -15.89 8.76 0.42
C TYR D 58 -15.37 7.44 -0.11
N VAL D 59 -16.01 6.88 -1.15
CA VAL D 59 -15.58 5.55 -1.60
C VAL D 59 -14.20 5.61 -2.23
N SER D 60 -13.86 6.74 -2.87
CA SER D 60 -12.55 6.90 -3.48
C SER D 60 -11.45 6.92 -2.44
N ILE D 61 -11.63 7.75 -1.41
CA ILE D 61 -10.58 7.92 -0.42
C ILE D 61 -10.47 6.69 0.48
N GLN D 62 -11.62 6.08 0.81
CA GLN D 62 -11.58 4.88 1.66
C GLN D 62 -10.96 3.70 0.91
N ARG D 63 -11.16 3.62 -0.40
CA ARG D 63 -10.43 2.61 -1.19
C ARG D 63 -8.92 2.78 -1.01
N GLU D 64 -8.45 4.03 -1.05
CA GLU D 64 -7.02 4.31 -0.92
C GLU D 64 -6.52 3.97 0.48
N LYS D 65 -7.31 4.24 1.52
CA LYS D 65 -6.87 3.97 2.88
C LYS D 65 -6.67 2.47 3.10
N ASP D 66 -7.65 1.65 2.68
CA ASP D 66 -7.51 0.21 2.85
C ASP D 66 -6.38 -0.35 1.99
N ALA D 67 -6.20 0.18 0.77
CA ALA D 67 -5.13 -0.34 -0.07
C ALA D 67 -3.79 -0.24 0.64
N GLY D 68 -3.57 0.87 1.34
CA GLY D 68 -2.32 1.03 2.09
C GLY D 68 -2.26 0.13 3.32
N ALA D 69 -3.34 0.07 4.10
CA ALA D 69 -3.29 -0.76 5.30
C ALA D 69 -3.01 -2.22 4.96
N TYR D 70 -3.69 -2.76 3.93
CA TYR D 70 -3.49 -4.15 3.54
C TYR D 70 -2.15 -4.39 2.86
N SER D 71 -1.65 -3.42 2.09
CA SER D 71 -0.34 -3.59 1.44
C SER D 71 0.78 -3.67 2.46
N VAL D 72 0.70 -2.88 3.53
CA VAL D 72 1.73 -2.92 4.55
C VAL D 72 1.72 -4.26 5.28
N LYS D 73 0.53 -4.73 5.68
CA LYS D 73 0.41 -6.04 6.31
C LYS D 73 1.04 -7.13 5.44
N ALA D 74 0.71 -7.12 4.14
CA ALA D 74 1.22 -8.13 3.23
C ALA D 74 2.74 -8.07 3.11
N ALA D 75 3.31 -6.86 3.01
CA ALA D 75 4.76 -6.75 2.83
C ALA D 75 5.54 -7.15 4.07
N LEU D 76 4.92 -7.14 5.25
CA LEU D 76 5.64 -7.40 6.48
C LEU D 76 5.30 -8.75 7.09
N GLU D 77 4.65 -9.65 6.32
CA GLU D 77 4.25 -10.92 6.92
C GLU D 77 5.43 -11.71 7.45
N ARG D 78 6.61 -11.53 6.87
CA ARG D 78 7.81 -12.30 7.22
C ARG D 78 8.79 -11.52 8.10
N ALA D 79 8.34 -10.41 8.69
CA ALA D 79 9.17 -9.60 9.58
C ALA D 79 9.38 -10.23 10.96
N LYS D 80 8.77 -11.39 11.24
CA LYS D 80 9.00 -12.16 12.47
C LYS D 80 8.53 -11.41 13.71
N ILE D 81 7.48 -10.59 13.58
CA ILE D 81 6.96 -9.88 14.74
C ILE D 81 6.45 -10.85 15.79
N TYR D 82 5.68 -11.86 15.38
CA TYR D 82 5.17 -12.82 16.36
C TYR D 82 6.31 -13.60 16.99
N GLU D 83 7.29 -14.03 16.19
CA GLU D 83 8.37 -14.85 16.71
C GLU D 83 9.33 -14.04 17.59
N ASN D 84 9.61 -12.79 17.21
CA ASN D 84 10.71 -12.05 17.82
C ASN D 84 10.30 -10.98 18.81
N SER D 85 9.03 -10.57 18.84
CA SER D 85 8.63 -9.53 19.78
C SER D 85 8.70 -10.04 21.22
N ASP D 86 8.87 -9.10 22.13
CA ASP D 86 8.74 -9.42 23.53
C ASP D 86 7.34 -10.00 23.77
N PRO D 87 7.20 -11.02 24.61
CA PRO D 87 5.88 -11.61 24.83
C PRO D 87 4.84 -10.63 25.35
N GLY D 88 5.28 -9.57 26.04
CA GLY D 88 4.36 -8.57 26.52
C GLY D 88 3.76 -7.77 25.38
N TRP D 89 4.52 -7.60 24.30
CA TRP D 89 3.97 -6.93 23.13
C TRP D 89 2.91 -7.79 22.45
N ILE D 90 3.15 -9.10 22.33
CA ILE D 90 2.14 -9.99 21.79
C ILE D 90 0.86 -9.95 22.63
N SER D 91 1.02 -9.92 23.96
CA SER D 91 -0.15 -9.83 24.83
C SER D 91 -0.92 -8.53 24.60
N THR D 92 -0.20 -7.42 24.33
CA THR D 92 -0.85 -6.15 23.99
C THR D 92 -1.72 -6.29 22.75
N LEU D 93 -1.23 -6.99 21.73
CA LEU D 93 -2.02 -7.24 20.53
C LEU D 93 -3.27 -8.06 20.86
N LYS D 94 -3.11 -9.12 21.68
CA LYS D 94 -4.24 -10.00 21.99
C LYS D 94 -5.29 -9.23 22.77
N SER D 95 -4.85 -8.43 23.72
CA SER D 95 -5.73 -7.60 24.51
C SER D 95 -6.46 -6.58 23.62
N HIS D 96 -5.73 -5.88 22.76
CA HIS D 96 -6.35 -4.89 21.89
C HIS D 96 -7.41 -5.52 20.99
N TYR D 97 -7.03 -6.53 20.22
CA TYR D 97 -7.98 -7.08 19.24
C TYR D 97 -9.21 -7.68 19.94
N GLY D 98 -9.00 -8.37 21.06
CA GLY D 98 -10.14 -8.92 21.80
C GLY D 98 -11.06 -7.85 22.36
N ALA D 99 -10.48 -6.80 22.95
CA ALA D 99 -11.30 -5.77 23.56
C ALA D 99 -11.96 -4.83 22.56
N ILE D 100 -11.49 -4.80 21.30
CA ILE D 100 -11.83 -3.71 20.37
C ILE D 100 -12.67 -4.20 19.20
N ALA D 101 -12.30 -5.32 18.58
CA ALA D 101 -12.77 -5.62 17.22
C ALA D 101 -14.30 -5.67 17.14
N VAL D 102 -14.92 -6.50 17.99
CA VAL D 102 -16.38 -6.66 17.89
C VAL D 102 -17.10 -5.46 18.52
N GLY D 103 -16.42 -4.68 19.35
CA GLY D 103 -17.01 -3.43 19.81
C GLY D 103 -17.07 -2.38 18.71
N GLU D 104 -16.05 -2.34 17.86
CA GLU D 104 -16.12 -1.51 16.66
C GLU D 104 -17.34 -1.88 15.84
N TYR D 105 -17.59 -3.18 15.68
CA TYR D 105 -18.76 -3.58 14.94
C TYR D 105 -20.05 -3.15 15.65
N ALA D 106 -20.07 -3.17 16.98
CA ALA D 106 -21.21 -2.64 17.73
C ALA D 106 -21.42 -1.14 17.48
N ALA D 107 -20.34 -0.39 17.30
CA ALA D 107 -20.43 1.02 17.00
C ALA D 107 -21.17 1.31 15.69
N VAL D 108 -21.22 0.36 14.75
CA VAL D 108 -22.11 0.51 13.59
C VAL D 108 -23.51 0.84 14.05
N THR D 109 -23.96 0.18 15.12
CA THR D 109 -25.33 0.34 15.59
C THR D 109 -25.55 1.70 16.24
N GLY D 110 -24.58 2.21 17.01
CA GLY D 110 -24.66 3.58 17.48
C GLY D 110 -24.81 4.57 16.34
N GLU D 111 -24.01 4.40 15.29
CA GLU D 111 -24.13 5.27 14.13
C GLU D 111 -25.47 5.03 13.43
N GLY D 112 -25.90 3.78 13.32
CA GLY D 112 -27.20 3.52 12.69
C GLY D 112 -28.34 4.14 13.47
N ARG D 113 -28.23 4.14 14.80
CA ARG D 113 -29.25 4.80 15.62
C ARG D 113 -29.40 6.26 15.22
N MET D 114 -28.28 6.94 14.94
CA MET D 114 -28.34 8.34 14.55
C MET D 114 -28.86 8.50 13.12
N ALA D 115 -28.43 7.62 12.22
CA ALA D 115 -28.86 7.73 10.81
C ALA D 115 -30.38 7.62 10.66
N ARG D 116 -31.03 6.82 11.49
CA ARG D 116 -32.50 6.73 11.43
C ARG D 116 -33.20 7.77 12.28
N PHE D 117 -32.70 8.01 13.50
CA PHE D 117 -33.49 8.68 14.53
C PHE D 117 -33.09 10.11 14.88
N SER D 118 -31.94 10.59 14.42
CA SER D 118 -31.59 11.99 14.66
C SER D 118 -32.47 12.93 13.84
N LYS D 119 -32.90 14.04 14.46
CA LYS D 119 -33.70 15.01 13.73
C LYS D 119 -32.87 15.95 12.85
N ALA D 120 -31.53 15.86 12.91
CA ALA D 120 -30.66 16.75 12.15
C ALA D 120 -30.26 16.07 10.85
N PRO D 121 -30.63 16.62 9.69
CA PRO D 121 -30.31 15.93 8.43
C PRO D 121 -28.83 15.72 8.20
N GLY D 122 -27.99 16.68 8.59
CA GLY D 122 -26.56 16.50 8.41
C GLY D 122 -26.01 15.37 9.27
N ASN D 123 -26.53 15.26 10.50
CA ASN D 123 -26.20 14.14 11.38
C ASN D 123 -26.56 12.81 10.73
N ARG D 124 -27.77 12.70 10.16
CA ARG D 124 -28.19 11.44 9.54
C ARG D 124 -27.25 11.02 8.40
N ASN D 125 -26.76 11.98 7.62
CA ASN D 125 -25.85 11.65 6.52
C ASN D 125 -24.45 11.29 7.03
N MET D 126 -23.88 12.11 7.94
CA MET D 126 -22.55 11.79 8.46
C MET D 126 -22.56 10.47 9.24
N ALA D 127 -23.68 10.15 9.90
CA ALA D 127 -23.80 8.86 10.59
C ALA D 127 -23.87 7.69 9.61
N THR D 128 -24.32 7.94 8.37
CA THR D 128 -24.29 6.88 7.37
C THR D 128 -22.84 6.56 6.99
N PHE D 129 -22.01 7.59 6.82
CA PHE D 129 -20.58 7.34 6.65
C PHE D 129 -19.97 6.77 7.92
N GLY D 130 -20.48 7.17 9.10
CA GLY D 130 -20.00 6.57 10.34
C GLY D 130 -20.30 5.08 10.42
N MET D 131 -21.49 4.67 9.98
CA MET D 131 -21.81 3.24 9.89
C MET D 131 -20.77 2.50 9.05
N MET D 132 -20.49 3.04 7.86
CA MET D 132 -19.46 2.48 6.97
C MET D 132 -18.07 2.43 7.65
N ASP D 133 -17.65 3.52 8.29
CA ASP D 133 -16.36 3.54 9.00
C ASP D 133 -16.26 2.42 10.02
N GLU D 134 -17.29 2.26 10.85
CA GLU D 134 -17.17 1.26 11.92
C GLU D 134 -17.21 -0.15 11.32
N LEU D 135 -17.92 -0.34 10.21
CA LEU D 135 -17.84 -1.61 9.51
C LEU D 135 -16.39 -1.89 9.11
N ARG D 136 -15.72 -0.88 8.52
CA ARG D 136 -14.31 -1.01 8.20
C ARG D 136 -13.51 -1.42 9.42
N HIS D 137 -13.69 -0.72 10.54
CA HIS D 137 -12.83 -0.96 11.69
C HIS D 137 -13.06 -2.35 12.28
N GLY D 138 -14.31 -2.80 12.33
CA GLY D 138 -14.57 -4.15 12.79
C GLY D 138 -13.98 -5.21 11.88
N GLN D 139 -14.07 -5.01 10.57
CA GLN D 139 -13.56 -6.01 9.63
C GLN D 139 -12.03 -6.01 9.59
N LEU D 140 -11.41 -4.83 9.66
CA LEU D 140 -9.95 -4.77 9.73
C LEU D 140 -9.42 -5.51 10.95
N GLN D 141 -10.04 -5.29 12.10
CA GLN D 141 -9.48 -5.80 13.33
C GLN D 141 -9.94 -7.22 13.64
N LEU D 142 -10.78 -7.80 12.78
CA LEU D 142 -10.91 -9.25 12.69
C LEU D 142 -9.93 -9.85 11.67
N PHE D 143 -9.79 -9.21 10.50
CA PHE D 143 -8.91 -9.76 9.46
C PHE D 143 -7.45 -9.82 9.90
N PHE D 144 -6.95 -8.73 10.52
CA PHE D 144 -5.53 -8.69 10.88
C PHE D 144 -5.12 -9.76 11.89
N PRO D 145 -5.78 -9.92 13.04
CA PRO D 145 -5.35 -10.99 13.96
C PRO D 145 -5.67 -12.40 13.47
N HIS D 146 -6.53 -12.57 12.45
CA HIS D 146 -6.95 -13.90 12.04
C HIS D 146 -5.77 -14.78 11.65
N GLU D 147 -4.71 -14.19 11.07
CA GLU D 147 -3.59 -15.05 10.68
C GLU D 147 -2.89 -15.68 11.87
N TYR D 148 -3.03 -15.12 13.07
CA TYR D 148 -2.35 -15.70 14.22
C TYR D 148 -3.18 -16.75 14.95
N CYS D 149 -4.42 -16.99 14.52
CA CYS D 149 -5.19 -18.12 15.07
C CYS D 149 -4.38 -19.40 15.03
N LYS D 150 -3.66 -19.63 13.95
CA LYS D 150 -2.93 -20.89 13.83
C LYS D 150 -1.67 -20.92 14.69
N LYS D 151 -1.26 -19.79 15.27
CA LYS D 151 -0.12 -19.77 16.18
C LYS D 151 -0.53 -19.95 17.63
N ASP D 152 -1.74 -19.52 18.00
CA ASP D 152 -2.03 -19.28 19.41
C ASP D 152 -3.54 -19.12 19.60
N ARG D 153 -4.14 -19.97 20.45
CA ARG D 153 -5.59 -19.95 20.62
C ARG D 153 -6.11 -18.68 21.28
N GLN D 154 -5.25 -17.94 21.97
CA GLN D 154 -5.70 -16.68 22.58
C GLN D 154 -6.14 -15.69 21.52
N PHE D 155 -5.60 -15.77 20.30
CA PHE D 155 -6.08 -14.87 19.26
C PHE D 155 -7.50 -15.20 18.82
N ASP D 156 -8.04 -16.39 19.16
CA ASP D 156 -9.45 -16.66 18.87
C ASP D 156 -10.34 -15.62 19.55
N TRP D 157 -9.85 -15.03 20.63
CA TRP D 157 -10.63 -14.07 21.39
C TRP D 157 -10.79 -12.72 20.67
N ALA D 158 -10.03 -12.47 19.60
CA ALA D 158 -10.33 -11.34 18.72
C ALA D 158 -11.78 -11.42 18.25
N TRP D 159 -12.25 -12.63 17.95
CA TRP D 159 -13.66 -12.83 17.62
C TRP D 159 -14.49 -13.19 18.85
N ARG D 160 -13.94 -13.99 19.77
CA ARG D 160 -14.78 -14.63 20.79
C ARG D 160 -15.12 -13.73 21.99
N ALA D 161 -14.29 -12.75 22.35
CA ALA D 161 -14.42 -12.09 23.66
C ALA D 161 -15.84 -11.55 23.91
N TYR D 162 -16.40 -10.82 22.95
CA TYR D 162 -17.71 -10.23 23.16
C TYR D 162 -18.83 -11.27 23.22
N HIS D 163 -18.56 -12.50 22.80
CA HIS D 163 -19.52 -13.61 22.96
C HIS D 163 -19.34 -14.35 24.26
N SER D 164 -18.45 -13.90 25.14
CA SER D 164 -18.16 -14.58 26.39
C SER D 164 -18.69 -13.77 27.56
N ASN D 165 -18.69 -14.41 28.74
CA ASN D 165 -18.90 -13.75 30.01
C ASN D 165 -17.59 -13.56 30.77
N GLU D 166 -16.48 -13.46 30.04
CA GLU D 166 -15.21 -13.20 30.69
C GLU D 166 -15.27 -11.80 31.29
N TRP D 167 -14.65 -11.60 32.47
CA TRP D 167 -14.97 -10.40 33.24
C TRP D 167 -14.62 -9.12 32.49
N ALA D 168 -13.51 -9.11 31.74
CA ALA D 168 -13.13 -7.88 31.04
C ALA D 168 -14.05 -7.62 29.84
N ALA D 169 -14.54 -8.68 29.20
CA ALA D 169 -15.49 -8.52 28.10
C ALA D 169 -16.83 -8.01 28.62
N ILE D 170 -17.23 -8.45 29.82
CA ILE D 170 -18.43 -7.89 30.44
C ILE D 170 -18.23 -6.41 30.74
N ALA D 171 -17.06 -6.04 31.27
CA ALA D 171 -16.75 -4.62 31.47
C ALA D 171 -16.82 -3.84 30.15
N ALA D 172 -16.23 -4.39 29.08
CA ALA D 172 -16.31 -3.71 27.79
C ALA D 172 -17.76 -3.61 27.31
N LYS D 173 -18.50 -4.71 27.37
CA LYS D 173 -19.86 -4.68 26.87
C LYS D 173 -20.76 -3.78 27.71
N HIS D 174 -20.56 -3.75 29.04
CA HIS D 174 -21.35 -2.85 29.89
C HIS D 174 -21.12 -1.38 29.53
N PHE D 175 -19.88 -1.01 29.27
CA PHE D 175 -19.60 0.35 28.82
C PHE D 175 -20.21 0.61 27.44
N PHE D 176 -19.89 -0.23 26.45
CA PHE D 176 -20.31 0.07 25.08
C PHE D 176 -21.82 -0.05 24.90
N ASP D 177 -22.48 -0.97 25.63
CA ASP D 177 -23.94 -1.02 25.53
C ASP D 177 -24.58 0.19 26.19
N ASP D 178 -23.91 0.83 27.13
CA ASP D 178 -24.43 2.03 27.76
C ASP D 178 -24.27 3.24 26.85
N ILE D 179 -23.12 3.39 26.20
CA ILE D 179 -22.74 4.62 25.50
C ILE D 179 -23.05 4.52 24.01
N ILE D 180 -23.01 3.31 23.45
CA ILE D 180 -23.17 3.12 22.01
C ILE D 180 -24.55 2.60 21.64
N THR D 181 -24.91 1.41 22.14
CA THR D 181 -26.07 0.69 21.59
C THR D 181 -27.33 0.79 22.43
N GLY D 182 -27.25 1.34 23.64
CA GLY D 182 -28.37 1.31 24.57
C GLY D 182 -29.09 2.62 24.84
N ARG D 183 -28.83 3.68 24.08
CA ARG D 183 -29.45 4.97 24.33
C ARG D 183 -29.88 5.63 23.03
N ASP D 184 -30.66 6.70 23.17
CA ASP D 184 -31.19 7.47 22.05
C ASP D 184 -30.06 8.09 21.24
N ALA D 185 -30.43 8.60 20.05
CA ALA D 185 -29.45 9.05 19.07
C ALA D 185 -28.64 10.26 19.55
N ILE D 186 -29.26 11.18 20.30
CA ILE D 186 -28.55 12.36 20.79
C ILE D 186 -27.58 11.98 21.91
N SER D 187 -27.96 11.02 22.78
CA SER D 187 -26.99 10.50 23.74
C SER D 187 -25.81 9.86 23.02
N VAL D 188 -26.06 9.11 21.95
CA VAL D 188 -24.96 8.55 21.18
C VAL D 188 -24.07 9.67 20.64
N ALA D 189 -24.67 10.72 20.07
CA ALA D 189 -23.86 11.80 19.51
C ALA D 189 -22.91 12.37 20.56
N ILE D 190 -23.39 12.55 21.79
CA ILE D 190 -22.64 13.21 22.84
C ILE D 190 -21.69 12.26 23.56
N MET D 191 -22.16 11.05 23.87
CA MET D 191 -21.41 10.09 24.66
C MET D 191 -20.38 9.36 23.81
N LEU D 192 -20.77 8.93 22.62
CA LEU D 192 -19.89 8.17 21.74
C LEU D 192 -19.04 9.12 20.91
N THR D 193 -19.67 9.94 20.04
CA THR D 193 -18.83 10.62 19.06
C THR D 193 -18.04 11.76 19.69
N PHE D 194 -18.65 12.54 20.57
CA PHE D 194 -17.87 13.59 21.23
C PHE D 194 -16.97 13.03 22.33
N SER D 195 -17.56 12.42 23.37
CA SER D 195 -16.78 12.10 24.57
C SER D 195 -15.78 10.98 24.32
N PHE D 196 -16.24 9.83 23.82
CA PHE D 196 -15.36 8.68 23.66
C PHE D 196 -14.42 8.86 22.46
N GLU D 197 -14.93 9.34 21.33
CA GLU D 197 -14.18 9.32 20.07
C GLU D 197 -13.33 10.56 19.81
N THR D 198 -13.59 11.71 20.45
CA THR D 198 -12.59 12.77 20.45
C THR D 198 -11.78 12.80 21.74
N GLY D 199 -12.20 12.05 22.75
CA GLY D 199 -11.49 11.99 24.00
C GLY D 199 -10.54 10.82 24.07
N PHE D 200 -11.07 9.62 24.29
CA PHE D 200 -10.22 8.54 24.76
C PHE D 200 -9.67 7.65 23.68
N THR D 201 -10.34 7.49 22.52
CA THR D 201 -9.80 6.54 21.55
C THR D 201 -8.40 6.95 21.08
N ASN D 202 -8.08 8.25 21.13
CA ASN D 202 -6.74 8.69 20.77
C ASN D 202 -5.66 8.00 21.61
N MET D 203 -5.97 7.64 22.86
CA MET D 203 -4.99 6.95 23.71
C MET D 203 -4.64 5.59 23.14
N GLN D 204 -5.66 4.82 22.73
CA GLN D 204 -5.44 3.46 22.31
C GLN D 204 -5.05 3.35 20.84
N PHE D 205 -5.42 4.32 20.00
CA PHE D 205 -5.15 4.19 18.57
C PHE D 205 -4.01 5.06 18.09
N LEU D 206 -3.57 6.02 18.90
CA LEU D 206 -2.41 6.84 18.55
C LEU D 206 -1.33 6.76 19.62
N GLY D 207 -1.69 6.88 20.90
CA GLY D 207 -0.69 6.66 21.93
C GLY D 207 -0.07 5.28 21.84
N LEU D 208 -0.92 4.25 21.69
CA LEU D 208 -0.40 2.91 21.50
C LEU D 208 0.34 2.75 20.18
N ALA D 209 -0.05 3.49 19.13
CA ALA D 209 0.70 3.42 17.88
C ALA D 209 2.13 3.91 18.06
N ALA D 210 2.33 4.95 18.88
CA ALA D 210 3.69 5.42 19.14
C ALA D 210 4.53 4.32 19.76
N ASP D 211 4.00 3.65 20.79
CA ASP D 211 4.70 2.51 21.39
C ASP D 211 4.92 1.39 20.37
N ALA D 212 3.92 1.14 19.53
CA ALA D 212 4.05 0.10 18.50
C ALA D 212 5.18 0.42 17.53
N ALA D 213 5.32 1.68 17.14
CA ALA D 213 6.41 2.08 16.26
C ALA D 213 7.76 1.91 16.94
N GLU D 214 7.85 2.28 18.23
CA GLU D 214 9.09 2.05 18.95
C GLU D 214 9.43 0.56 19.01
N ALA D 215 8.42 -0.29 19.16
CA ALA D 215 8.63 -1.74 19.23
C ALA D 215 8.84 -2.36 17.85
N GLY D 216 8.78 -1.58 16.77
CA GLY D 216 9.02 -2.12 15.45
C GLY D 216 7.87 -2.88 14.81
N ASP D 217 6.63 -2.66 15.27
CA ASP D 217 5.46 -3.35 14.72
C ASP D 217 4.70 -2.36 13.84
N TYR D 218 5.17 -2.22 12.58
CA TYR D 218 4.59 -1.21 11.70
C TYR D 218 3.28 -1.67 11.09
N THR D 219 3.05 -2.98 10.97
CA THR D 219 1.72 -3.42 10.52
C THR D 219 0.64 -2.90 11.46
N PHE D 220 0.87 -3.04 12.78
CA PHE D 220 -0.12 -2.61 13.76
C PHE D 220 -0.17 -1.09 13.88
N ALA D 221 0.98 -0.43 13.98
CA ALA D 221 0.96 1.03 14.10
C ALA D 221 0.28 1.66 12.90
N ASN D 222 0.59 1.18 11.70
CA ASN D 222 0.00 1.76 10.50
C ASN D 222 -1.49 1.50 10.45
N LEU D 223 -1.93 0.32 10.91
CA LEU D 223 -3.35 -0.05 10.94
C LEU D 223 -4.14 0.91 11.83
N ILE D 224 -3.74 1.02 13.10
CA ILE D 224 -4.60 1.74 14.04
C ILE D 224 -4.54 3.24 13.79
N SER D 225 -3.43 3.76 13.26
CA SER D 225 -3.42 5.19 12.94
C SER D 225 -4.28 5.48 11.70
N SER D 226 -4.33 4.56 10.72
CA SER D 226 -5.26 4.74 9.60
C SER D 226 -6.70 4.72 10.09
N ILE D 227 -7.02 3.81 11.01
CA ILE D 227 -8.34 3.75 11.60
C ILE D 227 -8.70 5.08 12.24
N GLN D 228 -7.76 5.70 12.96
CA GLN D 228 -8.09 6.93 13.66
C GLN D 228 -8.36 8.09 12.71
N THR D 229 -7.89 8.05 11.44
CA THR D 229 -8.27 9.11 10.50
C THR D 229 -9.77 9.09 10.20
N ASP D 230 -10.42 7.91 10.22
CA ASP D 230 -11.88 7.89 10.08
C ASP D 230 -12.54 8.43 11.33
N GLU D 231 -12.06 7.98 12.50
CA GLU D 231 -12.56 8.46 13.78
C GLU D 231 -12.59 9.99 13.80
N SER D 232 -11.49 10.60 13.38
CA SER D 232 -11.36 12.06 13.44
C SER D 232 -12.44 12.76 12.63
N ARG D 233 -12.98 12.10 11.60
CA ARG D 233 -14.05 12.68 10.79
C ARG D 233 -15.42 12.45 11.40
N HIS D 234 -15.79 11.20 11.72
CA HIS D 234 -17.17 10.99 12.17
C HIS D 234 -17.35 11.39 13.64
N ALA D 235 -16.27 11.54 14.41
CA ALA D 235 -16.42 12.04 15.78
C ALA D 235 -16.89 13.48 15.81
N GLN D 236 -16.69 14.23 14.72
CA GLN D 236 -17.12 15.62 14.63
C GLN D 236 -18.66 15.75 14.46
N GLN D 237 -19.40 14.66 14.60
CA GLN D 237 -20.85 14.75 14.68
C GLN D 237 -21.33 15.26 16.04
N GLY D 238 -20.52 15.13 17.08
CA GLY D 238 -20.94 15.43 18.43
C GLY D 238 -20.96 16.92 18.79
N GLY D 239 -19.92 17.66 18.43
CA GLY D 239 -19.85 19.08 18.69
C GLY D 239 -21.07 19.89 18.28
N PRO D 240 -21.52 19.77 17.02
CA PRO D 240 -22.71 20.53 16.60
C PRO D 240 -23.97 20.11 17.36
N ALA D 241 -24.07 18.84 17.74
CA ALA D 241 -25.17 18.42 18.60
C ALA D 241 -25.10 19.11 19.96
N LEU D 242 -23.91 19.13 20.58
CA LEU D 242 -23.74 19.83 21.86
C LEU D 242 -24.13 21.30 21.75
N GLN D 243 -23.63 21.98 20.72
CA GLN D 243 -23.92 23.39 20.52
C GLN D 243 -25.42 23.61 20.39
N LEU D 244 -26.10 22.74 19.66
CA LEU D 244 -27.55 22.88 19.46
C LEU D 244 -28.30 22.71 20.77
N LEU D 245 -27.94 21.71 21.56
CA LEU D 245 -28.55 21.54 22.88
C LEU D 245 -28.31 22.77 23.75
N ILE D 246 -27.09 23.32 23.74
CA ILE D 246 -26.81 24.50 24.55
C ILE D 246 -27.67 25.68 24.07
N GLU D 247 -27.81 25.83 22.76
CA GLU D 247 -28.57 26.95 22.21
C GLU D 247 -30.04 26.85 22.56
N ASN D 248 -30.54 25.64 22.77
CA ASN D 248 -31.95 25.39 23.00
C ASN D 248 -32.23 25.06 24.47
N GLY D 249 -31.40 25.58 25.38
CA GLY D 249 -31.66 25.49 26.80
C GLY D 249 -31.39 24.16 27.46
N LYS D 250 -30.60 23.28 26.85
CA LYS D 250 -30.30 21.96 27.39
C LYS D 250 -28.84 21.83 27.81
N ARG D 251 -28.22 22.93 28.26
CA ARG D 251 -26.82 22.88 28.65
C ARG D 251 -26.57 21.90 29.78
N GLU D 252 -27.44 21.92 30.81
CA GLU D 252 -27.27 21.05 31.97
C GLU D 252 -27.30 19.59 31.55
N GLU D 253 -28.26 19.24 30.70
CA GLU D 253 -28.37 17.86 30.22
C GLU D 253 -27.17 17.44 29.39
N ALA D 254 -26.67 18.33 28.53
CA ALA D 254 -25.48 18.02 27.73
C ALA D 254 -24.26 17.81 28.62
N GLN D 255 -24.05 18.71 29.59
CA GLN D 255 -22.94 18.58 30.53
C GLN D 255 -22.98 17.25 31.27
N LYS D 256 -24.17 16.84 31.73
CA LYS D 256 -24.28 15.59 32.48
CA LYS D 256 -24.27 15.60 32.48
C LYS D 256 -23.89 14.39 31.63
N LYS D 257 -24.33 14.36 30.36
CA LYS D 257 -23.99 13.22 29.51
C LYS D 257 -22.49 13.17 29.26
N VAL D 258 -21.86 14.33 29.04
CA VAL D 258 -20.40 14.38 28.88
C VAL D 258 -19.70 13.89 30.15
N ASP D 259 -20.08 14.43 31.30
CA ASP D 259 -19.46 14.05 32.57
C ASP D 259 -19.51 12.54 32.76
N MET D 260 -20.68 11.94 32.51
CA MET D 260 -20.86 10.51 32.72
C MET D 260 -20.02 9.69 31.74
N ALA D 261 -20.06 10.05 30.45
CA ALA D 261 -19.39 9.25 29.42
C ALA D 261 -17.88 9.29 29.58
N ILE D 262 -17.33 10.46 29.92
CA ILE D 262 -15.89 10.54 30.15
C ILE D 262 -15.46 9.65 31.31
N TRP D 263 -16.22 9.68 32.42
CA TRP D 263 -15.80 8.85 33.55
C TRP D 263 -15.91 7.37 33.23
N ARG D 264 -16.98 6.95 32.56
CA ARG D 264 -17.12 5.55 32.20
C ARG D 264 -16.00 5.10 31.28
N ALA D 265 -15.64 5.94 30.31
CA ALA D 265 -14.55 5.57 29.41
C ALA D 265 -13.23 5.48 30.19
N TRP D 266 -13.02 6.41 31.13
CA TRP D 266 -11.77 6.44 31.91
C TRP D 266 -11.52 5.11 32.63
N ARG D 267 -12.52 4.59 33.35
CA ARG D 267 -12.29 3.37 34.12
C ARG D 267 -11.94 2.18 33.22
N LEU D 268 -12.57 2.09 32.05
CA LEU D 268 -12.24 1.01 31.13
C LEU D 268 -10.85 1.18 30.53
N PHE D 269 -10.49 2.39 30.13
CA PHE D 269 -9.17 2.55 29.55
C PHE D 269 -8.07 2.41 30.59
N ALA D 270 -8.38 2.71 31.86
CA ALA D 270 -7.41 2.45 32.91
C ALA D 270 -7.06 0.96 33.03
N VAL D 271 -7.99 0.05 32.72
CA VAL D 271 -7.68 -1.37 32.91
C VAL D 271 -7.12 -1.99 31.62
N LEU D 272 -7.46 -1.43 30.46
CA LEU D 272 -6.97 -1.94 29.18
C LEU D 272 -5.66 -1.27 28.77
N THR D 273 -5.66 0.05 28.70
CA THR D 273 -4.52 0.76 28.13
C THR D 273 -3.44 1.00 29.17
N GLY D 274 -3.83 1.20 30.42
CA GLY D 274 -2.93 1.51 31.51
C GLY D 274 -1.83 0.47 31.72
N PRO D 275 -2.21 -0.79 31.95
CA PRO D 275 -1.19 -1.85 32.04
C PRO D 275 -0.37 -2.01 30.77
N VAL D 276 -0.98 -1.80 29.60
CA VAL D 276 -0.23 -1.90 28.34
C VAL D 276 0.89 -0.87 28.31
N MET D 277 0.58 0.40 28.60
CA MET D 277 1.63 1.41 28.37
C MET D 277 2.69 1.40 29.46
N ASP D 278 2.36 1.00 30.69
CA ASP D 278 3.34 1.09 31.77
C ASP D 278 3.94 -0.24 32.19
N TYR D 279 3.42 -1.36 31.68
CA TYR D 279 3.94 -2.65 32.13
C TYR D 279 4.15 -3.65 31.00
N TYR D 280 3.18 -3.80 30.09
CA TYR D 280 3.33 -4.81 29.04
C TYR D 280 4.31 -4.35 27.97
N THR D 281 4.20 -3.10 27.55
CA THR D 281 5.11 -2.55 26.56
C THR D 281 6.53 -2.62 27.11
N PRO D 282 7.48 -3.21 26.37
CA PRO D 282 8.87 -3.26 26.87
C PRO D 282 9.35 -1.86 27.23
N LEU D 283 10.13 -1.79 28.33
CA LEU D 283 10.57 -0.49 28.86
C LEU D 283 11.16 0.40 27.77
N GLU D 284 12.05 -0.15 26.94
CA GLU D 284 12.70 0.67 25.93
C GLU D 284 11.75 1.18 24.84
N ASP D 285 10.53 0.65 24.76
CA ASP D 285 9.56 1.08 23.76
C ASP D 285 8.48 2.01 24.32
N ARG D 286 8.56 2.37 25.59
CA ARG D 286 7.57 3.25 26.21
C ARG D 286 7.86 4.69 25.80
N SER D 287 7.12 5.17 24.78
CA SER D 287 7.34 6.52 24.27
C SER D 287 7.08 7.57 25.35
N GLN D 288 6.01 7.38 26.10
CA GLN D 288 5.67 8.19 27.26
C GLN D 288 4.98 7.25 28.24
N SER D 289 4.87 7.68 29.49
CA SER D 289 4.11 6.91 30.47
C SER D 289 2.61 7.09 30.20
N PHE D 290 1.81 6.19 30.79
CA PHE D 290 0.34 6.29 30.71
C PHE D 290 -0.14 7.67 31.16
N LYS D 291 0.39 8.16 32.28
CA LYS D 291 -0.02 9.46 32.77
C LYS D 291 0.40 10.58 31.83
N GLU D 292 1.62 10.52 31.28
CA GLU D 292 2.05 11.54 30.34
C GLU D 292 1.17 11.56 29.09
N PHE D 293 0.76 10.38 28.60
CA PHE D 293 -0.16 10.35 27.47
C PHE D 293 -1.52 10.93 27.86
N MET D 294 -2.04 10.59 29.05
CA MET D 294 -3.30 11.17 29.51
C MET D 294 -3.23 12.69 29.55
N TYR D 295 -2.10 13.24 29.99
CA TYR D 295 -2.00 14.70 30.05
C TYR D 295 -1.92 15.33 28.66
N GLU D 296 -1.37 14.61 27.67
CA GLU D 296 -1.35 15.10 26.29
C GLU D 296 -2.74 15.02 25.67
N TRP D 297 -3.35 13.84 25.72
CA TRP D 297 -4.55 13.59 24.94
C TRP D 297 -5.83 13.98 25.65
N ILE D 298 -5.95 13.70 26.95
CA ILE D 298 -7.20 13.98 27.65
C ILE D 298 -7.19 15.38 28.27
N ILE D 299 -6.13 15.76 28.98
CA ILE D 299 -6.11 17.08 29.61
C ILE D 299 -5.78 18.16 28.59
N GLY D 300 -4.65 18.04 27.91
CA GLY D 300 -4.19 19.10 27.01
C GLY D 300 -5.05 19.26 25.78
N GLN D 301 -5.48 18.15 25.18
CA GLN D 301 -6.28 18.23 23.96
C GLN D 301 -7.78 18.21 24.26
N PHE D 302 -8.29 17.07 24.76
CA PHE D 302 -9.74 16.91 24.84
C PHE D 302 -10.38 17.94 25.79
N GLU D 303 -9.89 18.05 27.02
CA GLU D 303 -10.60 18.92 27.97
C GLU D 303 -10.57 20.38 27.51
N ARG D 304 -9.49 20.81 26.85
CA ARG D 304 -9.47 22.13 26.23
C ARG D 304 -10.53 22.27 25.14
N SER D 305 -10.73 21.23 24.30
CA SER D 305 -11.78 21.31 23.27
C SER D 305 -13.16 21.43 23.91
N LEU D 306 -13.37 20.77 25.05
CA LEU D 306 -14.64 20.85 25.76
C LEU D 306 -14.90 22.28 26.24
N ILE D 307 -13.91 22.90 26.87
CA ILE D 307 -14.05 24.29 27.26
C ILE D 307 -14.39 25.17 26.06
N ASP D 308 -13.72 24.94 24.93
CA ASP D 308 -13.92 25.85 23.80
C ASP D 308 -15.33 25.79 23.25
N LEU D 309 -16.00 24.64 23.37
CA LEU D 309 -17.37 24.49 22.90
C LEU D 309 -18.39 25.04 23.87
N GLY D 310 -17.96 25.48 25.05
CA GLY D 310 -18.85 26.15 25.98
C GLY D 310 -19.23 25.33 27.20
N LEU D 311 -18.72 24.12 27.35
CA LEU D 311 -19.00 23.33 28.54
C LEU D 311 -17.94 23.63 29.62
N ASP D 312 -18.15 23.07 30.81
CA ASP D 312 -17.28 23.30 31.95
C ASP D 312 -16.45 22.06 32.28
N LYS D 313 -15.36 22.27 33.03
CA LYS D 313 -14.66 21.17 33.69
C LYS D 313 -15.67 20.31 34.44
N PRO D 314 -15.56 18.99 34.39
CA PRO D 314 -16.46 18.14 35.18
C PRO D 314 -16.35 18.43 36.67
N TRP D 315 -17.47 18.18 37.37
CA TRP D 315 -17.50 18.33 38.82
C TRP D 315 -16.48 17.47 39.54
N TYR D 316 -15.99 16.40 38.90
CA TYR D 316 -15.08 15.44 39.53
C TYR D 316 -13.62 15.65 39.11
N TRP D 317 -13.28 16.85 38.62
CA TRP D 317 -11.95 17.13 38.05
C TRP D 317 -10.80 16.65 38.93
N ASP D 318 -10.70 17.13 40.17
CA ASP D 318 -9.57 16.74 41.01
C ASP D 318 -9.56 15.24 41.34
N LEU D 319 -10.74 14.63 41.49
CA LEU D 319 -10.77 13.18 41.69
C LEU D 319 -10.18 12.45 40.50
N PHE D 320 -10.47 12.94 39.28
CA PHE D 320 -9.97 12.33 38.06
C PHE D 320 -8.44 12.39 37.98
N LEU D 321 -7.87 13.56 38.26
CA LEU D 321 -6.42 13.72 38.30
C LEU D 321 -5.76 12.78 39.30
N LYS D 322 -6.33 12.66 40.49
CA LYS D 322 -5.78 11.71 41.45
C LYS D 322 -5.87 10.28 40.94
N ASP D 323 -6.99 9.94 40.29
CA ASP D 323 -7.16 8.59 39.75
C ASP D 323 -6.06 8.27 38.73
N ILE D 324 -5.67 9.26 37.92
CA ILE D 324 -4.63 9.05 36.90
C ILE D 324 -3.31 8.63 37.54
N ASP D 325 -3.00 9.14 38.73
CA ASP D 325 -1.77 8.78 39.44
C ASP D 325 -1.82 7.37 40.05
N GLU D 326 -3.00 6.78 40.23
CA GLU D 326 -3.09 5.61 41.11
C GLU D 326 -3.82 4.39 40.52
N LEU D 327 -4.91 4.61 39.78
CA LEU D 327 -5.85 3.51 39.54
C LEU D 327 -5.22 2.39 38.71
N HIS D 328 -4.56 2.73 37.60
CA HIS D 328 -4.12 1.68 36.69
C HIS D 328 -3.02 0.81 37.29
N HIS D 329 -2.25 1.33 38.27
CA HIS D 329 -1.27 0.51 38.98
C HIS D 329 -1.96 -0.62 39.75
N SER D 330 -3.13 -0.35 40.30
CA SER D 330 -3.85 -1.41 41.00
C SER D 330 -4.59 -2.31 40.01
N TYR D 331 -5.16 -1.73 38.95
CA TYR D 331 -5.79 -2.54 37.91
C TYR D 331 -4.76 -3.49 37.30
N HIS D 332 -3.53 -3.02 37.09
CA HIS D 332 -2.51 -3.89 36.53
C HIS D 332 -2.21 -5.07 37.46
N MET D 333 -1.97 -4.78 38.73
CA MET D 333 -1.69 -5.81 39.73
C MET D 333 -2.79 -6.85 39.76
N GLY D 334 -4.05 -6.42 39.68
CA GLY D 334 -5.17 -7.35 39.71
C GLY D 334 -5.24 -8.23 38.47
N VAL D 335 -5.18 -7.61 37.28
CA VAL D 335 -5.14 -8.38 36.03
C VAL D 335 -3.99 -9.38 36.08
N TRP D 336 -2.84 -8.99 36.64
CA TRP D 336 -1.73 -9.93 36.73
C TRP D 336 -2.02 -11.05 37.74
N TYR D 337 -2.42 -10.70 38.98
CA TYR D 337 -2.59 -11.74 39.98
C TYR D 337 -3.69 -12.71 39.55
N TRP D 338 -4.79 -12.19 38.97
CA TRP D 338 -5.88 -12.99 38.40
C TRP D 338 -5.69 -13.29 36.91
N ARG D 339 -4.43 -13.43 36.45
CA ARG D 339 -4.13 -13.59 35.02
C ARG D 339 -4.82 -14.80 34.39
N THR D 340 -5.13 -15.84 35.17
CA THR D 340 -5.77 -17.00 34.55
C THR D 340 -7.17 -16.68 34.04
N THR D 341 -7.77 -15.58 34.49
CA THR D 341 -9.09 -15.16 34.01
C THR D 341 -9.02 -14.23 32.79
N ALA D 342 -7.83 -13.86 32.34
CA ALA D 342 -7.62 -13.06 31.13
C ALA D 342 -7.37 -13.97 29.91
N TRP D 343 -7.67 -13.44 28.71
CA TRP D 343 -7.38 -14.15 27.47
C TRP D 343 -6.03 -13.76 26.87
N TRP D 344 -5.22 -12.98 27.59
CA TRP D 344 -3.88 -12.61 27.18
C TRP D 344 -2.93 -12.92 28.34
N ASN D 345 -1.62 -12.86 28.08
CA ASN D 345 -0.63 -13.20 29.10
C ASN D 345 -0.02 -11.93 29.68
N PRO D 346 -0.49 -11.46 30.84
CA PRO D 346 0.03 -10.19 31.38
C PRO D 346 1.50 -10.31 31.75
N ALA D 347 2.24 -9.23 31.45
CA ALA D 347 3.62 -9.10 31.91
C ALA D 347 3.62 -8.42 33.27
N ALA D 348 4.38 -8.97 34.21
CA ALA D 348 4.46 -8.37 35.55
C ALA D 348 5.05 -6.97 35.48
N GLY D 349 6.11 -6.79 34.69
CA GLY D 349 6.70 -5.48 34.47
C GLY D 349 7.38 -4.89 35.69
N VAL D 350 7.97 -5.72 36.56
CA VAL D 350 8.59 -5.19 37.77
C VAL D 350 10.02 -5.67 37.92
N THR D 351 10.78 -5.72 36.82
CA THR D 351 12.23 -5.91 36.94
C THR D 351 12.83 -4.68 37.64
N PRO D 352 14.05 -4.79 38.18
CA PRO D 352 14.64 -3.62 38.86
C PRO D 352 14.66 -2.36 38.01
N GLU D 353 15.03 -2.45 36.74
CA GLU D 353 15.08 -1.25 35.91
C GLU D 353 13.67 -0.73 35.64
N GLU D 354 12.68 -1.62 35.56
CA GLU D 354 11.31 -1.13 35.39
C GLU D 354 10.81 -0.43 36.66
N ARG D 355 11.17 -0.96 37.84
CA ARG D 355 10.72 -0.32 39.07
C ARG D 355 11.38 1.04 39.27
N ASP D 356 12.60 1.23 38.76
CA ASP D 356 13.20 2.57 38.75
C ASP D 356 12.39 3.53 37.88
N TRP D 357 12.01 3.09 36.68
CA TRP D 357 11.22 3.93 35.78
C TRP D 357 9.86 4.25 36.41
N LEU D 358 9.18 3.25 36.97
CA LEU D 358 7.92 3.50 37.67
C LEU D 358 8.10 4.52 38.79
N GLU D 359 9.21 4.44 39.54
CA GLU D 359 9.41 5.38 40.64
C GLU D 359 9.66 6.79 40.11
N GLU D 360 10.34 6.90 38.97
CA GLU D 360 10.55 8.19 38.33
C GLU D 360 9.25 8.79 37.80
N LYS D 361 8.41 7.96 37.18
CA LYS D 361 7.17 8.45 36.60
C LYS D 361 6.05 8.59 37.62
N TYR D 362 6.16 7.91 38.77
CA TYR D 362 5.12 7.94 39.79
C TYR D 362 5.82 7.91 41.15
N PRO D 363 6.38 9.03 41.60
CA PRO D 363 7.13 9.04 42.86
C PRO D 363 6.32 8.46 44.02
N GLY D 364 6.93 7.56 44.78
CA GLY D 364 6.24 6.83 45.82
C GLY D 364 5.76 5.43 45.43
N TRP D 365 5.96 5.04 44.17
CA TRP D 365 5.42 3.76 43.68
C TRP D 365 5.98 2.58 44.49
N ASN D 366 7.27 2.60 44.80
CA ASN D 366 7.87 1.44 45.46
C ASN D 366 7.37 1.26 46.88
N LYS D 367 7.01 2.34 47.57
CA LYS D 367 6.47 2.25 48.93
C LYS D 367 4.99 1.91 48.95
N ARG D 368 4.36 1.81 47.77
CA ARG D 368 2.95 1.49 47.67
C ARG D 368 2.84 0.15 46.98
N TRP D 369 2.66 0.11 45.63
CA TRP D 369 2.52 -1.15 44.91
C TRP D 369 3.79 -2.00 44.98
N GLY D 370 4.96 -1.37 45.15
CA GLY D 370 6.18 -2.13 45.34
C GLY D 370 6.11 -3.08 46.51
N ARG D 371 5.35 -2.70 47.56
CA ARG D 371 5.26 -3.56 48.73
C ARG D 371 4.61 -4.90 48.40
N CYS D 372 3.57 -4.88 47.56
CA CYS D 372 2.92 -6.11 47.14
C CYS D 372 3.83 -6.91 46.21
N TRP D 373 4.47 -6.24 45.25
CA TRP D 373 5.35 -6.93 44.31
C TRP D 373 6.54 -7.58 45.03
N ASP D 374 6.97 -7.00 46.15
CA ASP D 374 8.04 -7.61 46.95
C ASP D 374 7.62 -8.96 47.51
N VAL D 375 6.38 -9.05 48.01
CA VAL D 375 5.91 -10.32 48.56
C VAL D 375 5.77 -11.34 47.45
N ILE D 376 5.23 -10.92 46.31
CA ILE D 376 5.07 -11.79 45.16
C ILE D 376 6.42 -12.30 44.68
N THR D 377 7.39 -11.38 44.54
CA THR D 377 8.72 -11.74 44.03
C THR D 377 9.39 -12.79 44.92
N GLU D 378 9.28 -12.63 46.24
CA GLU D 378 9.91 -13.60 47.13
C GLU D 378 9.27 -14.98 46.99
N ASN D 379 7.93 -15.02 46.87
CA ASN D 379 7.25 -16.30 46.70
C ASN D 379 7.69 -17.00 45.41
N VAL D 380 7.84 -16.24 44.33
CA VAL D 380 8.35 -16.83 43.08
C VAL D 380 9.75 -17.39 43.31
N LEU D 381 10.61 -16.63 43.99
CA LEU D 381 11.99 -17.08 44.22
C LEU D 381 12.03 -18.33 45.08
N ASN D 382 11.08 -18.50 45.98
CA ASN D 382 11.00 -19.66 46.88
C ASN D 382 10.19 -20.79 46.29
N ASP D 383 9.72 -20.63 45.05
CA ASP D 383 8.91 -21.63 44.34
C ASP D 383 7.59 -21.91 45.04
N ARG D 384 7.04 -20.92 45.74
CA ARG D 384 5.69 -21.02 46.31
C ARG D 384 4.68 -20.46 45.32
N MET D 385 4.57 -21.15 44.17
CA MET D 385 3.70 -20.67 43.11
C MET D 385 2.23 -20.72 43.51
N ASP D 386 1.86 -21.50 44.53
CA ASP D 386 0.49 -21.51 45.00
C ASP D 386 0.08 -20.15 45.57
N LEU D 387 1.03 -19.38 46.09
CA LEU D 387 0.78 -18.09 46.72
C LEU D 387 0.73 -16.95 45.71
N VAL D 388 1.00 -17.26 44.45
CA VAL D 388 0.96 -16.30 43.36
CA VAL D 388 0.97 -16.30 43.36
C VAL D 388 -0.27 -16.51 42.47
N SER D 389 -1.18 -17.41 42.87
CA SER D 389 -2.45 -17.61 42.18
C SER D 389 -3.59 -17.56 43.19
N PRO D 390 -4.72 -16.94 42.82
CA PRO D 390 -5.79 -16.69 43.77
C PRO D 390 -6.69 -17.90 43.99
N GLU D 391 -7.29 -17.94 45.17
CA GLU D 391 -8.31 -18.93 45.52
C GLU D 391 -9.64 -18.29 45.87
N THR D 392 -9.84 -17.01 45.56
CA THR D 392 -11.15 -16.37 45.67
C THR D 392 -11.29 -15.40 44.51
N LEU D 393 -12.43 -14.71 44.47
CA LEU D 393 -12.71 -13.71 43.45
C LEU D 393 -12.63 -12.31 44.04
N PRO D 394 -12.21 -11.31 43.26
CA PRO D 394 -12.28 -9.92 43.71
C PRO D 394 -13.71 -9.44 43.77
N SER D 395 -13.94 -8.44 44.63
CA SER D 395 -15.20 -7.71 44.69
C SER D 395 -15.25 -6.70 43.53
N VAL D 396 -16.41 -6.59 42.88
CA VAL D 396 -16.52 -5.92 41.58
C VAL D 396 -17.48 -4.74 41.67
N CYS D 397 -17.07 -3.61 41.08
CA CYS D 397 -17.91 -2.42 40.98
C CYS D 397 -19.19 -2.71 40.18
N ASN D 398 -20.34 -2.30 40.71
CA ASN D 398 -21.59 -2.52 39.97
C ASN D 398 -21.76 -1.55 38.81
N MET D 399 -20.83 -0.62 38.60
CA MET D 399 -20.97 0.17 37.38
C MET D 399 -19.91 -0.28 36.37
N SER D 400 -18.62 -0.07 36.66
CA SER D 400 -17.58 -0.35 35.66
C SER D 400 -17.37 -1.84 35.40
N GLN D 401 -17.83 -2.72 36.30
CA GLN D 401 -17.62 -4.17 36.23
C GLN D 401 -16.15 -4.56 36.42
N ILE D 402 -15.35 -3.65 36.96
CA ILE D 402 -13.93 -3.88 37.25
C ILE D 402 -13.78 -3.95 38.77
N PRO D 403 -12.85 -4.75 39.31
CA PRO D 403 -12.77 -4.90 40.78
C PRO D 403 -12.48 -3.60 41.55
N LEU D 404 -12.89 -3.63 42.82
CA LEU D 404 -12.74 -2.52 43.75
C LEU D 404 -11.32 -2.48 44.28
N VAL D 405 -10.58 -1.39 44.02
CA VAL D 405 -9.16 -1.31 44.34
C VAL D 405 -8.88 -0.04 45.14
N GLY D 406 -7.66 0.02 45.68
CA GLY D 406 -7.14 1.23 46.31
C GLY D 406 -5.64 1.28 46.26
N VAL D 407 -5.02 2.08 47.12
CA VAL D 407 -3.57 2.24 47.19
C VAL D 407 -3.04 1.29 48.27
N PRO D 408 -2.13 0.38 47.95
CA PRO D 408 -1.61 -0.52 48.97
C PRO D 408 -0.34 -0.01 49.65
N GLY D 409 0.24 -0.80 50.55
CA GLY D 409 1.55 -0.48 51.07
C GLY D 409 1.56 0.53 52.20
N ASP D 410 2.56 1.43 52.19
CA ASP D 410 2.89 2.23 53.37
C ASP D 410 1.78 3.20 53.75
N ASP D 411 1.06 3.77 52.80
CA ASP D 411 -0.06 4.62 53.20
C ASP D 411 -1.36 4.09 52.61
N TRP D 412 -1.60 2.80 52.85
CA TRP D 412 -2.82 2.09 52.45
C TRP D 412 -4.06 2.94 52.59
N ASN D 413 -4.84 3.01 51.51
CA ASN D 413 -6.16 3.62 51.57
C ASN D 413 -7.03 3.00 50.50
N ILE D 414 -8.22 2.53 50.90
CA ILE D 414 -9.17 1.95 49.95
C ILE D 414 -10.57 2.37 50.40
N GLU D 415 -11.40 2.73 49.42
CA GLU D 415 -12.75 3.17 49.73
C GLU D 415 -13.73 2.60 48.72
N VAL D 416 -14.75 1.95 49.23
CA VAL D 416 -15.91 1.52 48.44
C VAL D 416 -17.04 2.49 48.69
N PHE D 417 -17.73 2.88 47.62
CA PHE D 417 -18.85 3.80 47.68
C PHE D 417 -20.11 2.98 47.48
N SER D 418 -20.82 2.71 48.58
CA SER D 418 -21.96 1.80 48.49
C SER D 418 -23.27 2.57 48.41
N LEU D 419 -24.35 1.84 48.06
CA LEU D 419 -25.64 2.47 47.80
C LEU D 419 -26.75 1.46 48.02
N GLU D 420 -27.70 1.81 48.89
CA GLU D 420 -28.96 1.07 48.98
C GLU D 420 -29.93 1.68 47.99
N HIS D 421 -30.57 0.83 47.17
CA HIS D 421 -31.49 1.34 46.17
C HIS D 421 -32.52 0.25 45.84
N ASN D 422 -33.80 0.56 46.04
CA ASN D 422 -34.87 -0.38 45.68
C ASN D 422 -34.67 -1.76 46.29
N GLY D 423 -34.23 -1.81 47.55
CA GLY D 423 -34.10 -3.06 48.27
C GLY D 423 -32.84 -3.84 47.98
N ARG D 424 -31.85 -3.22 47.35
CA ARG D 424 -30.63 -3.92 46.99
C ARG D 424 -29.43 -3.08 47.41
N LEU D 425 -28.36 -3.76 47.82
CA LEU D 425 -27.12 -3.10 48.18
C LEU D 425 -26.11 -3.25 47.04
N TYR D 426 -25.67 -2.11 46.50
CA TYR D 426 -24.70 -2.03 45.41
C TYR D 426 -23.38 -1.48 45.95
N HIS D 427 -22.28 -1.81 45.28
CA HIS D 427 -20.95 -1.33 45.64
C HIS D 427 -20.28 -0.76 44.40
N PHE D 428 -19.67 0.43 44.52
CA PHE D 428 -19.04 1.13 43.39
C PHE D 428 -17.61 1.50 43.75
N GLY D 429 -16.76 1.50 42.72
CA GLY D 429 -15.33 1.75 42.87
C GLY D 429 -14.93 3.21 43.01
N SER D 430 -15.88 4.13 42.89
CA SER D 430 -15.57 5.56 43.03
C SER D 430 -16.85 6.31 43.34
N GLU D 431 -16.69 7.53 43.83
CA GLU D 431 -17.89 8.32 44.05
C GLU D 431 -18.53 8.74 42.73
N VAL D 432 -17.75 8.81 41.64
CA VAL D 432 -18.35 9.16 40.36
C VAL D 432 -19.16 8.00 39.82
N ASP D 433 -18.67 6.77 39.98
CA ASP D 433 -19.41 5.60 39.51
C ASP D 433 -20.76 5.48 40.19
N ARG D 434 -20.83 5.78 41.50
CA ARG D 434 -22.13 5.77 42.18
C ARG D 434 -23.04 6.87 41.64
N TRP D 435 -22.48 8.05 41.36
CA TRP D 435 -23.25 9.15 40.78
C TRP D 435 -23.80 8.79 39.40
N VAL D 436 -23.01 8.06 38.58
CA VAL D 436 -23.48 7.65 37.26
C VAL D 436 -24.71 6.76 37.39
N PHE D 437 -24.64 5.75 38.26
CA PHE D 437 -25.80 4.92 38.53
C PHE D 437 -27.01 5.78 38.93
N GLN D 438 -26.79 6.73 39.83
CA GLN D 438 -27.89 7.55 40.29
C GLN D 438 -28.48 8.44 39.20
N GLN D 439 -27.73 8.72 38.12
CA GLN D 439 -28.27 9.53 37.04
C GLN D 439 -29.37 8.81 36.24
N ASP D 440 -29.32 7.47 36.18
CA ASP D 440 -30.24 6.70 35.33
C ASP D 440 -30.39 5.28 35.86
N PRO D 441 -30.99 5.10 37.04
CA PRO D 441 -30.98 3.77 37.67
C PRO D 441 -31.70 2.72 36.85
N VAL D 442 -32.70 3.10 36.05
CA VAL D 442 -33.44 2.09 35.28
C VAL D 442 -32.53 1.43 34.23
N GLN D 443 -31.49 2.14 33.75
CA GLN D 443 -30.50 1.53 32.88
C GLN D 443 -29.75 0.38 33.57
N TYR D 444 -29.58 0.46 34.89
CA TYR D 444 -28.59 -0.35 35.60
C TYR D 444 -29.15 -1.22 36.71
N GLN D 445 -30.33 -0.92 37.24
CA GLN D 445 -30.63 -1.37 38.60
C GLN D 445 -30.74 -2.89 38.72
N ASN D 446 -31.19 -3.59 37.68
CA ASN D 446 -31.33 -5.04 37.81
C ASN D 446 -30.18 -5.79 37.14
N HIS D 447 -29.15 -5.08 36.70
CA HIS D 447 -27.96 -5.75 36.23
C HIS D 447 -27.23 -6.42 37.39
N MET D 448 -26.70 -7.61 37.13
CA MET D 448 -25.92 -8.36 38.12
CA MET D 448 -25.92 -8.38 38.11
C MET D 448 -24.50 -8.49 37.60
N ASN D 449 -23.53 -8.05 38.42
CA ASN D 449 -22.15 -8.24 37.98
C ASN D 449 -21.75 -9.70 38.19
N ILE D 450 -20.55 -10.07 37.74
CA ILE D 450 -20.24 -11.50 37.68
C ILE D 450 -20.16 -12.13 39.08
N VAL D 451 -19.76 -11.34 40.08
CA VAL D 451 -19.75 -11.84 41.46
C VAL D 451 -21.17 -11.88 42.05
N ASP D 452 -22.04 -10.94 41.68
CA ASP D 452 -23.46 -11.09 41.97
C ASP D 452 -24.01 -12.42 41.46
N ARG D 453 -23.64 -12.80 40.22
CA ARG D 453 -24.11 -14.06 39.67
C ARG D 453 -23.50 -15.25 40.41
N PHE D 454 -22.21 -15.14 40.75
CA PHE D 454 -21.51 -16.16 41.55
C PHE D 454 -22.25 -16.43 42.85
N LEU D 455 -22.66 -15.36 43.54
CA LEU D 455 -23.30 -15.49 44.85
C LEU D 455 -24.74 -15.96 44.73
N ALA D 456 -25.36 -15.77 43.59
CA ALA D 456 -26.75 -16.17 43.35
C ALA D 456 -26.89 -17.59 42.83
N GLY D 457 -25.81 -18.36 42.76
CA GLY D 457 -25.89 -19.74 42.29
C GLY D 457 -25.84 -19.94 40.79
N GLN D 458 -25.61 -18.87 40.00
CA GLN D 458 -25.60 -18.96 38.54
C GLN D 458 -24.31 -19.53 37.97
N ILE D 459 -23.25 -19.61 38.76
CA ILE D 459 -21.97 -20.10 38.30
C ILE D 459 -21.69 -21.39 39.06
N GLN D 460 -21.85 -22.53 38.38
CA GLN D 460 -21.61 -23.84 39.01
C GLN D 460 -20.47 -24.56 38.29
N PRO D 461 -19.51 -25.11 39.05
CA PRO D 461 -19.37 -25.09 40.52
C PRO D 461 -19.05 -23.68 41.01
N MET D 462 -19.41 -23.35 42.25
CA MET D 462 -19.14 -22.01 42.79
C MET D 462 -17.71 -21.96 43.33
N THR D 463 -16.77 -22.02 42.39
CA THR D 463 -15.34 -22.00 42.67
C THR D 463 -14.68 -21.16 41.59
N LEU D 464 -13.39 -20.89 41.77
CA LEU D 464 -12.65 -20.19 40.72
C LEU D 464 -12.65 -20.99 39.41
N GLU D 465 -12.50 -22.32 39.49
CA GLU D 465 -12.51 -23.14 38.28
C GLU D 465 -13.85 -23.07 37.58
N GLY D 466 -14.96 -23.08 38.34
CA GLY D 466 -16.26 -22.95 37.73
C GLY D 466 -16.47 -21.58 37.12
N ALA D 467 -15.89 -20.55 37.75
CA ALA D 467 -16.00 -19.22 37.17
C ALA D 467 -15.23 -19.12 35.86
N LEU D 468 -14.07 -19.78 35.77
CA LEU D 468 -13.33 -19.83 34.51
C LEU D 468 -14.14 -20.50 33.41
N LYS D 469 -14.85 -21.58 33.76
CA LYS D 469 -15.69 -22.23 32.77
C LYS D 469 -16.82 -21.29 32.33
N TYR D 470 -17.45 -20.62 33.29
CA TYR D 470 -18.51 -19.66 32.99
C TYR D 470 -18.01 -18.55 32.06
N MET D 471 -16.76 -18.15 32.21
CA MET D 471 -16.18 -17.07 31.41
C MET D 471 -15.87 -17.49 29.98
N GLY D 472 -16.04 -18.76 29.63
CA GLY D 472 -15.96 -19.18 28.24
C GLY D 472 -14.62 -19.73 27.78
N PHE D 473 -13.66 -19.94 28.68
CA PHE D 473 -12.40 -20.55 28.24
C PHE D 473 -12.63 -21.97 27.78
N GLN D 474 -12.05 -22.33 26.64
CA GLN D 474 -12.30 -23.63 26.02
C GLN D 474 -11.08 -24.54 26.05
N SER D 475 -9.97 -24.09 26.60
CA SER D 475 -8.76 -24.91 26.70
C SER D 475 -7.79 -24.26 27.67
N ILE D 476 -6.87 -25.08 28.18
CA ILE D 476 -5.85 -24.60 29.12
C ILE D 476 -5.04 -23.47 28.50
N GLU D 477 -4.76 -23.59 27.19
CA GLU D 477 -3.89 -22.63 26.50
C GLU D 477 -4.47 -21.23 26.47
N GLU D 478 -5.80 -21.11 26.51
CA GLU D 478 -6.44 -19.81 26.36
C GLU D 478 -6.33 -18.94 27.61
N MET D 479 -6.13 -19.53 28.78
CA MET D 479 -6.11 -18.76 30.01
C MET D 479 -4.74 -18.11 30.18
N GLY D 480 -4.75 -16.92 30.77
CA GLY D 480 -3.53 -16.12 30.82
C GLY D 480 -2.50 -16.68 31.79
N LYS D 481 -1.24 -16.52 31.43
CA LYS D 481 -0.13 -16.85 32.33
C LYS D 481 0.87 -15.69 32.31
N ASP D 482 1.88 -15.76 33.18
CA ASP D 482 2.85 -14.68 33.20
C ASP D 482 3.54 -14.62 31.86
N ALA D 483 3.67 -13.41 31.31
CA ALA D 483 4.14 -13.26 29.93
C ALA D 483 5.54 -13.85 29.72
N HIS D 484 6.42 -13.78 30.73
CA HIS D 484 7.80 -14.23 30.60
C HIS D 484 8.10 -15.48 31.41
N ASP D 485 7.07 -16.23 31.80
CA ASP D 485 7.22 -17.37 32.70
C ASP D 485 8.12 -17.02 33.88
N PHE D 486 7.89 -15.83 34.45
CA PHE D 486 8.48 -15.35 35.70
C PHE D 486 9.98 -15.09 35.60
N ALA D 487 10.54 -15.01 34.39
CA ALA D 487 11.97 -14.72 34.25
C ALA D 487 12.34 -13.38 34.85
N TRP D 488 11.40 -12.44 34.92
CA TRP D 488 11.67 -11.17 35.57
C TRP D 488 12.10 -11.33 37.03
N ALA D 489 11.74 -12.44 37.69
CA ALA D 489 12.10 -12.63 39.10
C ALA D 489 13.58 -12.92 39.31
N ASP D 490 14.29 -13.39 38.28
CA ASP D 490 15.72 -13.66 38.41
C ASP D 490 16.53 -12.38 38.50
N LYS D 491 16.01 -11.28 37.94
CA LYS D 491 16.71 -10.01 37.85
C LYS D 491 16.63 -9.25 39.17
N SER E 2 31.91 -28.91 -13.85
CA SER E 2 31.58 -29.53 -12.57
C SER E 2 30.53 -30.62 -12.71
N THR E 3 30.64 -31.68 -11.92
CA THR E 3 29.49 -32.55 -11.73
C THR E 3 28.37 -31.78 -11.06
N LEU E 4 28.72 -30.93 -10.08
CA LEU E 4 27.73 -30.07 -9.43
C LEU E 4 26.97 -29.23 -10.46
N ALA E 5 27.69 -28.64 -11.43
CA ALA E 5 27.03 -27.83 -12.45
C ALA E 5 26.19 -28.67 -13.39
N ASP E 6 26.72 -29.82 -13.83
CA ASP E 6 25.95 -30.73 -14.67
C ASP E 6 24.66 -31.13 -14.00
N GLN E 7 24.75 -31.48 -12.70
CA GLN E 7 23.56 -31.86 -11.95
C GLN E 7 22.58 -30.71 -11.82
N ALA E 8 23.09 -29.50 -11.53
CA ALA E 8 22.21 -28.34 -11.40
C ALA E 8 21.49 -28.05 -12.71
N LEU E 9 22.18 -28.22 -13.85
CA LEU E 9 21.57 -27.92 -15.13
C LEU E 9 20.53 -28.98 -15.50
N HIS E 10 20.80 -30.24 -15.17
CA HIS E 10 19.93 -31.34 -15.59
C HIS E 10 18.80 -31.52 -14.58
N ASN E 11 17.91 -30.54 -14.59
CA ASN E 11 16.70 -30.56 -13.78
C ASN E 11 15.51 -30.32 -14.72
N ASN E 12 14.33 -30.72 -14.28
CA ASN E 12 13.10 -30.43 -15.00
C ASN E 12 12.10 -29.67 -14.13
N ASN E 13 12.61 -28.81 -13.24
CA ASN E 13 11.77 -28.10 -12.28
C ASN E 13 11.09 -26.90 -12.93
N VAL E 14 9.77 -26.82 -12.81
CA VAL E 14 9.01 -25.68 -13.33
C VAL E 14 8.10 -25.16 -12.25
N GLY E 15 7.75 -23.87 -12.33
CA GLY E 15 6.86 -23.30 -11.37
C GLY E 15 7.10 -21.85 -11.03
N PRO E 16 6.19 -21.26 -10.26
CA PRO E 16 6.25 -19.83 -9.98
C PRO E 16 7.25 -19.50 -8.87
N ILE E 17 7.85 -18.31 -8.99
CA ILE E 17 8.56 -17.65 -7.89
C ILE E 17 7.67 -16.50 -7.43
N ILE E 18 7.14 -16.60 -6.22
CA ILE E 18 6.16 -15.67 -5.70
C ILE E 18 6.86 -14.76 -4.71
N ARG E 19 6.76 -13.45 -4.91
CA ARG E 19 7.37 -12.49 -3.96
C ARG E 19 6.56 -12.47 -2.66
N ALA E 20 7.22 -12.04 -1.59
CA ALA E 20 6.61 -12.04 -0.27
C ALA E 20 5.36 -11.17 -0.24
N GLY E 21 4.28 -11.71 0.32
CA GLY E 21 3.01 -11.01 0.37
C GLY E 21 1.87 -12.01 0.54
N ASP E 22 0.68 -11.58 0.14
CA ASP E 22 -0.54 -12.36 0.40
C ASP E 22 -0.79 -13.46 -0.61
N LEU E 23 0.07 -13.62 -1.62
CA LEU E 23 -0.10 -14.73 -2.56
C LEU E 23 0.77 -15.94 -2.25
N VAL E 24 1.73 -15.84 -1.32
CA VAL E 24 2.67 -16.95 -1.09
C VAL E 24 1.93 -18.21 -0.65
N GLU E 25 1.20 -18.12 0.45
CA GLU E 25 0.54 -19.33 0.96
C GLU E 25 -0.56 -19.81 0.03
N PRO E 26 -1.42 -18.94 -0.54
CA PRO E 26 -2.44 -19.48 -1.46
C PRO E 26 -1.84 -20.18 -2.67
N VAL E 27 -0.70 -19.70 -3.19
CA VAL E 27 -0.10 -20.35 -4.35
C VAL E 27 0.50 -21.71 -3.98
N ILE E 28 1.20 -21.79 -2.84
CA ILE E 28 1.68 -23.09 -2.37
C ILE E 28 0.52 -24.08 -2.28
N GLU E 29 -0.57 -23.67 -1.62
CA GLU E 29 -1.71 -24.56 -1.45
C GLU E 29 -2.34 -24.92 -2.80
N THR E 30 -2.40 -23.95 -3.71
CA THR E 30 -2.95 -24.22 -5.04
C THR E 30 -2.08 -25.20 -5.80
N ALA E 31 -0.75 -25.01 -5.76
CA ALA E 31 0.14 -25.94 -6.46
C ALA E 31 -0.08 -27.37 -5.98
N GLU E 32 -0.30 -27.55 -4.67
CA GLU E 32 -0.54 -28.88 -4.12
C GLU E 32 -1.87 -29.43 -4.59
N ILE E 33 -2.93 -28.62 -4.50
CA ILE E 33 -4.27 -29.09 -4.84
C ILE E 33 -4.41 -29.37 -6.32
N ASP E 34 -3.86 -28.50 -7.17
CA ASP E 34 -4.08 -28.58 -8.60
C ASP E 34 -3.10 -29.50 -9.33
N ASN E 35 -2.13 -30.10 -8.63
CA ASN E 35 -1.21 -31.07 -9.22
C ASN E 35 -1.13 -32.32 -8.34
N PRO E 36 -2.24 -33.03 -8.20
CA PRO E 36 -2.25 -34.21 -7.31
C PRO E 36 -1.34 -35.30 -7.85
N GLY E 37 -0.75 -36.06 -6.94
CA GLY E 37 0.22 -37.01 -7.41
C GLY E 37 1.48 -36.42 -8.01
N LYS E 38 1.73 -35.11 -7.82
CA LYS E 38 3.03 -34.51 -8.03
C LYS E 38 3.54 -34.01 -6.69
N GLU E 39 4.82 -34.22 -6.43
CA GLU E 39 5.45 -33.63 -5.27
C GLU E 39 5.78 -32.17 -5.57
N ILE E 40 5.27 -31.27 -4.75
CA ILE E 40 5.57 -29.84 -4.84
C ILE E 40 6.72 -29.55 -3.90
N THR E 41 7.78 -28.93 -4.41
CA THR E 41 8.88 -28.50 -3.55
C THR E 41 8.81 -26.98 -3.37
N VAL E 42 9.22 -26.53 -2.19
CA VAL E 42 9.10 -25.12 -1.82
C VAL E 42 10.41 -24.71 -1.16
N GLU E 43 11.08 -23.71 -1.72
CA GLU E 43 12.30 -23.14 -1.13
C GLU E 43 11.98 -21.73 -0.66
N ASP E 44 12.05 -21.50 0.67
CA ASP E 44 11.69 -20.21 1.28
C ASP E 44 12.93 -19.32 1.41
N ARG E 45 12.97 -18.22 0.66
CA ARG E 45 14.04 -17.24 0.76
C ARG E 45 13.55 -15.92 1.34
N ARG E 46 12.41 -15.96 2.06
CA ARG E 46 11.83 -14.86 2.82
C ARG E 46 11.28 -13.74 1.93
N ALA E 47 12.12 -13.16 1.06
CA ALA E 47 11.64 -12.18 0.08
C ALA E 47 10.87 -12.82 -1.06
N TYR E 48 11.13 -14.11 -1.32
CA TYR E 48 10.43 -14.86 -2.36
C TYR E 48 10.45 -16.34 -1.98
N VAL E 49 9.53 -17.09 -2.58
CA VAL E 49 9.47 -18.53 -2.43
C VAL E 49 9.51 -19.15 -3.83
N ARG E 50 10.38 -20.15 -4.00
CA ARG E 50 10.50 -20.87 -5.26
C ARG E 50 9.69 -22.16 -5.13
N ILE E 51 8.62 -22.26 -5.91
CA ILE E 51 7.69 -23.39 -5.87
C ILE E 51 7.85 -24.18 -7.16
N ALA E 52 8.00 -25.51 -7.06
CA ALA E 52 8.31 -26.28 -8.27
C ALA E 52 7.71 -27.68 -8.23
N ALA E 53 7.49 -28.22 -9.43
CA ALA E 53 7.19 -29.62 -9.65
C ALA E 53 7.96 -30.05 -10.89
N GLU E 54 8.00 -31.36 -11.11
CA GLU E 54 8.72 -31.95 -12.23
C GLU E 54 7.89 -31.86 -13.52
N GLY E 55 8.46 -31.24 -14.55
CA GLY E 55 7.87 -31.26 -15.90
C GLY E 55 6.76 -30.29 -16.21
N GLU E 56 5.73 -30.23 -15.36
CA GLU E 56 4.69 -29.21 -15.52
C GLU E 56 4.08 -28.94 -14.15
N LEU E 57 3.56 -27.71 -13.97
CA LEU E 57 2.86 -27.33 -12.76
C LEU E 57 1.75 -26.37 -13.15
N ILE E 58 0.50 -26.65 -12.72
CA ILE E 58 -0.67 -25.86 -13.09
C ILE E 58 -1.15 -25.10 -11.85
N LEU E 59 -1.53 -23.83 -12.05
CA LEU E 59 -2.32 -23.08 -11.10
C LEU E 59 -3.63 -22.68 -11.77
N THR E 60 -4.76 -23.17 -11.28
CA THR E 60 -6.05 -22.79 -11.86
C THR E 60 -6.61 -21.57 -11.14
N ARG E 61 -7.36 -20.77 -11.90
CA ARG E 61 -8.00 -19.59 -11.31
C ARG E 61 -8.97 -19.97 -10.19
N LYS E 62 -9.77 -21.01 -10.42
CA LYS E 62 -10.75 -21.43 -9.43
C LYS E 62 -10.10 -21.76 -8.10
N THR E 63 -9.03 -22.56 -8.15
CA THR E 63 -8.39 -22.95 -6.89
C THR E 63 -7.70 -21.76 -6.24
N LEU E 64 -7.04 -20.93 -7.04
CA LEU E 64 -6.40 -19.74 -6.52
C LEU E 64 -7.40 -18.86 -5.77
N GLU E 65 -8.57 -18.62 -6.36
CA GLU E 65 -9.60 -17.84 -5.65
C GLU E 65 -10.02 -18.54 -4.36
N GLU E 66 -10.20 -19.86 -4.40
CA GLU E 66 -10.66 -20.58 -3.20
C GLU E 66 -9.64 -20.49 -2.07
N GLN E 67 -8.33 -20.59 -2.40
CA GLN E 67 -7.29 -20.55 -1.37
C GLN E 67 -6.95 -19.13 -0.94
N LEU E 68 -7.13 -18.15 -1.83
CA LEU E 68 -6.89 -16.76 -1.45
C LEU E 68 -8.02 -16.20 -0.60
N GLY E 69 -9.27 -16.64 -0.83
CA GLY E 69 -10.39 -16.18 -0.03
C GLY E 69 -11.08 -14.92 -0.53
N ARG E 70 -10.79 -14.47 -1.74
CA ARG E 70 -11.41 -13.27 -2.29
C ARG E 70 -11.46 -13.40 -3.80
N PRO E 71 -12.30 -12.63 -4.49
CA PRO E 71 -12.36 -12.72 -5.95
C PRO E 71 -10.98 -12.48 -6.56
N PHE E 72 -10.67 -13.24 -7.60
CA PHE E 72 -9.33 -13.25 -8.20
C PHE E 72 -9.46 -13.56 -9.68
N ASN E 73 -8.77 -12.78 -10.53
CA ASN E 73 -8.64 -13.15 -11.93
C ASN E 73 -7.17 -13.42 -12.26
N MET E 74 -6.96 -14.25 -13.28
CA MET E 74 -5.61 -14.76 -13.55
C MET E 74 -4.64 -13.63 -13.87
N GLN E 75 -5.11 -12.56 -14.51
CA GLN E 75 -4.20 -11.49 -14.91
C GLN E 75 -3.54 -10.83 -13.69
N GLU E 76 -4.26 -10.79 -12.55
CA GLU E 76 -3.74 -10.25 -11.30
C GLU E 76 -2.50 -10.96 -10.79
N LEU E 77 -2.25 -12.20 -11.20
CA LEU E 77 -1.12 -12.95 -10.67
C LEU E 77 0.18 -12.16 -10.83
N GLU E 78 0.30 -11.35 -11.87
CA GLU E 78 1.57 -10.68 -12.06
C GLU E 78 1.85 -9.60 -11.03
N ILE E 79 0.90 -9.24 -10.16
CA ILE E 79 1.27 -8.38 -9.04
C ILE E 79 2.28 -9.09 -8.16
N ASN E 80 2.28 -10.42 -8.15
CA ASN E 80 3.13 -11.15 -7.21
C ASN E 80 4.02 -12.21 -7.84
N LEU E 81 3.92 -12.42 -9.14
CA LEU E 81 4.77 -13.41 -9.83
C LEU E 81 6.07 -12.74 -10.23
N ALA E 82 7.09 -12.89 -9.37
CA ALA E 82 8.36 -12.18 -9.56
C ALA E 82 9.27 -12.88 -10.56
N SER E 83 9.16 -14.19 -10.71
CA SER E 83 9.84 -14.91 -11.78
C SER E 83 9.15 -16.26 -11.93
N PHE E 84 9.68 -17.10 -12.83
CA PHE E 84 9.15 -18.46 -12.97
C PHE E 84 10.16 -19.31 -13.72
N ALA E 85 10.10 -20.61 -13.48
CA ALA E 85 10.87 -21.59 -14.22
C ALA E 85 9.91 -22.35 -15.13
N GLY E 86 10.40 -22.71 -16.32
CA GLY E 86 9.58 -23.30 -17.36
C GLY E 86 9.03 -22.27 -18.31
N GLN E 87 8.52 -22.76 -19.44
CA GLN E 87 7.73 -21.94 -20.34
C GLN E 87 6.31 -21.82 -19.79
N ILE E 88 5.56 -20.88 -20.35
CA ILE E 88 4.33 -20.39 -19.74
C ILE E 88 3.21 -20.46 -20.78
N GLN E 89 2.08 -21.07 -20.40
CA GLN E 89 0.83 -21.00 -21.17
C GLN E 89 -0.23 -20.51 -20.21
N ALA E 90 -0.76 -19.30 -20.44
CA ALA E 90 -1.67 -18.65 -19.52
C ALA E 90 -2.94 -18.23 -20.26
N ASP E 91 -4.08 -18.41 -19.62
CA ASP E 91 -5.35 -17.97 -20.20
C ASP E 91 -6.26 -17.55 -19.05
N GLU E 92 -7.55 -17.41 -19.34
CA GLU E 92 -8.44 -16.90 -18.31
C GLU E 92 -8.68 -17.92 -17.20
N ASP E 93 -8.47 -19.21 -17.47
CA ASP E 93 -8.79 -20.23 -16.49
C ASP E 93 -7.61 -20.72 -15.67
N GLN E 94 -6.38 -20.57 -16.17
CA GLN E 94 -5.23 -21.16 -15.48
C GLN E 94 -3.93 -20.62 -16.06
N ILE E 95 -2.84 -20.94 -15.38
CA ILE E 95 -1.50 -20.82 -15.93
C ILE E 95 -0.80 -22.16 -15.78
N ARG E 96 -0.02 -22.53 -16.79
CA ARG E 96 0.74 -23.77 -16.77
C ARG E 96 2.20 -23.44 -17.04
N PHE E 97 3.08 -23.89 -16.15
CA PHE E 97 4.52 -23.80 -16.32
C PHE E 97 4.99 -25.17 -16.79
N TYR E 98 5.84 -25.22 -17.83
CA TYR E 98 6.13 -26.53 -18.43
C TYR E 98 7.43 -26.46 -19.22
N PHE E 99 8.02 -27.64 -19.46
CA PHE E 99 9.17 -27.80 -20.33
C PHE E 99 8.80 -28.63 -21.55
N ASP E 100 9.36 -28.26 -22.71
CA ASP E 100 9.24 -29.11 -23.90
C ASP E 100 10.15 -30.33 -23.81
N LYS E 101 11.34 -30.17 -23.25
CA LYS E 101 12.34 -31.23 -23.24
C LYS E 101 12.44 -31.84 -21.85
N THR E 102 12.99 -33.06 -21.80
CA THR E 102 13.23 -33.75 -20.55
C THR E 102 14.73 -34.01 -20.42
N MET E 103 15.34 -33.43 -19.41
CA MET E 103 16.75 -33.62 -19.13
C MET E 103 16.92 -34.58 -17.96
N PHE F 3 -10.16 -28.46 32.56
CA PHE F 3 -9.87 -27.98 31.22
C PHE F 3 -8.93 -28.96 30.50
N GLU F 4 -9.01 -28.98 29.18
CA GLU F 4 -8.17 -29.86 28.37
C GLU F 4 -7.22 -29.02 27.54
N SER F 5 -6.19 -29.68 27.03
CA SER F 5 -5.25 -29.02 26.12
C SER F 5 -5.73 -29.22 24.68
N LYS F 6 -5.72 -28.14 23.87
CA LYS F 6 -6.17 -28.21 22.49
C LYS F 6 -5.19 -27.48 21.60
N LYS F 7 -5.06 -27.95 20.36
CA LYS F 7 -4.19 -27.31 19.38
C LYS F 7 -4.79 -25.99 18.88
N PRO F 8 -3.96 -25.11 18.31
CA PRO F 8 -4.51 -23.93 17.62
C PRO F 8 -5.41 -24.34 16.47
N MET F 9 -6.35 -23.45 16.13
CA MET F 9 -7.26 -23.66 15.02
C MET F 9 -6.82 -22.80 13.82
N ARG F 10 -7.14 -23.25 12.61
CA ARG F 10 -6.72 -22.52 11.42
C ARG F 10 -7.53 -21.25 11.20
N THR F 11 -8.60 -21.07 11.96
CA THR F 11 -9.53 -19.96 11.78
C THR F 11 -10.27 -19.77 13.11
N TRP F 12 -11.31 -18.93 13.11
CA TRP F 12 -12.11 -18.75 14.33
C TRP F 12 -12.73 -20.07 14.77
N SER F 13 -12.91 -20.22 16.08
CA SER F 13 -13.51 -21.45 16.60
C SER F 13 -14.86 -21.73 15.95
N HIS F 14 -15.67 -20.70 15.71
CA HIS F 14 -16.98 -20.95 15.13
C HIS F 14 -16.91 -21.36 13.67
N LEU F 15 -15.76 -21.17 13.01
CA LEU F 15 -15.60 -21.50 11.61
C LEU F 15 -14.79 -22.77 11.40
N ALA F 16 -14.17 -23.32 12.44
CA ALA F 16 -13.21 -24.39 12.25
C ALA F 16 -13.87 -25.70 11.83
N GLU F 17 -15.21 -25.81 11.95
CA GLU F 17 -15.92 -27.00 11.47
C GLU F 17 -16.23 -26.95 9.98
N MET F 18 -16.03 -25.80 9.32
CA MET F 18 -16.27 -25.68 7.88
C MET F 18 -15.44 -26.70 7.11
N ARG F 19 -16.00 -27.19 5.99
CA ARG F 19 -15.30 -28.18 5.18
C ARG F 19 -14.31 -27.56 4.20
N LYS F 20 -14.34 -26.25 4.02
CA LYS F 20 -13.41 -25.55 3.15
C LYS F 20 -12.69 -24.47 3.95
N LYS F 21 -11.69 -23.88 3.32
CA LYS F 21 -10.98 -22.75 3.93
C LYS F 21 -11.90 -21.53 3.98
N PRO F 22 -12.07 -20.88 5.14
CA PRO F 22 -12.95 -19.71 5.20
C PRO F 22 -12.46 -18.57 4.34
N SER F 23 -13.40 -17.90 3.68
CA SER F 23 -13.10 -16.76 2.82
C SER F 23 -12.93 -15.48 3.65
N GLU F 24 -12.47 -14.43 2.97
CA GLU F 24 -12.39 -13.10 3.59
C GLU F 24 -13.76 -12.69 4.13
N TYR F 25 -14.82 -12.95 3.36
CA TYR F 25 -16.19 -12.66 3.77
C TYR F 25 -16.54 -13.41 5.06
N ASP F 26 -16.26 -14.71 5.12
CA ASP F 26 -16.57 -15.49 6.32
C ASP F 26 -15.87 -14.90 7.54
N ILE F 27 -14.57 -14.63 7.39
CA ILE F 27 -13.72 -14.22 8.51
C ILE F 27 -14.24 -12.93 9.15
N VAL F 28 -14.62 -11.94 8.33
CA VAL F 28 -14.89 -10.60 8.85
C VAL F 28 -16.37 -10.31 9.03
N SER F 29 -17.27 -11.20 8.60
CA SER F 29 -18.69 -10.89 8.57
C SER F 29 -19.56 -11.72 9.52
N ARG F 30 -19.16 -12.93 9.87
CA ARG F 30 -20.10 -13.90 10.44
C ARG F 30 -20.16 -13.85 11.95
N LYS F 31 -21.39 -13.90 12.48
CA LYS F 31 -21.66 -14.11 13.90
C LYS F 31 -21.02 -13.03 14.79
N LEU F 32 -21.35 -11.77 14.49
CA LEU F 32 -20.79 -10.67 15.27
C LEU F 32 -21.79 -9.97 16.19
N HIS F 33 -23.10 -10.24 16.07
CA HIS F 33 -24.06 -9.66 17.01
C HIS F 33 -24.01 -10.46 18.30
N TYR F 34 -23.33 -9.95 19.32
CA TYR F 34 -23.45 -10.61 20.62
C TYR F 34 -24.80 -10.34 21.29
N SER F 35 -25.59 -9.40 20.77
CA SER F 35 -26.86 -9.03 21.39
C SER F 35 -27.96 -10.08 21.20
N THR F 36 -27.70 -11.15 20.46
CA THR F 36 -28.66 -12.25 20.31
C THR F 36 -28.35 -13.45 21.20
N ASN F 37 -27.24 -13.41 21.96
CA ASN F 37 -26.84 -14.55 22.79
C ASN F 37 -27.78 -14.78 23.98
N ASN F 38 -28.17 -13.70 24.68
CA ASN F 38 -28.94 -13.78 25.92
C ASN F 38 -30.35 -13.25 25.67
N PRO F 39 -31.36 -14.13 25.55
CA PRO F 39 -32.72 -13.66 25.21
C PRO F 39 -33.28 -12.66 26.21
N ASP F 40 -32.95 -12.81 27.49
CA ASP F 40 -33.49 -11.92 28.53
C ASP F 40 -32.74 -10.59 28.62
N SER F 41 -31.47 -10.54 28.22
CA SER F 41 -30.68 -9.31 28.23
C SER F 41 -29.88 -9.19 26.95
N PRO F 42 -30.51 -8.73 25.86
CA PRO F 42 -29.73 -8.50 24.63
C PRO F 42 -28.47 -7.70 24.90
N TRP F 43 -28.60 -6.60 25.65
CA TRP F 43 -27.51 -5.69 25.96
C TRP F 43 -27.10 -5.86 27.42
N GLU F 44 -25.81 -5.60 27.69
CA GLU F 44 -25.18 -5.86 28.99
C GLU F 44 -25.52 -4.75 29.98
N LEU F 45 -26.81 -4.66 30.29
CA LEU F 45 -27.38 -3.63 31.14
C LEU F 45 -28.50 -4.27 31.96
N SER F 46 -29.26 -3.45 32.66
CA SER F 46 -30.44 -3.98 33.33
C SER F 46 -31.34 -4.67 32.30
N PRO F 47 -31.84 -5.88 32.58
CA PRO F 47 -32.69 -6.57 31.60
C PRO F 47 -33.91 -5.78 31.19
N ASP F 48 -34.39 -4.87 32.03
CA ASP F 48 -35.55 -4.03 31.72
C ASP F 48 -35.16 -2.61 31.32
N SER F 49 -33.90 -2.40 30.92
CA SER F 49 -33.51 -1.10 30.39
C SER F 49 -34.33 -0.80 29.13
N PRO F 50 -34.54 0.47 28.80
CA PRO F 50 -35.40 0.78 27.64
C PRO F 50 -34.96 0.08 26.36
N MET F 51 -33.67 0.07 26.05
CA MET F 51 -33.27 -0.52 24.77
C MET F 51 -33.33 -2.05 24.83
N ASN F 52 -33.16 -2.64 26.02
CA ASN F 52 -33.42 -4.08 26.17
C ASN F 52 -34.89 -4.40 25.92
N LEU F 53 -35.81 -3.56 26.43
CA LEU F 53 -37.23 -3.78 26.15
C LEU F 53 -37.54 -3.61 24.66
N TRP F 54 -36.89 -2.61 24.02
CA TRP F 54 -37.09 -2.40 22.58
C TRP F 54 -36.68 -3.63 21.78
N TYR F 55 -35.49 -4.17 22.06
CA TYR F 55 -35.02 -5.31 21.27
C TYR F 55 -35.78 -6.60 21.58
N LYS F 56 -36.18 -6.79 22.84
CA LYS F 56 -36.97 -7.99 23.13
C LYS F 56 -38.32 -7.95 22.41
N GLN F 57 -38.90 -6.76 22.23
CA GLN F 57 -40.18 -6.65 21.53
C GLN F 57 -40.02 -6.69 20.01
N TYR F 58 -39.12 -5.88 19.47
CA TYR F 58 -39.07 -5.65 18.04
C TYR F 58 -38.10 -6.55 17.29
N ARG F 59 -37.15 -7.18 17.99
CA ARG F 59 -36.36 -8.22 17.35
C ARG F 59 -36.73 -9.61 17.85
N ASN F 60 -36.56 -9.90 19.15
CA ASN F 60 -36.69 -11.27 19.62
C ASN F 60 -38.10 -11.79 19.43
N ALA F 61 -39.12 -10.95 19.65
CA ALA F 61 -40.51 -11.37 19.58
C ALA F 61 -41.12 -11.23 18.19
N SER F 62 -40.30 -11.03 17.15
CA SER F 62 -40.85 -10.94 15.79
C SER F 62 -41.45 -12.28 15.37
N PRO F 63 -42.61 -12.29 14.72
CA PRO F 63 -43.18 -13.56 14.25
C PRO F 63 -42.35 -14.22 13.16
N LEU F 64 -41.39 -13.49 12.57
CA LEU F 64 -40.46 -14.06 11.59
C LEU F 64 -39.31 -14.69 12.38
N LYS F 65 -39.25 -16.03 12.39
CA LYS F 65 -38.34 -16.74 13.28
C LYS F 65 -37.51 -17.77 12.52
N HIS F 66 -36.30 -18.01 13.02
CA HIS F 66 -35.37 -18.96 12.44
C HIS F 66 -34.40 -19.38 13.54
N ASP F 67 -34.02 -20.66 13.55
CA ASP F 67 -33.09 -21.16 14.56
C ASP F 67 -31.66 -20.69 14.34
N ASN F 68 -31.33 -20.23 13.13
CA ASN F 68 -29.95 -19.89 12.84
C ASN F 68 -29.92 -18.78 11.78
N TRP F 69 -30.36 -17.59 12.17
CA TRP F 69 -30.24 -16.42 11.29
C TRP F 69 -28.80 -16.17 10.86
N ASP F 70 -27.82 -16.49 11.74
CA ASP F 70 -26.43 -16.17 11.45
C ASP F 70 -25.93 -16.90 10.21
N ALA F 71 -26.53 -18.04 9.88
CA ALA F 71 -26.13 -18.81 8.70
C ALA F 71 -26.44 -18.09 7.40
N PHE F 72 -27.21 -17.00 7.42
CA PHE F 72 -27.48 -16.26 6.19
C PHE F 72 -26.18 -15.80 5.55
N THR F 73 -26.15 -15.83 4.21
CA THR F 73 -24.99 -15.42 3.42
C THR F 73 -25.39 -14.43 2.34
N ASP F 74 -24.72 -13.28 2.29
CA ASP F 74 -24.78 -12.36 1.15
C ASP F 74 -24.41 -13.13 -0.11
N PRO F 75 -25.33 -13.28 -1.07
CA PRO F 75 -24.96 -13.97 -2.33
C PRO F 75 -23.80 -13.32 -3.06
N ASP F 76 -23.60 -12.02 -2.88
CA ASP F 76 -22.45 -11.31 -3.46
C ASP F 76 -21.21 -11.33 -2.55
N GLN F 77 -21.35 -11.80 -1.31
CA GLN F 77 -20.24 -11.94 -0.35
C GLN F 77 -19.44 -10.65 -0.19
N LEU F 78 -20.13 -9.52 -0.19
CA LEU F 78 -19.43 -8.24 -0.15
C LEU F 78 -18.89 -7.96 1.25
N VAL F 79 -17.69 -7.37 1.31
CA VAL F 79 -17.14 -6.79 2.53
C VAL F 79 -16.85 -5.31 2.25
N TYR F 80 -16.45 -4.59 3.30
CA TYR F 80 -16.21 -3.15 3.14
C TYR F 80 -15.21 -2.90 2.01
N ARG F 81 -14.09 -3.64 2.01
CA ARG F 81 -13.04 -3.40 1.03
C ARG F 81 -13.55 -3.60 -0.39
N THR F 82 -14.29 -4.70 -0.64
CA THR F 82 -14.70 -4.98 -2.01
C THR F 82 -15.90 -4.14 -2.43
N TYR F 83 -16.74 -3.73 -1.47
CA TYR F 83 -17.80 -2.77 -1.78
C TYR F 83 -17.21 -1.49 -2.34
N ASN F 84 -16.18 -0.93 -1.66
CA ASN F 84 -15.60 0.33 -2.12
C ASN F 84 -14.88 0.19 -3.45
N LEU F 85 -14.26 -0.97 -3.71
CA LEU F 85 -13.64 -1.21 -5.02
C LEU F 85 -14.70 -1.21 -6.12
N MET F 86 -15.76 -1.97 -5.92
CA MET F 86 -16.85 -2.00 -6.90
C MET F 86 -17.48 -0.63 -7.06
N GLN F 87 -17.81 0.05 -5.96
CA GLN F 87 -18.53 1.31 -6.10
C GLN F 87 -17.65 2.47 -6.53
N ASP F 88 -16.35 2.46 -6.18
CA ASP F 88 -15.50 3.49 -6.77
C ASP F 88 -15.46 3.35 -8.28
N GLY F 89 -15.48 2.12 -8.79
CA GLY F 89 -15.55 1.93 -10.24
C GLY F 89 -16.84 2.48 -10.84
N GLN F 90 -17.97 2.11 -10.25
CA GLN F 90 -19.26 2.55 -10.77
C GLN F 90 -19.45 4.05 -10.60
N GLU F 91 -19.06 4.60 -9.44
CA GLU F 91 -19.30 6.01 -9.21
C GLU F 91 -18.33 6.88 -10.01
N SER F 92 -17.09 6.45 -10.20
CA SER F 92 -16.21 7.23 -11.07
C SER F 92 -16.74 7.24 -12.51
N TYR F 93 -17.38 6.14 -12.93
CA TYR F 93 -18.05 6.11 -14.24
C TYR F 93 -19.19 7.14 -14.31
N VAL F 94 -20.06 7.15 -13.29
CA VAL F 94 -21.17 8.12 -13.27
C VAL F 94 -20.63 9.54 -13.26
N GLN F 95 -19.63 9.82 -12.42
CA GLN F 95 -19.05 11.17 -12.39
C GLN F 95 -18.39 11.52 -13.72
N SER F 96 -17.80 10.53 -14.41
CA SER F 96 -17.24 10.79 -15.73
C SER F 96 -18.35 11.08 -16.75
N LEU F 97 -19.49 10.39 -16.63
CA LEU F 97 -20.65 10.74 -17.44
C LEU F 97 -21.09 12.18 -17.18
N PHE F 98 -21.23 12.55 -15.90
CA PHE F 98 -21.61 13.93 -15.57
C PHE F 98 -20.66 14.92 -16.24
N ASP F 99 -19.36 14.68 -16.13
CA ASP F 99 -18.37 15.61 -16.66
C ASP F 99 -18.54 15.78 -18.18
N GLN F 100 -18.65 14.68 -18.91
CA GLN F 100 -18.66 14.73 -20.38
CA GLN F 100 -18.64 14.80 -20.37
C GLN F 100 -19.98 15.27 -20.91
N PHE F 101 -21.09 14.90 -20.28
CA PHE F 101 -22.38 15.40 -20.75
C PHE F 101 -22.52 16.89 -20.45
N ASN F 102 -21.88 17.37 -19.39
CA ASN F 102 -21.84 18.80 -19.15
C ASN F 102 -20.98 19.52 -20.19
N GLU F 103 -19.82 18.93 -20.54
CA GLU F 103 -18.99 19.54 -21.59
C GLU F 103 -19.79 19.70 -22.88
N ARG F 104 -20.67 18.74 -23.16
CA ARG F 104 -21.49 18.72 -24.35
C ARG F 104 -22.75 19.55 -24.23
N GLU F 105 -22.99 20.19 -23.09
CA GLU F 105 -24.19 21.00 -22.89
C GLU F 105 -25.46 20.18 -23.13
N HIS F 106 -25.47 18.93 -22.64
CA HIS F 106 -26.60 18.03 -22.80
C HIS F 106 -27.91 18.65 -22.32
N ASP F 107 -27.88 19.34 -21.18
CA ASP F 107 -29.13 19.86 -20.61
C ASP F 107 -29.78 20.89 -21.50
N GLN F 108 -28.98 21.60 -22.31
CA GLN F 108 -29.54 22.58 -23.25
C GLN F 108 -30.46 21.94 -24.28
N MET F 109 -30.21 20.68 -24.64
CA MET F 109 -30.84 20.07 -25.80
C MET F 109 -32.02 19.13 -25.47
N VAL F 110 -32.44 19.06 -24.21
CA VAL F 110 -33.65 18.30 -23.88
C VAL F 110 -34.87 18.99 -24.50
N ARG F 111 -35.93 18.20 -24.69
CA ARG F 111 -37.14 18.72 -25.30
C ARG F 111 -37.71 19.85 -24.45
N GLU F 112 -38.35 20.81 -25.11
CA GLU F 112 -38.90 21.96 -24.40
C GLU F 112 -39.85 21.50 -23.29
N GLY F 113 -39.67 22.06 -22.09
CA GLY F 113 -40.51 21.74 -20.97
C GLY F 113 -39.99 20.61 -20.10
N TRP F 114 -38.98 19.87 -20.54
CA TRP F 114 -38.52 18.74 -19.74
C TRP F 114 -38.00 19.19 -18.38
N GLU F 115 -37.47 20.42 -18.29
CA GLU F 115 -36.97 20.88 -17.00
C GLU F 115 -38.10 21.00 -15.98
N HIS F 116 -39.33 21.24 -16.44
CA HIS F 116 -40.45 21.28 -15.51
C HIS F 116 -40.85 19.89 -15.05
N THR F 117 -40.81 18.90 -15.95
CA THR F 117 -41.03 17.51 -15.55
C THR F 117 -39.97 17.05 -14.54
N MET F 118 -38.70 17.39 -14.78
CA MET F 118 -37.65 17.05 -13.83
C MET F 118 -37.88 17.72 -12.47
N ALA F 119 -38.23 19.01 -12.47
CA ALA F 119 -38.43 19.70 -11.20
C ALA F 119 -39.56 19.08 -10.38
N ARG F 120 -40.58 18.55 -11.04
CA ARG F 120 -41.72 18.03 -10.32
C ARG F 120 -41.58 16.55 -10.01
N CYS F 121 -41.02 15.78 -10.93
CA CYS F 121 -41.01 14.33 -10.83
C CYS F 121 -39.67 13.73 -10.47
N TYR F 122 -38.58 14.48 -10.59
CA TYR F 122 -37.26 13.93 -10.36
C TYR F 122 -36.58 14.54 -9.14
N SER F 123 -36.42 15.86 -9.07
CA SER F 123 -35.66 16.44 -7.95
C SER F 123 -36.25 16.14 -6.57
N PRO F 124 -37.58 16.02 -6.38
CA PRO F 124 -38.06 15.62 -5.04
C PRO F 124 -37.69 14.20 -4.65
N LEU F 125 -37.13 13.40 -5.56
CA LEU F 125 -36.72 12.05 -5.20
C LEU F 125 -35.69 12.03 -4.08
N ARG F 126 -35.00 13.16 -3.82
CA ARG F 126 -34.06 13.15 -2.71
C ARG F 126 -34.75 12.83 -1.38
N TYR F 127 -36.02 13.23 -1.23
CA TYR F 127 -36.78 12.86 -0.03
C TYR F 127 -37.10 11.37 -0.01
N LEU F 128 -37.52 10.81 -1.14
CA LEU F 128 -37.80 9.38 -1.16
C LEU F 128 -36.53 8.56 -0.91
N PHE F 129 -35.42 8.94 -1.54
CA PHE F 129 -34.19 8.19 -1.35
C PHE F 129 -33.69 8.33 0.08
N HIS F 130 -33.86 9.51 0.69
CA HIS F 130 -33.42 9.62 2.08
C HIS F 130 -34.28 8.76 3.00
N CYS F 131 -35.58 8.64 2.70
CA CYS F 131 -36.42 7.71 3.46
C CYS F 131 -35.89 6.28 3.36
N LEU F 132 -35.49 5.84 2.15
CA LEU F 132 -34.88 4.52 2.00
C LEU F 132 -33.62 4.39 2.82
N GLN F 133 -32.82 5.46 2.87
CA GLN F 133 -31.57 5.47 3.64
C GLN F 133 -31.85 5.30 5.14
N MET F 134 -32.76 6.13 5.67
CA MET F 134 -33.20 6.00 7.07
C MET F 134 -33.77 4.60 7.34
N SER F 135 -34.60 4.09 6.42
CA SER F 135 -35.23 2.80 6.65
C SER F 135 -34.22 1.66 6.63
N SER F 136 -33.27 1.67 5.67
CA SER F 136 -32.22 0.66 5.62
C SER F 136 -31.37 0.69 6.89
N ALA F 137 -31.06 1.87 7.43
CA ALA F 137 -30.32 1.94 8.68
C ALA F 137 -31.11 1.32 9.84
N TYR F 138 -32.44 1.44 9.81
CA TYR F 138 -33.22 0.79 10.87
C TYR F 138 -33.16 -0.73 10.76
N VAL F 139 -33.28 -1.29 9.55
CA VAL F 139 -33.19 -2.74 9.45
C VAL F 139 -31.78 -3.19 9.87
N GLN F 140 -30.75 -2.40 9.53
CA GLN F 140 -29.39 -2.72 9.98
C GLN F 140 -29.34 -2.94 11.48
N GLN F 141 -29.84 -1.97 12.25
CA GLN F 141 -29.62 -2.00 13.69
C GLN F 141 -30.51 -3.03 14.38
N MET F 142 -31.58 -3.52 13.73
CA MET F 142 -32.48 -4.49 14.37
C MET F 142 -32.31 -5.92 13.88
N ALA F 143 -31.62 -6.15 12.76
CA ALA F 143 -31.60 -7.49 12.18
C ALA F 143 -30.85 -8.47 13.08
N PRO F 144 -31.28 -9.75 13.13
CA PRO F 144 -30.74 -10.68 14.14
C PRO F 144 -29.49 -11.44 13.71
N ALA F 145 -28.81 -10.98 12.66
CA ALA F 145 -27.57 -11.61 12.21
C ALA F 145 -26.70 -10.53 11.59
N SER F 146 -25.38 -10.58 11.86
CA SER F 146 -24.50 -9.57 11.30
C SER F 146 -24.41 -9.67 9.78
N THR F 147 -24.58 -10.86 9.20
CA THR F 147 -24.54 -10.93 7.75
C THR F 147 -25.75 -10.25 7.13
N ILE F 148 -26.90 -10.30 7.80
CA ILE F 148 -28.05 -9.50 7.37
C ILE F 148 -27.74 -8.02 7.51
N SER F 149 -27.29 -7.62 8.71
CA SER F 149 -27.03 -6.20 8.98
C SER F 149 -26.02 -5.62 7.98
N ASN F 150 -24.99 -6.40 7.59
CA ASN F 150 -23.98 -5.87 6.66
C ASN F 150 -24.59 -5.54 5.31
N CYS F 151 -25.50 -6.38 4.82
CA CYS F 151 -26.21 -6.05 3.58
C CYS F 151 -26.98 -4.76 3.73
N CYS F 152 -27.57 -4.53 4.91
CA CYS F 152 -28.32 -3.30 5.14
C CYS F 152 -27.40 -2.08 5.24
N ILE F 153 -26.21 -2.24 5.83
CA ILE F 153 -25.26 -1.12 5.87
C ILE F 153 -24.92 -0.66 4.46
N LEU F 154 -24.51 -1.61 3.60
CA LEU F 154 -24.16 -1.25 2.23
C LEU F 154 -25.36 -0.67 1.50
N GLN F 155 -26.57 -1.20 1.77
CA GLN F 155 -27.78 -0.65 1.16
C GLN F 155 -28.09 0.75 1.67
N THR F 156 -27.81 1.04 2.93
CA THR F 156 -27.95 2.40 3.43
C THR F 156 -27.03 3.36 2.65
N ALA F 157 -25.77 2.96 2.47
CA ALA F 157 -24.84 3.77 1.69
C ALA F 157 -25.30 3.94 0.24
N ASP F 158 -25.81 2.87 -0.39
CA ASP F 158 -26.32 3.00 -1.77
C ASP F 158 -27.47 4.00 -1.84
N SER F 159 -28.32 4.01 -0.81
CA SER F 159 -29.44 4.96 -0.82
C SER F 159 -28.92 6.38 -0.77
N LEU F 160 -27.88 6.63 0.04
CA LEU F 160 -27.25 7.95 0.06
C LEU F 160 -26.59 8.26 -1.29
N ARG F 161 -26.00 7.25 -1.93
CA ARG F 161 -25.45 7.44 -3.28
C ARG F 161 -26.52 7.98 -4.23
N TRP F 162 -27.71 7.36 -4.23
CA TRP F 162 -28.79 7.84 -5.10
C TRP F 162 -29.23 9.25 -4.72
N LEU F 163 -29.41 9.49 -3.42
CA LEU F 163 -29.75 10.84 -2.97
C LEU F 163 -28.74 11.86 -3.49
N THR F 164 -27.46 11.52 -3.43
CA THR F 164 -26.42 12.47 -3.82
C THR F 164 -26.43 12.71 -5.34
N HIS F 165 -26.63 11.66 -6.14
CA HIS F 165 -26.83 11.83 -7.58
C HIS F 165 -27.90 12.88 -7.87
N THR F 166 -29.01 12.78 -7.14
CA THR F 166 -30.17 13.64 -7.36
C THR F 166 -29.88 15.07 -6.95
N ALA F 167 -29.21 15.25 -5.81
CA ALA F 167 -28.81 16.59 -5.39
C ALA F 167 -27.89 17.22 -6.44
N TYR F 168 -26.85 16.48 -6.86
CA TYR F 168 -25.93 16.99 -7.86
C TYR F 168 -26.65 17.36 -9.14
N ARG F 169 -27.50 16.47 -9.65
CA ARG F 169 -28.16 16.76 -10.91
C ARG F 169 -29.23 17.85 -10.76
N THR F 170 -29.85 17.97 -9.58
CA THR F 170 -30.83 19.04 -9.38
C THR F 170 -30.15 20.40 -9.45
N HIS F 171 -29.04 20.55 -8.73
CA HIS F 171 -28.28 21.80 -8.84
C HIS F 171 -27.78 22.03 -10.27
N GLU F 172 -27.25 20.98 -10.91
CA GLU F 172 -26.69 21.18 -12.25
C GLU F 172 -27.77 21.63 -13.23
N LEU F 173 -28.96 21.01 -13.16
CA LEU F 173 -30.04 21.39 -14.08
C LEU F 173 -30.44 22.84 -13.88
N SER F 174 -30.43 23.30 -12.63
CA SER F 174 -30.85 24.67 -12.34
C SER F 174 -29.91 25.71 -12.97
N LEU F 175 -28.67 25.31 -13.30
CA LEU F 175 -27.75 26.26 -13.94
C LEU F 175 -28.21 26.59 -15.35
N THR F 176 -28.77 25.61 -16.06
CA THR F 176 -29.31 25.83 -17.39
C THR F 176 -30.74 26.34 -17.34
N TYR F 177 -31.50 25.94 -16.31
CA TYR F 177 -32.94 26.25 -16.20
C TYR F 177 -33.19 26.85 -14.83
N PRO F 178 -32.85 28.13 -14.65
CA PRO F 178 -32.91 28.73 -13.31
C PRO F 178 -34.30 29.20 -12.90
N ASP F 179 -35.30 29.08 -13.76
CA ASP F 179 -36.65 29.56 -13.48
C ASP F 179 -37.65 28.42 -13.42
N ALA F 180 -37.27 27.29 -12.82
CA ALA F 180 -38.16 26.16 -12.75
C ALA F 180 -38.34 25.63 -11.33
N GLY F 181 -37.77 26.31 -10.34
CA GLY F 181 -37.86 25.88 -8.96
C GLY F 181 -36.91 24.77 -8.58
N LEU F 182 -35.98 24.40 -9.45
CA LEU F 182 -35.03 23.33 -9.15
C LEU F 182 -34.14 23.72 -7.97
N GLY F 183 -34.08 22.87 -6.96
CA GLY F 183 -33.33 23.20 -5.78
C GLY F 183 -34.04 24.13 -4.81
N GLU F 184 -35.27 24.55 -5.10
CA GLU F 184 -36.01 25.49 -4.28
C GLU F 184 -37.34 24.96 -3.75
N HIS F 185 -38.07 24.17 -4.54
N HIS F 185 -38.04 24.14 -4.55
CA HIS F 185 -39.44 23.84 -4.18
CA HIS F 185 -39.44 23.81 -4.33
C HIS F 185 -39.66 22.36 -3.88
C HIS F 185 -39.66 22.36 -3.90
N GLU F 186 -38.59 21.56 -3.80
CA GLU F 186 -38.76 20.12 -3.65
C GLU F 186 -39.49 19.73 -2.37
N ARG F 187 -39.20 20.41 -1.25
CA ARG F 187 -39.88 20.06 0.01
C ARG F 187 -41.37 20.31 -0.08
N GLU F 188 -41.76 21.45 -0.67
CA GLU F 188 -43.17 21.76 -0.85
C GLU F 188 -43.86 20.71 -1.73
N LEU F 189 -43.21 20.29 -2.82
CA LEU F 189 -43.77 19.25 -3.68
C LEU F 189 -43.93 17.93 -2.93
N TRP F 190 -42.91 17.53 -2.17
CA TRP F 190 -42.99 16.31 -1.35
C TRP F 190 -44.14 16.38 -0.35
N GLU F 191 -44.33 17.53 0.30
CA GLU F 191 -45.38 17.68 1.30
C GLU F 191 -46.78 17.90 0.73
N LYS F 192 -46.91 18.53 -0.45
CA LYS F 192 -48.20 19.01 -0.91
C LYS F 192 -48.65 18.45 -2.25
N GLU F 193 -47.75 18.09 -3.15
CA GLU F 193 -48.18 17.72 -4.49
C GLU F 193 -48.87 16.36 -4.45
N PRO F 194 -50.07 16.21 -5.08
CA PRO F 194 -50.76 14.91 -5.00
C PRO F 194 -49.92 13.72 -5.46
N GLY F 195 -49.15 13.88 -6.53
CA GLY F 195 -48.35 12.78 -7.08
C GLY F 195 -47.29 12.23 -6.13
N TRP F 196 -46.88 12.98 -5.11
CA TRP F 196 -45.93 12.50 -4.11
C TRP F 196 -46.61 12.01 -2.83
N GLN F 197 -47.91 12.21 -2.68
CA GLN F 197 -48.54 11.93 -1.38
C GLN F 197 -48.72 10.45 -1.12
N GLY F 198 -48.90 9.64 -2.16
CA GLY F 198 -48.93 8.19 -1.96
C GLY F 198 -47.59 7.66 -1.48
N LEU F 199 -46.50 8.10 -2.13
CA LEU F 199 -45.16 7.70 -1.70
C LEU F 199 -44.86 8.18 -0.27
N ARG F 200 -45.22 9.43 0.06
CA ARG F 200 -44.86 9.96 1.38
C ARG F 200 -45.67 9.29 2.48
N GLU F 201 -46.95 9.01 2.23
CA GLU F 201 -47.73 8.25 3.20
C GLU F 201 -47.14 6.86 3.38
N LEU F 202 -46.82 6.18 2.27
CA LEU F 202 -46.19 4.88 2.35
C LEU F 202 -44.95 4.92 3.25
N MET F 203 -44.08 5.91 3.04
CA MET F 203 -42.80 5.90 3.73
C MET F 203 -42.93 6.30 5.19
N GLU F 204 -43.79 7.28 5.52
CA GLU F 204 -43.99 7.64 6.92
C GLU F 204 -44.52 6.46 7.72
N LYS F 205 -45.42 5.67 7.11
CA LYS F 205 -45.92 4.47 7.78
C LYS F 205 -44.85 3.38 7.82
N GLN F 206 -44.10 3.19 6.73
CA GLN F 206 -43.09 2.15 6.74
C GLN F 206 -42.01 2.45 7.78
N LEU F 207 -41.66 3.73 7.94
CA LEU F 207 -40.64 4.12 8.90
C LEU F 207 -41.10 3.97 10.34
N THR F 208 -42.39 3.73 10.57
CA THR F 208 -42.88 3.51 11.92
C THR F 208 -43.32 2.05 12.13
N ALA F 209 -42.89 1.15 11.24
CA ALA F 209 -43.04 -0.30 11.43
C ALA F 209 -41.76 -0.81 12.10
N PHE F 210 -41.81 -1.00 13.43
CA PHE F 210 -40.58 -1.20 14.16
C PHE F 210 -40.21 -2.68 14.34
N ASP F 211 -41.11 -3.62 14.05
CA ASP F 211 -40.70 -5.03 14.04
C ASP F 211 -39.66 -5.27 12.94
N TRP F 212 -38.53 -5.89 13.30
CA TRP F 212 -37.44 -6.00 12.34
C TRP F 212 -37.88 -6.75 11.09
N GLY F 213 -38.67 -7.82 11.27
CA GLY F 213 -39.11 -8.60 10.13
C GLY F 213 -40.08 -7.86 9.24
N GLU F 214 -41.05 -7.15 9.84
CA GLU F 214 -41.96 -6.36 9.03
C GLU F 214 -41.21 -5.21 8.35
N ALA F 215 -40.21 -4.64 9.03
CA ALA F 215 -39.41 -3.57 8.44
C ALA F 215 -38.70 -4.08 7.20
N PHE F 216 -38.08 -5.26 7.30
CA PHE F 216 -37.38 -5.85 6.16
C PHE F 216 -38.32 -6.15 5.00
N VAL F 217 -39.45 -6.79 5.29
CA VAL F 217 -40.37 -7.20 4.23
C VAL F 217 -40.98 -5.98 3.55
N SER F 218 -41.48 -5.02 4.34
CA SER F 218 -42.10 -3.85 3.72
C SER F 218 -41.09 -3.05 2.91
N LEU F 219 -39.86 -2.88 3.45
CA LEU F 219 -38.87 -2.07 2.74
C LEU F 219 -38.36 -2.78 1.48
N ASN F 220 -37.90 -4.01 1.63
CA ASN F 220 -37.13 -4.66 0.56
C ASN F 220 -37.97 -5.51 -0.38
N LEU F 221 -39.12 -6.05 0.07
CA LEU F 221 -39.98 -6.87 -0.78
C LEU F 221 -41.17 -6.12 -1.36
N VAL F 222 -41.53 -4.95 -0.83
CA VAL F 222 -42.69 -4.20 -1.32
C VAL F 222 -42.26 -2.84 -1.85
N VAL F 223 -41.65 -2.01 -1.01
CA VAL F 223 -41.37 -0.62 -1.41
C VAL F 223 -40.33 -0.57 -2.51
N LYS F 224 -39.18 -1.18 -2.29
CA LYS F 224 -38.07 -1.02 -3.22
C LYS F 224 -38.35 -1.65 -4.60
N PRO F 225 -38.97 -2.83 -4.70
CA PRO F 225 -39.35 -3.31 -6.04
C PRO F 225 -40.36 -2.42 -6.74
N MET F 226 -41.28 -1.78 -5.99
CA MET F 226 -42.21 -0.84 -6.61
C MET F 226 -41.47 0.37 -7.18
N ILE F 227 -40.38 0.79 -6.54
CA ILE F 227 -39.65 1.96 -7.03
C ILE F 227 -38.95 1.63 -8.34
N VAL F 228 -38.46 0.40 -8.47
CA VAL F 228 -37.84 -0.03 -9.72
C VAL F 228 -38.86 -0.02 -10.86
N GLU F 229 -40.00 -0.67 -10.64
CA GLU F 229 -41.00 -0.86 -11.69
C GLU F 229 -41.76 0.42 -12.02
N SER F 230 -42.02 1.28 -11.02
CA SER F 230 -42.97 2.37 -11.18
C SER F 230 -42.36 3.74 -11.17
N ILE F 231 -41.09 3.88 -10.78
CA ILE F 231 -40.42 5.18 -10.79
C ILE F 231 -39.21 5.13 -11.72
N PHE F 232 -38.26 4.22 -11.45
CA PHE F 232 -37.00 4.22 -12.19
C PHE F 232 -37.23 3.96 -13.67
N LYS F 233 -37.91 2.87 -14.01
CA LYS F 233 -38.08 2.51 -15.42
C LYS F 233 -39.00 3.49 -16.18
N PRO F 234 -40.13 3.92 -15.62
CA PRO F 234 -40.91 4.96 -16.32
C PRO F 234 -40.16 6.28 -16.51
N LEU F 235 -39.31 6.68 -15.56
CA LEU F 235 -38.49 7.87 -15.78
C LEU F 235 -37.58 7.68 -16.98
N GLN F 236 -37.02 6.46 -17.13
CA GLN F 236 -36.15 6.17 -18.29
C GLN F 236 -36.92 6.31 -19.60
N GLN F 237 -38.14 5.79 -19.65
CA GLN F 237 -38.97 5.92 -20.85
C GLN F 237 -39.27 7.39 -21.17
N GLN F 238 -39.63 8.17 -20.15
CA GLN F 238 -39.96 9.59 -20.37
C GLN F 238 -38.73 10.39 -20.79
N ALA F 239 -37.56 10.08 -20.23
CA ALA F 239 -36.34 10.75 -20.67
C ALA F 239 -36.07 10.44 -22.13
N TRP F 240 -36.27 9.18 -22.54
CA TRP F 240 -36.13 8.78 -23.93
C TRP F 240 -36.98 9.66 -24.83
N GLU F 241 -38.24 9.85 -24.47
CA GLU F 241 -39.16 10.64 -25.29
C GLU F 241 -38.81 12.13 -25.29
N ASN F 242 -37.96 12.60 -24.37
CA ASN F 242 -37.67 14.02 -24.24
C ASN F 242 -36.20 14.34 -24.48
N ASN F 243 -35.48 13.45 -25.16
CA ASN F 243 -34.07 13.67 -25.53
C ASN F 243 -33.21 13.99 -24.31
N ASP F 244 -33.51 13.34 -23.19
CA ASP F 244 -32.59 13.29 -22.06
C ASP F 244 -31.87 11.94 -22.16
N THR F 245 -30.63 11.95 -22.67
CA THR F 245 -29.88 10.70 -22.77
C THR F 245 -28.96 10.44 -21.58
N LEU F 246 -28.81 11.41 -20.67
CA LEU F 246 -28.05 11.18 -19.45
C LEU F 246 -28.84 10.38 -18.42
N LEU F 247 -30.06 10.81 -18.11
CA LEU F 247 -30.85 10.15 -17.07
C LEU F 247 -30.99 8.63 -17.27
N PRO F 248 -31.22 8.11 -18.48
CA PRO F 248 -31.27 6.65 -18.61
C PRO F 248 -29.99 5.95 -18.19
N LEU F 249 -28.82 6.52 -18.50
CA LEU F 249 -27.56 5.91 -18.09
C LEU F 249 -27.36 6.01 -16.58
N LEU F 250 -27.70 7.16 -16.00
CA LEU F 250 -27.62 7.30 -14.54
C LEU F 250 -28.50 6.26 -13.85
N ILE F 251 -29.74 6.11 -14.33
CA ILE F 251 -30.66 5.18 -13.68
C ILE F 251 -30.20 3.75 -13.85
N ASP F 252 -29.59 3.42 -14.99
CA ASP F 252 -29.04 2.08 -15.17
C ASP F 252 -27.99 1.77 -14.09
N SER F 253 -27.17 2.77 -13.73
CA SER F 253 -26.19 2.54 -12.68
C SER F 253 -26.89 2.33 -11.34
N GLN F 254 -27.90 3.14 -11.05
CA GLN F 254 -28.64 3.00 -9.80
C GLN F 254 -29.38 1.65 -9.76
N LEU F 255 -29.93 1.21 -10.90
CA LEU F 255 -30.63 -0.06 -10.94
C LEU F 255 -29.71 -1.24 -10.66
N LYS F 256 -28.42 -1.13 -10.97
CA LYS F 256 -27.50 -2.21 -10.59
C LYS F 256 -27.40 -2.32 -9.06
N ASP F 257 -27.38 -1.20 -8.33
CA ASP F 257 -27.52 -1.26 -6.88
C ASP F 257 -28.85 -1.91 -6.49
N ALA F 258 -29.94 -1.47 -7.11
CA ALA F 258 -31.26 -1.94 -6.69
C ALA F 258 -31.44 -3.44 -6.93
N GLU F 259 -30.86 -3.95 -8.03
CA GLU F 259 -30.90 -5.39 -8.26
C GLU F 259 -30.08 -6.15 -7.20
N ARG F 260 -28.94 -5.58 -6.81
CA ARG F 260 -28.16 -6.19 -5.72
C ARG F 260 -28.97 -6.23 -4.43
N HIS F 261 -29.73 -5.17 -4.13
CA HIS F 261 -30.57 -5.21 -2.93
C HIS F 261 -31.61 -6.31 -3.06
N SER F 262 -32.21 -6.48 -4.25
CA SER F 262 -33.17 -7.57 -4.44
C SER F 262 -32.50 -8.94 -4.31
N ARG F 263 -31.25 -9.07 -4.77
CA ARG F 263 -30.55 -10.35 -4.65
C ARG F 263 -30.40 -10.78 -3.20
N TRP F 264 -29.86 -9.91 -2.34
CA TRP F 264 -29.66 -10.38 -0.97
C TRP F 264 -30.98 -10.55 -0.25
N SER F 265 -31.98 -9.73 -0.59
CA SER F 265 -33.30 -9.85 0.01
C SER F 265 -33.93 -11.20 -0.27
N LYS F 266 -33.82 -11.65 -1.52
CA LYS F 266 -34.45 -12.93 -1.84
C LYS F 266 -33.68 -14.09 -1.23
N ALA F 267 -32.36 -13.95 -1.12
CA ALA F 267 -31.57 -14.92 -0.39
C ALA F 267 -32.02 -15.03 1.06
N LEU F 268 -32.35 -13.89 1.69
CA LEU F 268 -32.82 -13.95 3.07
C LEU F 268 -34.19 -14.60 3.14
N VAL F 269 -35.08 -14.30 2.20
CA VAL F 269 -36.37 -14.99 2.13
C VAL F 269 -36.17 -16.50 2.02
N LYS F 270 -35.25 -16.92 1.14
CA LYS F 270 -35.04 -18.36 0.96
C LYS F 270 -34.52 -19.01 2.24
N HIS F 271 -33.60 -18.33 2.94
CA HIS F 271 -33.18 -18.77 4.28
C HIS F 271 -34.39 -18.86 5.22
N ALA F 272 -35.19 -17.79 5.27
CA ALA F 272 -36.30 -17.74 6.22
C ALA F 272 -37.33 -18.83 5.96
N LEU F 273 -37.54 -19.18 4.68
CA LEU F 273 -38.57 -20.16 4.34
C LEU F 273 -38.17 -21.58 4.73
N GLU F 274 -36.95 -21.79 5.20
CA GLU F 274 -36.61 -23.08 5.81
C GLU F 274 -37.52 -23.37 7.00
N ASN F 275 -37.99 -22.34 7.68
CA ASN F 275 -39.03 -22.49 8.70
C ASN F 275 -40.37 -22.41 8.00
N PRO F 276 -41.11 -23.52 7.89
CA PRO F 276 -42.40 -23.48 7.16
C PRO F 276 -43.39 -22.48 7.73
N ASP F 277 -43.27 -22.08 9.00
CA ASP F 277 -44.17 -21.06 9.56
C ASP F 277 -43.99 -19.71 8.89
N ASN F 278 -42.82 -19.44 8.28
CA ASN F 278 -42.52 -18.08 7.85
C ASN F 278 -43.19 -17.71 6.54
N HIS F 279 -43.62 -18.67 5.72
CA HIS F 279 -44.31 -18.32 4.49
C HIS F 279 -45.56 -17.48 4.77
N ALA F 280 -46.37 -17.90 5.74
CA ALA F 280 -47.60 -17.15 6.04
C ALA F 280 -47.30 -15.77 6.61
N VAL F 281 -46.24 -15.67 7.42
CA VAL F 281 -45.84 -14.38 7.98
C VAL F 281 -45.45 -13.41 6.87
N ILE F 282 -44.57 -13.83 5.97
CA ILE F 282 -44.12 -12.95 4.90
C ILE F 282 -45.28 -12.59 3.99
N GLU F 283 -46.14 -13.56 3.66
CA GLU F 283 -47.29 -13.29 2.80
C GLU F 283 -48.21 -12.25 3.42
N GLY F 284 -48.49 -12.38 4.72
CA GLY F 284 -49.38 -11.42 5.38
C GLY F 284 -48.83 -10.00 5.34
N TRP F 285 -47.52 -9.85 5.56
CA TRP F 285 -46.91 -8.52 5.50
C TRP F 285 -46.94 -7.96 4.08
N ILE F 286 -46.62 -8.79 3.08
CA ILE F 286 -46.68 -8.33 1.70
C ILE F 286 -48.08 -7.82 1.36
N GLU F 287 -49.10 -8.60 1.70
CA GLU F 287 -50.47 -8.19 1.38
C GLU F 287 -50.89 -6.99 2.22
N LYS F 288 -50.31 -6.83 3.41
CA LYS F 288 -50.62 -5.65 4.21
C LYS F 288 -50.11 -4.37 3.56
N TRP F 289 -48.91 -4.41 2.98
CA TRP F 289 -48.23 -3.23 2.47
C TRP F 289 -48.44 -2.99 0.97
N ARG F 290 -48.81 -4.00 0.20
CA ARG F 290 -48.97 -3.81 -1.24
C ARG F 290 -49.96 -2.72 -1.63
N PRO F 291 -51.15 -2.61 -1.02
CA PRO F 291 -52.08 -1.53 -1.45
C PRO F 291 -51.49 -0.14 -1.30
N LEU F 292 -50.82 0.15 -0.18
CA LEU F 292 -50.14 1.44 -0.04
C LEU F 292 -49.09 1.62 -1.13
N ALA F 293 -48.34 0.57 -1.44
CA ALA F 293 -47.34 0.67 -2.50
C ALA F 293 -48.00 0.90 -3.86
N ASP F 294 -49.11 0.19 -4.14
CA ASP F 294 -49.78 0.35 -5.42
C ASP F 294 -50.36 1.75 -5.59
N ARG F 295 -50.97 2.29 -4.53
CA ARG F 295 -51.50 3.64 -4.61
C ARG F 295 -50.37 4.65 -4.80
N ALA F 296 -49.25 4.45 -4.11
CA ALA F 296 -48.09 5.32 -4.29
C ALA F 296 -47.66 5.38 -5.75
N ALA F 297 -47.53 4.21 -6.37
CA ALA F 297 -47.13 4.11 -7.77
C ALA F 297 -48.14 4.79 -8.67
N GLU F 298 -49.43 4.54 -8.47
CA GLU F 298 -50.41 5.08 -9.41
C GLU F 298 -50.47 6.60 -9.34
N ALA F 299 -50.34 7.17 -8.14
CA ALA F 299 -50.31 8.62 -8.03
C ALA F 299 -49.06 9.21 -8.67
N TYR F 300 -47.90 8.59 -8.43
CA TYR F 300 -46.67 9.08 -9.06
C TYR F 300 -46.78 9.04 -10.58
N LEU F 301 -47.31 7.95 -11.13
CA LEU F 301 -47.37 7.80 -12.59
C LEU F 301 -48.36 8.78 -13.21
N SER F 302 -49.50 9.03 -12.56
CA SER F 302 -50.40 10.07 -13.05
C SER F 302 -49.70 11.41 -13.11
N MET F 303 -48.88 11.71 -12.10
CA MET F 303 -48.14 12.97 -12.10
C MET F 303 -47.09 13.00 -13.21
N LEU F 304 -46.39 11.87 -13.44
CA LEU F 304 -45.32 11.85 -14.43
C LEU F 304 -45.88 11.98 -15.85
N SER F 305 -47.01 11.33 -16.13
CA SER F 305 -47.61 11.38 -17.45
C SER F 305 -48.38 12.67 -17.70
N SER F 306 -48.63 13.45 -16.65
CA SER F 306 -49.22 14.77 -16.80
C SER F 306 -48.41 15.61 -17.77
N ASP F 307 -49.10 16.45 -18.54
CA ASP F 307 -48.45 17.30 -19.53
C ASP F 307 -47.65 18.43 -18.88
N SER G 2 -23.88 -21.41 58.94
CA SER G 2 -24.12 -21.40 57.51
C SER G 2 -23.31 -20.30 56.80
N ALA G 3 -23.19 -20.44 55.48
CA ALA G 3 -22.33 -19.57 54.68
C ALA G 3 -22.80 -18.12 54.75
N PHE G 4 -21.84 -17.20 54.88
CA PHE G 4 -22.12 -15.77 55.04
C PHE G 4 -21.09 -14.99 54.22
N PRO G 5 -21.46 -14.53 53.02
CA PRO G 5 -20.49 -13.83 52.16
C PRO G 5 -20.27 -12.39 52.60
N VAL G 6 -19.01 -11.97 52.60
CA VAL G 6 -18.66 -10.59 52.85
C VAL G 6 -17.65 -10.13 51.80
N HIS G 7 -17.53 -8.82 51.65
CA HIS G 7 -16.46 -8.22 50.85
C HIS G 7 -15.47 -7.58 51.82
N ALA G 8 -14.23 -8.04 51.79
CA ALA G 8 -13.26 -7.70 52.83
C ALA G 8 -12.06 -6.98 52.23
N ALA G 9 -11.67 -5.87 52.88
CA ALA G 9 -10.46 -5.12 52.55
C ALA G 9 -9.44 -5.34 53.65
N PHE G 10 -8.29 -5.94 53.31
CA PHE G 10 -7.24 -6.23 54.28
C PHE G 10 -6.18 -5.13 54.29
N GLU G 11 -5.70 -4.78 55.49
CA GLU G 11 -4.79 -3.66 55.66
C GLU G 11 -3.48 -3.84 54.89
N LYS G 12 -3.19 -2.88 54.01
CA LYS G 12 -2.02 -2.72 53.12
C LYS G 12 -2.17 -3.52 51.82
N ASP G 13 -3.27 -4.24 51.61
CA ASP G 13 -3.54 -4.89 50.34
C ASP G 13 -4.02 -3.84 49.32
N PHE G 14 -4.25 -4.27 48.07
CA PHE G 14 -4.62 -3.35 47.00
C PHE G 14 -6.09 -3.43 46.58
N LEU G 15 -6.88 -4.31 47.20
CA LEU G 15 -8.24 -4.54 46.70
C LEU G 15 -9.14 -5.07 47.81
N VAL G 16 -10.44 -5.15 47.45
CA VAL G 16 -11.49 -5.80 48.24
C VAL G 16 -11.80 -7.13 47.58
N GLN G 17 -11.98 -8.17 48.39
CA GLN G 17 -12.18 -9.54 47.91
C GLN G 17 -13.44 -10.15 48.51
N LEU G 18 -14.07 -11.04 47.75
CA LEU G 18 -15.09 -11.90 48.32
C LEU G 18 -14.44 -12.90 49.27
N VAL G 19 -14.93 -12.97 50.50
CA VAL G 19 -14.53 -14.01 51.47
C VAL G 19 -15.80 -14.55 52.10
N VAL G 20 -15.99 -15.86 52.03
CA VAL G 20 -17.16 -16.48 52.65
C VAL G 20 -16.78 -16.95 54.04
N VAL G 21 -17.47 -16.43 55.04
CA VAL G 21 -17.25 -16.85 56.42
C VAL G 21 -18.50 -17.58 56.88
N ASP G 22 -18.58 -17.91 58.17
CA ASP G 22 -19.72 -18.59 58.73
C ASP G 22 -20.48 -17.66 59.67
N LEU G 23 -21.80 -17.86 59.70
CA LEU G 23 -22.69 -17.03 60.51
C LEU G 23 -22.25 -16.95 61.97
N ASN G 24 -21.65 -18.02 62.51
CA ASN G 24 -21.29 -18.04 63.92
C ASN G 24 -19.78 -17.95 64.14
N ASP G 25 -19.02 -17.59 63.12
CA ASP G 25 -17.61 -17.28 63.30
C ASP G 25 -17.43 -16.08 64.22
N SER G 26 -16.46 -16.19 65.13
CA SER G 26 -15.98 -15.03 65.84
C SER G 26 -15.25 -14.08 64.89
N MET G 27 -15.11 -12.82 65.32
CA MET G 27 -14.35 -11.86 64.54
C MET G 27 -12.90 -12.30 64.35
N ASP G 28 -12.31 -12.92 65.37
CA ASP G 28 -10.97 -13.49 65.21
C ASP G 28 -10.95 -14.50 64.06
N GLN G 29 -11.94 -15.40 64.02
CA GLN G 29 -12.01 -16.37 62.93
C GLN G 29 -12.24 -15.70 61.59
N VAL G 30 -13.06 -14.65 61.57
CA VAL G 30 -13.28 -13.91 60.33
C VAL G 30 -11.98 -13.33 59.80
N ALA G 31 -11.23 -12.64 60.67
CA ALA G 31 -9.95 -12.03 60.26
C ALA G 31 -9.00 -13.08 59.68
N GLU G 32 -8.95 -14.28 60.26
CA GLU G 32 -8.02 -15.29 59.76
C GLU G 32 -8.48 -15.80 58.40
N LYS G 33 -9.79 -15.96 58.21
CA LYS G 33 -10.30 -16.36 56.90
C LYS G 33 -9.97 -15.33 55.83
N VAL G 34 -10.08 -14.02 56.14
CA VAL G 34 -9.66 -13.00 55.19
C VAL G 34 -8.14 -13.05 55.00
N ALA G 35 -7.38 -13.17 56.09
CA ALA G 35 -5.93 -13.14 56.01
C ALA G 35 -5.39 -14.22 55.09
N TYR G 36 -6.07 -15.37 55.04
CA TYR G 36 -5.67 -16.47 54.15
C TYR G 36 -5.48 -16.00 52.71
N HIS G 37 -6.30 -15.05 52.27
CA HIS G 37 -6.29 -14.59 50.89
C HIS G 37 -5.39 -13.37 50.65
N CYS G 38 -4.60 -12.95 51.65
CA CYS G 38 -3.86 -11.69 51.58
C CYS G 38 -2.44 -11.79 52.14
N VAL G 39 -2.32 -12.23 53.40
CA VAL G 39 -1.02 -12.32 54.05
C VAL G 39 -0.17 -13.38 53.35
N ASN G 40 1.11 -13.06 53.15
CA ASN G 40 2.07 -13.90 52.41
C ASN G 40 1.64 -14.13 50.96
N ARG G 41 0.67 -13.38 50.46
CA ARG G 41 0.36 -13.31 49.03
C ARG G 41 0.69 -11.95 48.44
N ARG G 42 0.14 -10.88 49.01
CA ARG G 42 0.48 -9.53 48.62
C ARG G 42 0.75 -8.62 49.82
N VAL G 43 0.66 -9.14 51.04
CA VAL G 43 0.80 -8.37 52.26
C VAL G 43 1.81 -9.09 53.16
N ALA G 44 2.78 -8.35 53.69
CA ALA G 44 3.80 -8.95 54.56
C ALA G 44 3.19 -9.34 55.90
N PRO G 45 3.58 -10.48 56.47
CA PRO G 45 3.08 -10.84 57.80
C PRO G 45 3.68 -9.93 58.85
N ARG G 46 2.95 -9.76 59.95
CA ARG G 46 3.42 -8.87 61.01
C ARG G 46 2.85 -9.30 62.36
N GLU G 47 3.47 -8.81 63.43
CA GLU G 47 2.97 -8.98 64.78
C GLU G 47 1.84 -8.02 65.07
N GLY G 48 0.95 -8.42 65.98
CA GLY G 48 -0.19 -7.61 66.36
C GLY G 48 -1.49 -8.41 66.24
N VAL G 49 -2.55 -7.79 66.75
CA VAL G 49 -3.87 -8.42 66.79
C VAL G 49 -4.71 -7.89 65.63
N MET G 50 -5.21 -8.80 64.80
CA MET G 50 -6.12 -8.42 63.72
C MET G 50 -7.52 -8.14 64.28
N ARG G 51 -8.12 -7.04 63.82
CA ARG G 51 -9.45 -6.63 64.27
C ARG G 51 -10.34 -6.44 63.05
N VAL G 52 -11.65 -6.56 63.26
CA VAL G 52 -12.62 -6.43 62.19
C VAL G 52 -13.54 -5.25 62.46
N ARG G 53 -13.88 -4.51 61.40
CA ARG G 53 -14.77 -3.36 61.51
C ARG G 53 -15.59 -3.25 60.25
N LYS G 54 -16.74 -2.58 60.33
CA LYS G 54 -17.43 -2.19 59.11
C LYS G 54 -16.55 -1.23 58.34
N HIS G 55 -16.66 -1.28 57.01
CA HIS G 55 -15.77 -0.51 56.14
C HIS G 55 -15.73 0.96 56.53
N ARG G 56 -14.51 1.49 56.70
CA ARG G 56 -14.22 2.89 57.00
C ARG G 56 -14.71 3.33 58.38
N SER G 57 -15.19 2.41 59.20
CA SER G 57 -15.77 2.78 60.48
C SER G 57 -14.70 3.12 61.50
N THR G 58 -15.13 3.83 62.54
CA THR G 58 -14.22 4.16 63.63
C THR G 58 -14.26 3.13 64.75
N GLU G 59 -15.33 2.34 64.84
CA GLU G 59 -15.48 1.34 65.88
C GLU G 59 -15.07 -0.03 65.37
N LEU G 60 -14.42 -0.80 66.24
CA LEU G 60 -14.02 -2.18 65.95
C LEU G 60 -15.02 -3.15 66.60
N PHE G 61 -15.31 -4.25 65.90
CA PHE G 61 -16.11 -5.30 66.53
C PHE G 61 -15.28 -6.03 67.59
N PRO G 62 -15.87 -6.38 68.73
CA PRO G 62 -15.14 -7.20 69.72
C PRO G 62 -14.60 -8.49 69.11
N ARG G 63 -13.45 -8.93 69.62
CA ARG G 63 -12.77 -10.09 69.04
C ARG G 63 -13.65 -11.34 69.12
N ASP G 64 -14.39 -11.51 70.20
CA ASP G 64 -15.17 -12.72 70.41
C ASP G 64 -16.60 -12.63 69.90
N MET G 65 -17.03 -11.47 69.40
CA MET G 65 -18.35 -11.32 68.82
C MET G 65 -18.45 -12.17 67.56
N THR G 66 -19.61 -12.79 67.36
CA THR G 66 -19.84 -13.58 66.15
C THR G 66 -20.48 -12.71 65.07
N ILE G 67 -20.44 -13.23 63.83
CA ILE G 67 -21.09 -12.54 62.73
C ILE G 67 -22.57 -12.37 63.00
N ALA G 68 -23.22 -13.41 63.54
CA ALA G 68 -24.64 -13.31 63.88
C ALA G 68 -24.90 -12.21 64.90
N GLU G 69 -24.04 -12.10 65.90
CA GLU G 69 -24.25 -11.10 66.95
C GLU G 69 -23.95 -9.68 66.46
N SER G 70 -23.21 -9.53 65.36
CA SER G 70 -22.68 -8.23 64.94
C SER G 70 -23.72 -7.33 64.26
N GLY G 71 -24.79 -7.89 63.72
CA GLY G 71 -25.70 -7.10 62.91
C GLY G 71 -25.26 -6.86 61.49
N LEU G 72 -24.10 -7.38 61.10
CA LEU G 72 -23.69 -7.32 59.70
C LEU G 72 -24.71 -8.07 58.84
N ASN G 73 -24.91 -7.58 57.65
CA ASN G 73 -25.70 -8.27 56.65
C ASN G 73 -24.80 -8.89 55.61
N PRO G 74 -25.22 -9.99 54.97
CA PRO G 74 -24.41 -10.58 53.92
C PRO G 74 -24.15 -9.57 52.81
N THR G 75 -22.94 -9.62 52.25
CA THR G 75 -22.43 -8.79 51.16
C THR G 75 -22.09 -7.37 51.61
N GLU G 76 -22.17 -7.05 52.90
CA GLU G 76 -21.63 -5.78 53.34
C GLU G 76 -20.10 -5.83 53.33
N VAL G 77 -19.47 -4.67 53.42
CA VAL G 77 -18.02 -4.53 53.27
C VAL G 77 -17.41 -4.37 54.65
N ILE G 78 -16.34 -5.12 54.93
CA ILE G 78 -15.62 -4.98 56.20
C ILE G 78 -14.16 -4.70 55.89
N ASP G 79 -13.47 -4.14 56.88
CA ASP G 79 -12.01 -4.06 56.86
C ASP G 79 -11.42 -4.97 57.93
N VAL G 80 -10.22 -5.49 57.66
CA VAL G 80 -9.41 -6.20 58.65
C VAL G 80 -8.15 -5.37 58.84
N VAL G 81 -7.96 -4.87 60.06
CA VAL G 81 -6.92 -3.90 60.40
C VAL G 81 -6.24 -4.34 61.69
N PHE G 82 -5.09 -3.75 61.97
CA PHE G 82 -4.34 -4.09 63.15
C PHE G 82 -4.49 -3.02 64.22
N GLU G 83 -4.46 -3.46 65.47
CA GLU G 83 -4.28 -2.56 66.59
C GLU G 83 -2.91 -1.90 66.49
N THR H 3 -1.37 21.80 39.77
CA THR H 3 -1.07 22.95 38.93
C THR H 3 -0.40 22.50 37.63
N LEU H 4 0.19 21.30 37.63
CA LEU H 4 0.60 20.70 36.37
C LEU H 4 -0.60 20.46 35.46
N ALA H 5 -1.75 20.08 36.05
CA ALA H 5 -2.95 19.89 35.25
C ALA H 5 -3.50 21.20 34.76
N ASP H 6 -3.51 22.23 35.62
CA ASP H 6 -3.92 23.58 35.22
C ASP H 6 -3.13 24.06 34.01
N GLN H 7 -1.80 23.90 34.06
CA GLN H 7 -0.96 24.39 32.97
C GLN H 7 -1.15 23.58 31.70
N ALA H 8 -1.40 22.28 31.81
CA ALA H 8 -1.70 21.51 30.60
C ALA H 8 -3.03 21.93 30.00
N LEU H 9 -4.04 22.20 30.85
CA LEU H 9 -5.35 22.61 30.33
C LEU H 9 -5.30 24.00 29.71
N HIS H 10 -4.56 24.93 30.31
CA HIS H 10 -4.56 26.32 29.86
C HIS H 10 -3.54 26.51 28.75
N ASN H 11 -3.88 25.94 27.59
CA ASN H 11 -3.12 26.08 26.37
C ASN H 11 -4.07 26.55 25.29
N ASN H 12 -3.51 27.15 24.23
CA ASN H 12 -4.32 27.47 23.06
C ASN H 12 -3.73 26.83 21.80
N ASN H 13 -3.14 25.64 21.93
CA ASN H 13 -2.47 24.99 20.81
C ASN H 13 -3.50 24.39 19.87
N VAL H 14 -3.38 24.70 18.57
CA VAL H 14 -4.25 24.11 17.56
C VAL H 14 -3.39 23.58 16.41
N GLY H 15 -3.89 22.56 15.71
CA GLY H 15 -3.18 22.06 14.57
C GLY H 15 -3.32 20.57 14.35
N PRO H 16 -2.77 20.08 13.24
CA PRO H 16 -2.97 18.69 12.84
C PRO H 16 -2.07 17.72 13.60
N ILE H 17 -2.57 16.51 13.79
CA ILE H 17 -1.75 15.35 14.18
C ILE H 17 -1.68 14.46 12.94
N ILE H 18 -0.49 14.39 12.33
CA ILE H 18 -0.27 13.67 11.07
C ILE H 18 0.36 12.32 11.39
N ARG H 19 -0.22 11.25 10.86
CA ARG H 19 0.34 9.92 11.11
C ARG H 19 1.58 9.71 10.24
N ALA H 20 2.41 8.76 10.65
CA ALA H 20 3.66 8.46 9.95
C ALA H 20 3.38 8.15 8.49
N GLY H 21 4.14 8.81 7.59
CA GLY H 21 3.91 8.66 6.17
C GLY H 21 4.42 9.88 5.41
N ASP H 22 3.96 9.99 4.17
CA ASP H 22 4.51 10.99 3.24
C ASP H 22 3.95 12.40 3.43
N LEU H 23 3.02 12.61 4.37
CA LEU H 23 2.48 13.95 4.59
C LEU H 23 3.14 14.68 5.77
N VAL H 24 3.96 14.00 6.57
CA VAL H 24 4.50 14.62 7.78
C VAL H 24 5.32 15.87 7.44
N GLU H 25 6.36 15.70 6.63
CA GLU H 25 7.23 16.85 6.35
C GLU H 25 6.52 17.93 5.55
N PRO H 26 5.76 17.59 4.49
CA PRO H 26 5.02 18.66 3.77
C PRO H 26 4.04 19.43 4.66
N VAL H 27 3.35 18.78 5.61
CA VAL H 27 2.45 19.53 6.49
C VAL H 27 3.23 20.45 7.42
N ILE H 28 4.37 19.99 7.97
CA ILE H 28 5.20 20.87 8.79
C ILE H 28 5.65 22.08 7.99
N GLU H 29 6.16 21.84 6.78
CA GLU H 29 6.62 22.95 5.95
C GLU H 29 5.49 23.90 5.60
N THR H 30 4.31 23.34 5.30
CA THR H 30 3.15 24.16 4.95
C THR H 30 2.68 24.99 6.15
N ALA H 31 2.67 24.39 7.34
CA ALA H 31 2.30 25.15 8.54
C ALA H 31 3.24 26.34 8.72
N GLU H 32 4.54 26.14 8.49
CA GLU H 32 5.49 27.26 8.63
C GLU H 32 5.21 28.34 7.59
N ILE H 33 4.99 27.93 6.33
CA ILE H 33 4.84 28.88 5.24
C ILE H 33 3.53 29.65 5.35
N ASP H 34 2.43 28.94 5.61
CA ASP H 34 1.12 29.54 5.59
C ASP H 34 0.76 30.25 6.91
N ASN H 35 1.62 30.22 7.90
CA ASN H 35 1.39 30.95 9.16
C ASN H 35 2.64 31.75 9.53
N PRO H 36 3.01 32.74 8.71
CA PRO H 36 4.21 33.51 9.01
C PRO H 36 4.01 34.34 10.28
N GLY H 37 5.08 34.52 11.03
CA GLY H 37 4.90 35.16 12.32
C GLY H 37 4.04 34.38 13.31
N LYS H 38 3.82 33.10 13.04
CA LYS H 38 3.45 32.15 14.07
C LYS H 38 4.62 31.21 14.29
N GLU H 39 4.93 30.93 15.55
CA GLU H 39 5.85 29.83 15.86
C GLU H 39 5.10 28.52 15.74
N ILE H 40 5.66 27.58 14.98
CA ILE H 40 5.10 26.24 14.82
C ILE H 40 5.87 25.28 15.70
N THR H 41 5.16 24.54 16.55
CA THR H 41 5.80 23.54 17.39
C THR H 41 5.52 22.15 16.82
N VAL H 42 6.49 21.25 17.03
CA VAL H 42 6.44 19.90 16.46
C VAL H 42 6.92 18.91 17.52
N GLU H 43 6.06 17.96 17.89
CA GLU H 43 6.42 16.89 18.80
C GLU H 43 6.37 15.58 18.01
N ASP H 44 7.50 14.89 17.94
CA ASP H 44 7.62 13.69 17.12
C ASP H 44 7.44 12.46 18.00
N ARG H 45 6.34 11.72 17.78
CA ARG H 45 6.11 10.47 18.51
C ARG H 45 6.25 9.24 17.60
N ARG H 46 6.93 9.41 16.46
CA ARG H 46 7.34 8.36 15.53
C ARG H 46 6.16 7.80 14.74
N ALA H 47 5.11 7.31 15.41
CA ALA H 47 3.92 6.89 14.69
C ALA H 47 3.05 8.08 14.29
N TYR H 48 3.25 9.23 14.92
CA TYR H 48 2.50 10.44 14.60
C TYR H 48 3.34 11.63 15.01
N VAL H 49 2.98 12.79 14.47
CA VAL H 49 3.64 14.05 14.81
C VAL H 49 2.54 15.07 15.16
N ARG H 50 2.72 15.75 16.29
CA ARG H 50 1.76 16.75 16.76
C ARG H 50 2.28 18.13 16.39
N ILE H 51 1.54 18.83 15.53
CA ILE H 51 1.97 20.10 14.93
C ILE H 51 1.02 21.20 15.40
N ALA H 52 1.56 22.28 15.98
CA ALA H 52 0.64 23.25 16.56
C ALA H 52 1.13 24.69 16.42
N ALA H 53 0.17 25.61 16.47
CA ALA H 53 0.43 27.03 16.67
C ALA H 53 -0.57 27.55 17.69
N GLU H 54 -0.35 28.80 18.13
CA GLU H 54 -1.20 29.45 19.10
C GLU H 54 -2.46 30.02 18.44
N GLY H 55 -3.63 29.60 18.89
CA GLY H 55 -4.91 30.19 18.45
C GLY H 55 -5.47 29.80 17.09
N GLU H 56 -4.63 29.77 16.06
CA GLU H 56 -5.11 29.51 14.71
C GLU H 56 -3.97 28.93 13.88
N LEU H 57 -4.26 27.91 13.09
CA LEU H 57 -3.28 27.30 12.19
C LEU H 57 -3.97 26.94 10.89
N ILE H 58 -3.46 27.48 9.77
CA ILE H 58 -4.04 27.30 8.44
C ILE H 58 -3.14 26.42 7.59
N LEU H 59 -3.73 25.49 6.84
CA LEU H 59 -3.05 24.74 5.80
C LEU H 59 -3.79 25.01 4.50
N THR H 60 -3.16 25.70 3.54
CA THR H 60 -3.81 25.90 2.25
C THR H 60 -3.45 24.77 1.29
N ARG H 61 -4.38 24.48 0.37
CA ARG H 61 -4.18 23.41 -0.60
C ARG H 61 -3.00 23.72 -1.52
N LYS H 62 -2.89 24.97 -1.97
CA LYS H 62 -1.84 25.36 -2.91
C LYS H 62 -0.45 25.11 -2.32
N THR H 63 -0.21 25.59 -1.09
CA THR H 63 1.08 25.37 -0.45
C THR H 63 1.31 23.89 -0.19
N LEU H 64 0.29 23.19 0.31
CA LEU H 64 0.40 21.76 0.57
C LEU H 64 0.81 21.01 -0.69
N GLU H 65 0.20 21.37 -1.83
CA GLU H 65 0.55 20.73 -3.10
C GLU H 65 2.00 21.02 -3.47
N GLU H 66 2.45 22.25 -3.24
CA GLU H 66 3.84 22.60 -3.58
C GLU H 66 4.83 21.89 -2.66
N GLN H 67 4.51 21.76 -1.37
CA GLN H 67 5.44 21.11 -0.47
C GLN H 67 5.40 19.60 -0.60
N LEU H 68 4.24 19.04 -0.93
CA LEU H 68 4.17 17.59 -1.13
C LEU H 68 4.78 17.16 -2.46
N GLY H 69 4.63 17.96 -3.50
CA GLY H 69 5.32 17.67 -4.74
C GLY H 69 4.50 16.96 -5.79
N ARG H 70 3.20 16.79 -5.57
CA ARG H 70 2.32 16.07 -6.48
C ARG H 70 0.92 16.66 -6.37
N PRO H 71 0.07 16.49 -7.40
CA PRO H 71 -1.28 17.04 -7.34
C PRO H 71 -2.03 16.54 -6.11
N PHE H 72 -2.79 17.44 -5.49
CA PHE H 72 -3.36 17.21 -4.16
C PHE H 72 -4.64 18.01 -4.00
N ASN H 73 -5.72 17.34 -3.56
CA ASN H 73 -6.95 18.00 -3.14
C ASN H 73 -7.05 17.98 -1.62
N MET H 74 -7.70 19.00 -1.05
CA MET H 74 -7.80 19.09 0.41
C MET H 74 -8.45 17.86 1.01
N GLN H 75 -9.47 17.30 0.35
CA GLN H 75 -10.19 16.18 0.93
C GLN H 75 -9.28 14.99 1.22
N GLU H 76 -8.24 14.79 0.39
CA GLU H 76 -7.27 13.69 0.57
C GLU H 76 -6.49 13.77 1.87
N LEU H 77 -6.45 14.95 2.51
CA LEU H 77 -5.70 15.05 3.76
C LEU H 77 -6.17 14.02 4.78
N GLU H 78 -7.42 13.55 4.68
CA GLU H 78 -7.86 12.63 5.73
C GLU H 78 -7.26 11.24 5.61
N ILE H 79 -6.53 10.94 4.54
CA ILE H 79 -5.74 9.71 4.53
C ILE H 79 -4.69 9.75 5.64
N ASN H 80 -4.27 10.94 6.04
CA ASN H 80 -3.13 11.07 6.96
C ASN H 80 -3.41 11.92 8.18
N LEU H 81 -4.56 12.58 8.28
CA LEU H 81 -4.88 13.41 9.42
C LEU H 81 -5.48 12.52 10.50
N ALA H 82 -4.64 12.09 11.45
CA ALA H 82 -5.04 11.10 12.44
C ALA H 82 -5.79 11.71 13.61
N SER H 83 -5.55 12.98 13.91
CA SER H 83 -6.30 13.72 14.92
C SER H 83 -6.01 15.20 14.68
N PHE H 84 -6.56 16.05 15.55
CA PHE H 84 -6.26 17.47 15.45
C PHE H 84 -6.71 18.16 16.74
N ALA H 85 -6.00 19.24 17.07
CA ALA H 85 -6.40 20.13 18.14
C ALA H 85 -7.00 21.37 17.52
N GLY H 86 -8.02 21.93 18.19
CA GLY H 86 -8.78 23.05 17.70
C GLY H 86 -10.05 22.61 16.99
N GLN H 87 -10.97 23.56 16.83
CA GLN H 87 -12.10 23.33 15.94
C GLN H 87 -11.62 23.41 14.49
N ILE H 88 -12.38 22.81 13.59
CA ILE H 88 -11.95 22.64 12.20
C ILE H 88 -12.94 23.36 11.28
N GLN H 89 -12.41 24.15 10.35
CA GLN H 89 -13.20 24.72 9.25
C GLN H 89 -12.49 24.37 7.95
N ALA H 90 -13.10 23.52 7.13
CA ALA H 90 -12.43 22.92 6.00
C ALA H 90 -13.22 23.16 4.71
N ASP H 91 -12.50 23.48 3.64
CA ASP H 91 -13.13 23.69 2.34
C ASP H 91 -12.15 23.24 1.26
N GLU H 92 -12.45 23.55 0.00
CA GLU H 92 -11.61 23.03 -1.08
C GLU H 92 -10.26 23.75 -1.18
N ASP H 93 -10.12 24.93 -0.56
CA ASP H 93 -8.87 25.68 -0.66
C ASP H 93 -7.98 25.56 0.56
N GLN H 94 -8.53 25.26 1.74
CA GLN H 94 -7.70 25.18 2.93
C GLN H 94 -8.42 24.41 4.01
N ILE H 95 -7.66 24.07 5.04
CA ILE H 95 -8.22 23.65 6.33
C ILE H 95 -7.65 24.59 7.38
N ARG H 96 -8.48 24.97 8.33
CA ARG H 96 -8.10 25.91 9.36
C ARG H 96 -8.50 25.33 10.71
N PHE H 97 -7.53 25.24 11.63
CA PHE H 97 -7.74 24.78 12.99
C PHE H 97 -7.71 26.02 13.89
N TYR H 98 -8.67 26.13 14.80
CA TYR H 98 -8.82 27.39 15.53
C TYR H 98 -9.58 27.15 16.82
N PHE H 99 -9.40 28.09 17.75
CA PHE H 99 -10.17 28.16 18.98
C PHE H 99 -11.04 29.42 19.00
N ASP H 100 -12.26 29.29 19.52
CA ASP H 100 -13.09 30.46 19.79
C ASP H 100 -12.67 31.18 21.08
N LYS H 101 -12.12 30.47 22.06
CA LYS H 101 -11.76 31.07 23.33
C LYS H 101 -10.26 31.19 23.49
N THR H 102 -9.85 32.08 24.41
CA THR H 102 -8.46 32.23 24.83
C THR H 102 -8.33 31.79 26.28
N MET H 103 -7.43 30.83 26.54
CA MET H 103 -7.21 30.33 27.90
C MET H 103 -5.81 30.68 28.38
#